data_4FVS
#
_entry.id   4FVS
#
_cell.length_a   140.860
_cell.length_b   154.510
_cell.length_c   72.640
_cell.angle_alpha   90.000
_cell.angle_beta   90.000
_cell.angle_gamma   90.000
#
_symmetry.space_group_name_H-M   'P 21 21 2'
#
loop_
_entity.id
_entity.type
_entity.pdbx_description
1 polymer 'putative lipoprotein'
2 non-polymer 'CHLORIDE ION'
3 water water
#
_entity_poly.entity_id   1
_entity_poly.type   'polypeptide(L)'
_entity_poly.pdbx_seq_one_letter_code
;GQDCTFFFPQTEGTVWVRKGYDAKGNLQSV(MSE)SYQVDEVETLPSGQEVEADYVYTNPSGTIVNKGDIKAYCQNGEFF
LDSKETLSYPGVVSE(MSE)NTNVDITENFINYPNPYAANFDKNNVYFDEASVKIYDKKNRKNRKD(MSE)AIKDREFIK
TESITTPAGTFDCAKVKYNIATRSPKSKETITGYGYEWYSPNVGLVRTEQYDKNNVLQSYTVLEELK
;
_entity_poly.pdbx_strand_id   A,B,C,D,E,F
#
loop_
_chem_comp.id
_chem_comp.type
_chem_comp.name
_chem_comp.formula
CL non-polymer 'CHLORIDE ION' 'Cl -1'
#
# COMPACT_ATOMS: atom_id res chain seq x y z
N GLN A 2 -36.56 -15.71 -10.21
CA GLN A 2 -37.32 -16.42 -9.17
C GLN A 2 -37.10 -15.76 -7.80
N ASP A 3 -38.20 -15.26 -7.18
CA ASP A 3 -38.23 -14.59 -5.88
C ASP A 3 -37.73 -15.49 -4.78
N CYS A 4 -36.78 -14.97 -3.99
CA CYS A 4 -36.15 -15.64 -2.85
C CYS A 4 -35.59 -14.58 -1.91
N THR A 5 -36.17 -14.49 -0.69
CA THR A 5 -35.73 -13.61 0.39
C THR A 5 -34.45 -14.19 0.98
N PHE A 6 -33.37 -13.37 1.01
CA PHE A 6 -32.06 -13.76 1.47
C PHE A 6 -31.88 -13.33 2.93
N PHE A 7 -31.84 -14.31 3.86
CA PHE A 7 -31.71 -14.00 5.28
C PHE A 7 -30.21 -13.98 5.68
N PHE A 8 -29.44 -13.08 5.04
CA PHE A 8 -28.02 -12.89 5.26
C PHE A 8 -27.54 -11.70 4.45
N PRO A 9 -26.50 -10.92 4.86
CA PRO A 9 -26.04 -9.80 4.03
C PRO A 9 -25.62 -10.29 2.64
N GLN A 10 -25.95 -9.54 1.59
CA GLN A 10 -25.68 -9.98 0.23
C GLN A 10 -24.95 -8.91 -0.60
N THR A 11 -24.36 -7.89 0.06
CA THR A 11 -23.62 -6.83 -0.63
C THR A 11 -22.14 -7.00 -0.32
N GLU A 12 -21.30 -7.06 -1.38
CA GLU A 12 -19.86 -7.24 -1.29
C GLU A 12 -19.23 -6.10 -0.47
N GLY A 13 -18.44 -6.48 0.53
CA GLY A 13 -17.75 -5.53 1.41
C GLY A 13 -18.51 -5.11 2.66
N THR A 14 -19.77 -5.57 2.81
CA THR A 14 -20.59 -5.27 3.97
C THR A 14 -19.96 -5.92 5.17
N VAL A 15 -19.84 -5.16 6.26
CA VAL A 15 -19.28 -5.63 7.53
C VAL A 15 -20.36 -5.55 8.62
N TRP A 16 -20.30 -6.47 9.58
CA TRP A 16 -21.21 -6.48 10.71
C TRP A 16 -20.55 -7.11 11.91
N VAL A 17 -21.07 -6.77 13.10
CA VAL A 17 -20.57 -7.22 14.38
C VAL A 17 -21.73 -7.69 15.21
N ARG A 18 -21.62 -8.92 15.71
CA ARG A 18 -22.52 -9.55 16.67
C ARG A 18 -21.72 -9.78 17.92
N LYS A 19 -22.27 -9.46 19.10
CA LYS A 19 -21.53 -9.67 20.33
C LYS A 19 -22.26 -10.70 21.19
N GLY A 20 -21.48 -11.60 21.81
CA GLY A 20 -21.97 -12.68 22.64
C GLY A 20 -21.82 -12.35 24.10
N TYR A 21 -22.93 -12.48 24.86
CA TYR A 21 -23.01 -12.16 26.30
C TYR A 21 -23.50 -13.34 27.11
N ASP A 22 -23.18 -13.36 28.41
CA ASP A 22 -23.68 -14.36 29.36
C ASP A 22 -25.05 -13.87 29.88
N ALA A 23 -25.70 -14.65 30.77
CA ALA A 23 -27.03 -14.32 31.32
C ALA A 23 -27.04 -12.96 32.03
N LYS A 24 -25.94 -12.62 32.75
CA LYS A 24 -25.82 -11.37 33.51
C LYS A 24 -25.55 -10.15 32.61
N GLY A 25 -25.16 -10.37 31.36
CA GLY A 25 -24.91 -9.30 30.41
C GLY A 25 -23.45 -8.97 30.19
N ASN A 26 -22.53 -9.84 30.62
CA ASN A 26 -21.10 -9.63 30.43
C ASN A 26 -20.65 -10.14 29.09
N LEU A 27 -19.84 -9.34 28.39
CA LEU A 27 -19.31 -9.68 27.08
C LEU A 27 -18.43 -10.91 27.19
N GLN A 28 -18.69 -11.87 26.32
CA GLN A 28 -17.99 -13.14 26.24
C GLN A 28 -17.18 -13.25 24.93
N SER A 29 -17.78 -12.81 23.81
CA SER A 29 -17.18 -12.91 22.48
C SER A 29 -17.65 -11.80 21.53
N VAL A 30 -16.77 -11.42 20.63
CA VAL A 30 -17.01 -10.46 19.55
C VAL A 30 -16.96 -11.26 18.23
N MSE A 31 -18.01 -11.16 17.41
CA MSE A 31 -18.09 -11.89 16.16
C MSE A 31 -18.17 -10.91 15.00
O MSE A 31 -19.22 -10.26 14.83
CB MSE A 31 -19.27 -12.85 16.19
CG MSE A 31 -19.13 -13.86 17.32
SE MSE A 31 -20.69 -14.88 17.74
CE MSE A 31 -21.79 -13.40 18.55
N SER A 32 -17.04 -10.77 14.26
CA SER A 32 -16.92 -9.84 13.16
C SER A 32 -16.99 -10.56 11.84
N TYR A 33 -17.84 -10.05 10.94
CA TYR A 33 -18.06 -10.65 9.63
C TYR A 33 -17.89 -9.67 8.50
N GLN A 34 -17.72 -10.21 7.29
CA GLN A 34 -17.61 -9.42 6.08
C GLN A 34 -17.98 -10.25 4.83
N VAL A 35 -18.85 -9.71 3.96
CA VAL A 35 -19.19 -10.35 2.69
C VAL A 35 -17.98 -10.25 1.76
N ASP A 36 -17.35 -11.38 1.46
CA ASP A 36 -16.17 -11.42 0.60
C ASP A 36 -16.57 -11.52 -0.87
N GLU A 37 -17.49 -12.46 -1.24
CA GLU A 37 -17.94 -12.63 -2.62
C GLU A 37 -19.45 -12.89 -2.72
N VAL A 38 -20.08 -12.29 -3.75
CA VAL A 38 -21.50 -12.45 -4.09
C VAL A 38 -21.58 -12.91 -5.55
N GLU A 39 -22.32 -14.00 -5.81
CA GLU A 39 -22.50 -14.52 -7.17
C GLU A 39 -23.97 -14.80 -7.45
N THR A 40 -24.46 -14.26 -8.57
CA THR A 40 -25.83 -14.45 -9.02
C THR A 40 -25.81 -15.59 -10.04
N LEU A 41 -26.40 -16.72 -9.65
CA LEU A 41 -26.51 -17.93 -10.48
C LEU A 41 -27.94 -18.01 -11.01
N PRO A 42 -28.25 -18.82 -12.05
CA PRO A 42 -29.64 -18.86 -12.55
C PRO A 42 -30.63 -19.43 -11.52
N SER A 43 -30.19 -20.38 -10.67
CA SER A 43 -30.99 -21.05 -9.63
C SER A 43 -31.26 -20.15 -8.39
N GLY A 44 -30.39 -19.15 -8.20
CA GLY A 44 -30.44 -18.22 -7.07
C GLY A 44 -29.09 -17.60 -6.77
N GLN A 45 -29.00 -16.85 -5.69
CA GLN A 45 -27.77 -16.16 -5.30
C GLN A 45 -26.93 -16.98 -4.34
N GLU A 46 -25.61 -16.82 -4.38
CA GLU A 46 -24.67 -17.47 -3.45
C GLU A 46 -23.78 -16.38 -2.84
N VAL A 47 -23.59 -16.41 -1.52
CA VAL A 47 -22.79 -15.42 -0.81
C VAL A 47 -21.76 -16.14 0.07
N GLU A 48 -20.50 -15.67 0.04
CA GLU A 48 -19.44 -16.20 0.88
C GLU A 48 -18.92 -15.06 1.78
N ALA A 49 -18.98 -15.25 3.09
CA ALA A 49 -18.52 -14.26 4.06
C ALA A 49 -17.42 -14.81 4.97
N ASP A 50 -16.47 -13.94 5.37
CA ASP A 50 -15.41 -14.26 6.31
C ASP A 50 -15.84 -13.88 7.71
N TYR A 51 -15.38 -14.64 8.72
CA TYR A 51 -15.70 -14.31 10.09
C TYR A 51 -14.45 -14.42 10.95
N VAL A 52 -14.40 -13.62 12.01
CA VAL A 52 -13.33 -13.61 13.01
C VAL A 52 -14.00 -13.50 14.36
N TYR A 53 -13.86 -14.53 15.18
CA TYR A 53 -14.39 -14.52 16.53
C TYR A 53 -13.22 -14.21 17.45
N THR A 54 -13.34 -13.11 18.22
CA THR A 54 -12.31 -12.65 19.15
C THR A 54 -12.90 -12.58 20.53
N ASN A 55 -12.07 -12.68 21.57
CA ASN A 55 -12.64 -12.53 22.90
C ASN A 55 -12.57 -11.03 23.28
N PRO A 56 -13.17 -10.59 24.41
CA PRO A 56 -13.22 -9.15 24.71
C PRO A 56 -11.89 -8.40 24.67
N SER A 57 -10.74 -9.06 24.99
CA SER A 57 -9.41 -8.41 24.95
C SER A 57 -8.99 -8.13 23.50
N GLY A 58 -9.47 -8.96 22.56
CA GLY A 58 -9.20 -8.83 21.14
C GLY A 58 -8.45 -10.00 20.51
N THR A 59 -8.00 -10.98 21.32
CA THR A 59 -7.28 -12.15 20.81
C THR A 59 -8.24 -13.05 19.99
N ILE A 60 -7.76 -13.61 18.87
CA ILE A 60 -8.56 -14.47 17.98
C ILE A 60 -8.81 -15.83 18.63
N VAL A 61 -10.06 -16.32 18.60
CA VAL A 61 -10.44 -17.62 19.14
C VAL A 61 -10.88 -18.52 18.00
N ASN A 62 -11.35 -17.95 16.89
CA ASN A 62 -11.72 -18.73 15.70
C ASN A 62 -11.86 -17.81 14.53
N LYS A 63 -11.54 -18.33 13.36
CA LYS A 63 -11.65 -17.64 12.11
C LYS A 63 -11.99 -18.67 11.05
N GLY A 64 -12.75 -18.25 10.06
CA GLY A 64 -13.19 -19.09 8.96
C GLY A 64 -14.09 -18.35 8.02
N ASP A 65 -14.80 -19.09 7.17
CA ASP A 65 -15.73 -18.53 6.20
C ASP A 65 -17.07 -19.29 6.24
N ILE A 66 -18.16 -18.60 5.87
CA ILE A 66 -19.51 -19.14 5.91
C ILE A 66 -20.19 -18.86 4.58
N LYS A 67 -20.92 -19.88 4.05
CA LYS A 67 -21.63 -19.75 2.78
C LYS A 67 -23.14 -19.69 3.03
N ALA A 68 -23.82 -18.89 2.24
CA ALA A 68 -25.27 -18.71 2.25
C ALA A 68 -25.77 -18.70 0.83
N TYR A 69 -26.91 -19.35 0.56
CA TYR A 69 -27.42 -19.35 -0.81
C TYR A 69 -28.93 -19.53 -0.92
N CYS A 70 -29.46 -19.11 -2.07
CA CYS A 70 -30.82 -19.29 -2.55
C CYS A 70 -30.79 -20.33 -3.67
N GLN A 71 -31.66 -21.33 -3.59
CA GLN A 71 -31.79 -22.35 -4.62
C GLN A 71 -33.22 -22.59 -4.78
N ASN A 72 -33.74 -22.13 -5.92
CA ASN A 72 -35.10 -22.32 -6.39
C ASN A 72 -36.14 -21.92 -5.33
N GLY A 73 -36.01 -20.68 -4.85
CA GLY A 73 -36.96 -20.07 -3.93
C GLY A 73 -36.77 -20.32 -2.45
N GLU A 74 -35.78 -21.16 -2.06
CA GLU A 74 -35.51 -21.48 -0.66
C GLU A 74 -34.12 -21.02 -0.27
N PHE A 75 -34.01 -20.47 0.96
CA PHE A 75 -32.78 -19.91 1.51
C PHE A 75 -32.11 -20.89 2.48
N PHE A 76 -30.79 -21.09 2.32
CA PHE A 76 -29.98 -21.98 3.16
C PHE A 76 -28.74 -21.28 3.70
N LEU A 77 -28.31 -21.68 4.89
CA LEU A 77 -27.14 -21.14 5.56
C LEU A 77 -26.40 -22.27 6.28
N ASP A 78 -25.04 -22.22 6.33
CA ASP A 78 -24.28 -23.25 7.06
C ASP A 78 -24.72 -23.26 8.52
N SER A 79 -25.09 -24.47 9.03
CA SER A 79 -25.62 -24.71 10.38
C SER A 79 -24.66 -24.28 11.51
N LYS A 80 -23.37 -23.95 11.23
CA LYS A 80 -22.40 -23.51 12.25
C LYS A 80 -22.77 -22.11 12.77
N GLU A 81 -23.54 -21.34 11.97
CA GLU A 81 -24.05 -20.01 12.34
C GLU A 81 -25.00 -20.09 13.56
N THR A 82 -25.66 -21.25 13.74
CA THR A 82 -26.59 -21.55 14.85
C THR A 82 -25.75 -21.65 16.17
N LEU A 83 -24.43 -22.01 16.08
CA LEU A 83 -23.53 -22.20 17.22
C LEU A 83 -22.64 -20.98 17.48
N SER A 84 -23.00 -19.81 16.90
CA SER A 84 -22.37 -18.49 17.09
C SER A 84 -22.71 -17.92 18.47
N TYR A 85 -22.38 -18.65 19.55
CA TYR A 85 -22.76 -18.15 20.87
C TYR A 85 -21.72 -18.55 21.88
N PRO A 86 -21.63 -17.77 23.00
CA PRO A 86 -20.59 -18.01 24.02
C PRO A 86 -20.40 -19.47 24.47
N GLY A 87 -21.47 -20.23 24.74
CA GLY A 87 -21.34 -21.65 25.14
C GLY A 87 -20.46 -22.54 24.27
N VAL A 88 -20.55 -22.34 22.93
CA VAL A 88 -19.76 -23.05 21.90
C VAL A 88 -18.39 -22.29 21.68
N VAL A 89 -18.45 -20.97 21.36
CA VAL A 89 -17.32 -20.08 20.98
C VAL A 89 -16.21 -20.01 22.10
N SER A 90 -16.58 -20.12 23.41
CA SER A 90 -15.63 -20.12 24.54
C SER A 90 -14.77 -21.41 24.51
N GLU A 91 -15.42 -22.53 24.18
CA GLU A 91 -14.81 -23.85 24.01
C GLU A 91 -13.99 -23.88 22.69
N MSE A 92 -13.31 -22.74 22.32
CA MSE A 92 -12.69 -22.69 21.01
C MSE A 92 -11.36 -22.00 20.94
O MSE A 92 -11.10 -20.96 21.56
CB MSE A 92 -13.60 -21.99 20.02
CG MSE A 92 -14.49 -22.91 19.27
SE MSE A 92 -15.36 -21.79 17.99
CE MSE A 92 -16.52 -22.97 17.03
N ASN A 93 -10.54 -22.59 20.06
CA ASN A 93 -9.24 -22.18 19.58
C ASN A 93 -9.32 -22.24 18.05
N THR A 94 -8.30 -21.79 17.34
CA THR A 94 -8.36 -21.69 15.88
C THR A 94 -8.28 -23.05 15.18
N ASN A 95 -7.90 -24.13 15.90
CA ASN A 95 -7.84 -25.48 15.34
C ASN A 95 -9.22 -26.14 15.37
N VAL A 96 -10.16 -25.53 16.10
CA VAL A 96 -11.52 -26.03 16.21
C VAL A 96 -12.29 -25.74 14.92
N ASP A 97 -12.86 -26.80 14.33
CA ASP A 97 -13.69 -26.68 13.13
C ASP A 97 -15.04 -27.38 13.35
N ILE A 98 -16.01 -27.09 12.49
CA ILE A 98 -17.34 -27.68 12.53
C ILE A 98 -17.64 -28.23 11.15
N THR A 99 -18.27 -29.43 11.09
CA THR A 99 -18.65 -30.10 9.85
C THR A 99 -19.70 -29.27 9.13
N GLU A 100 -19.64 -29.28 7.80
CA GLU A 100 -20.55 -28.56 6.94
C GLU A 100 -21.90 -29.25 6.89
N ASN A 101 -22.96 -28.48 7.14
CA ASN A 101 -24.36 -28.93 7.06
C ASN A 101 -25.19 -27.69 6.80
N PHE A 102 -25.77 -27.57 5.60
CA PHE A 102 -26.60 -26.43 5.23
C PHE A 102 -28.04 -26.69 5.60
N ILE A 103 -28.63 -25.78 6.34
CA ILE A 103 -30.03 -25.88 6.77
C ILE A 103 -30.85 -24.69 6.23
N ASN A 104 -32.13 -24.93 5.93
CA ASN A 104 -33.02 -23.89 5.42
C ASN A 104 -33.48 -22.96 6.53
N TYR A 105 -33.85 -21.72 6.12
CA TYR A 105 -34.43 -20.71 6.96
C TYR A 105 -35.71 -20.27 6.25
N PRO A 106 -36.87 -20.74 6.74
CA PRO A 106 -38.14 -20.38 6.09
C PRO A 106 -38.42 -18.88 6.15
N ASN A 107 -39.12 -18.36 5.14
CA ASN A 107 -39.53 -16.96 4.98
C ASN A 107 -41.00 -16.82 5.39
N PRO A 108 -41.27 -16.20 6.56
CA PRO A 108 -42.66 -16.09 7.01
C PRO A 108 -43.44 -14.96 6.35
N TYR A 109 -42.74 -14.13 5.55
CA TYR A 109 -43.35 -12.98 4.88
C TYR A 109 -43.84 -13.35 3.48
N ALA A 110 -43.40 -14.50 2.97
CA ALA A 110 -43.74 -15.06 1.66
C ALA A 110 -45.22 -15.26 1.50
N ALA A 111 -45.65 -15.24 0.24
CA ALA A 111 -47.05 -15.46 -0.11
C ALA A 111 -47.52 -16.79 0.45
N ASN A 112 -48.69 -16.75 1.11
CA ASN A 112 -49.44 -17.84 1.74
C ASN A 112 -48.57 -18.78 2.58
N PHE A 113 -47.64 -18.21 3.34
CA PHE A 113 -46.79 -18.93 4.29
C PHE A 113 -47.70 -19.55 5.34
N ASP A 114 -47.47 -20.81 5.69
CA ASP A 114 -48.32 -21.47 6.67
C ASP A 114 -47.51 -21.81 7.93
N LYS A 115 -47.75 -21.02 9.01
CA LYS A 115 -47.12 -21.12 10.33
C LYS A 115 -47.33 -22.51 10.96
N ASN A 116 -48.41 -23.21 10.55
CA ASN A 116 -48.82 -24.54 11.05
C ASN A 116 -48.27 -25.67 10.21
N ASN A 117 -47.68 -25.36 9.05
CA ASN A 117 -47.10 -26.37 8.17
C ASN A 117 -45.82 -25.83 7.56
N VAL A 118 -44.75 -25.92 8.35
CA VAL A 118 -43.50 -25.40 7.86
C VAL A 118 -42.40 -26.42 8.21
N TYR A 119 -41.71 -26.86 7.13
CA TYR A 119 -40.60 -27.83 7.18
C TYR A 119 -39.27 -27.16 7.52
N PHE A 120 -38.52 -27.78 8.42
CA PHE A 120 -37.20 -27.33 8.84
C PHE A 120 -36.20 -28.44 8.72
N ASP A 121 -35.04 -28.16 8.13
CA ASP A 121 -33.96 -29.13 8.07
C ASP A 121 -33.37 -29.33 9.45
N GLU A 122 -32.87 -30.51 9.76
CA GLU A 122 -32.16 -30.72 11.02
C GLU A 122 -30.67 -30.63 10.78
N ALA A 123 -29.93 -30.40 11.86
CA ALA A 123 -28.49 -30.36 11.80
C ALA A 123 -27.89 -31.29 12.85
N SER A 124 -26.88 -32.02 12.49
CA SER A 124 -26.11 -32.84 13.41
C SER A 124 -24.69 -32.75 12.93
N VAL A 125 -24.01 -31.76 13.48
CA VAL A 125 -22.65 -31.44 13.11
C VAL A 125 -21.67 -32.10 14.08
N LYS A 126 -20.40 -31.91 13.82
CA LYS A 126 -19.36 -32.35 14.71
C LYS A 126 -18.35 -31.21 14.89
N ILE A 127 -18.14 -30.83 16.14
CA ILE A 127 -17.15 -29.80 16.45
C ILE A 127 -15.89 -30.57 16.88
N TYR A 128 -14.76 -30.33 16.22
CA TYR A 128 -13.54 -31.10 16.44
C TYR A 128 -12.29 -30.25 16.29
N ASP A 129 -11.14 -30.81 16.71
CA ASP A 129 -9.82 -30.21 16.58
C ASP A 129 -9.20 -30.72 15.26
N LYS A 130 -8.97 -29.81 14.29
CA LYS A 130 -8.37 -30.08 12.97
C LYS A 130 -7.07 -30.86 13.07
N LYS A 131 -6.27 -30.59 14.14
CA LYS A 131 -4.96 -31.19 14.41
C LYS A 131 -5.08 -32.53 15.17
N ASN A 132 -6.20 -32.75 15.90
CA ASN A 132 -6.46 -33.97 16.66
C ASN A 132 -7.96 -34.29 16.61
N ARG A 133 -8.37 -35.01 15.54
CA ARG A 133 -9.77 -35.35 15.28
C ARG A 133 -10.33 -36.36 16.30
N LYS A 134 -9.49 -36.91 17.22
CA LYS A 134 -9.94 -37.75 18.33
C LYS A 134 -10.67 -36.86 19.36
N ASN A 135 -10.33 -35.56 19.37
CA ASN A 135 -10.94 -34.59 20.24
C ASN A 135 -12.14 -33.98 19.47
N ARG A 136 -13.36 -34.48 19.77
CA ARG A 136 -14.58 -34.04 19.09
C ARG A 136 -15.81 -34.09 20.02
N LYS A 137 -16.90 -33.44 19.55
CA LYS A 137 -18.22 -33.34 20.15
C LYS A 137 -19.26 -33.39 19.08
N ASP A 138 -20.35 -34.10 19.35
CA ASP A 138 -21.54 -34.13 18.50
C ASP A 138 -22.50 -33.09 18.96
N MSE A 139 -23.12 -32.36 18.04
CA MSE A 139 -24.14 -31.39 18.41
C MSE A 139 -25.30 -31.54 17.48
O MSE A 139 -25.13 -31.40 16.26
CB MSE A 139 -23.61 -29.96 18.43
CG MSE A 139 -22.33 -29.84 19.24
SE MSE A 139 -21.84 -28.05 19.59
CE MSE A 139 -23.21 -27.61 20.84
N ALA A 140 -26.46 -31.91 18.03
CA ALA A 140 -27.67 -32.13 17.26
C ALA A 140 -28.66 -30.97 17.45
N ILE A 141 -28.94 -30.26 16.36
CA ILE A 141 -29.90 -29.15 16.32
C ILE A 141 -31.14 -29.75 15.65
N LYS A 142 -32.20 -29.95 16.44
CA LYS A 142 -33.41 -30.64 15.96
C LYS A 142 -34.67 -29.95 16.48
N ASP A 143 -35.85 -30.48 16.09
CA ASP A 143 -37.18 -30.01 16.49
C ASP A 143 -37.30 -28.49 16.31
N ARG A 144 -36.84 -27.98 15.16
CA ARG A 144 -36.90 -26.56 14.84
C ARG A 144 -38.33 -26.16 14.58
N GLU A 145 -38.80 -25.08 15.19
CA GLU A 145 -40.17 -24.63 14.97
C GLU A 145 -40.25 -23.10 14.86
N PHE A 146 -41.19 -22.62 14.06
CA PHE A 146 -41.49 -21.20 13.88
C PHE A 146 -42.39 -20.74 15.01
N ILE A 147 -41.99 -19.65 15.70
CA ILE A 147 -42.74 -19.12 16.83
C ILE A 147 -43.69 -18.00 16.34
N LYS A 148 -43.11 -16.90 15.85
CA LYS A 148 -43.81 -15.72 15.39
C LYS A 148 -42.84 -14.80 14.66
N THR A 149 -43.35 -13.68 14.14
CA THR A 149 -42.56 -12.59 13.55
C THR A 149 -42.67 -11.40 14.45
N GLU A 150 -41.54 -10.78 14.80
CA GLU A 150 -41.64 -9.59 15.64
C GLU A 150 -40.52 -8.63 15.33
N SER A 151 -40.73 -7.37 15.67
CA SER A 151 -39.78 -6.29 15.48
C SER A 151 -38.83 -6.25 16.66
N ILE A 152 -37.52 -6.25 16.36
CA ILE A 152 -36.44 -6.25 17.35
C ILE A 152 -35.56 -5.04 17.14
N THR A 153 -35.23 -4.35 18.24
CA THR A 153 -34.35 -3.19 18.21
C THR A 153 -33.05 -3.54 18.92
N THR A 154 -31.93 -3.33 18.23
CA THR A 154 -30.58 -3.55 18.74
C THR A 154 -29.76 -2.26 18.50
N PRO A 155 -28.49 -2.14 18.96
CA PRO A 155 -27.70 -0.93 18.64
C PRO A 155 -27.47 -0.73 17.13
N ALA A 156 -27.73 -1.77 16.28
CA ALA A 156 -27.58 -1.72 14.81
C ALA A 156 -28.83 -1.13 14.12
N GLY A 157 -29.95 -1.10 14.83
CA GLY A 157 -31.21 -0.56 14.34
C GLY A 157 -32.41 -1.40 14.73
N THR A 158 -33.53 -1.23 13.99
CA THR A 158 -34.79 -1.97 14.23
C THR A 158 -35.06 -2.85 13.00
N PHE A 159 -35.35 -4.14 13.24
CA PHE A 159 -35.53 -5.12 12.17
C PHE A 159 -36.75 -6.01 12.36
N ASP A 160 -37.49 -6.28 11.25
CA ASP A 160 -38.64 -7.19 11.30
CA ASP A 160 -38.64 -7.17 11.27
C ASP A 160 -38.06 -8.57 11.16
N CYS A 161 -38.20 -9.40 12.20
CA CYS A 161 -37.61 -10.71 12.25
C CYS A 161 -38.62 -11.82 12.28
N ALA A 162 -38.11 -13.02 12.10
CA ALA A 162 -38.73 -14.30 12.28
C ALA A 162 -38.07 -14.92 13.48
N LYS A 163 -38.87 -15.39 14.43
CA LYS A 163 -38.38 -16.02 15.65
C LYS A 163 -38.66 -17.48 15.54
N VAL A 164 -37.58 -18.24 15.61
CA VAL A 164 -37.54 -19.71 15.46
C VAL A 164 -36.84 -20.34 16.66
N LYS A 165 -37.42 -21.41 17.18
CA LYS A 165 -36.89 -22.20 18.30
C LYS A 165 -36.26 -23.48 17.76
N TYR A 166 -35.24 -23.99 18.45
CA TYR A 166 -34.57 -25.26 18.11
C TYR A 166 -34.19 -25.96 19.42
N ASN A 167 -34.09 -27.29 19.41
CA ASN A 167 -33.59 -28.08 20.53
C ASN A 167 -32.16 -28.47 20.21
N ILE A 168 -31.31 -28.53 21.24
CA ILE A 168 -29.91 -28.93 21.06
C ILE A 168 -29.59 -30.06 22.05
N ALA A 169 -28.69 -30.94 21.61
CA ALA A 169 -28.17 -32.06 22.39
C ALA A 169 -26.70 -32.19 22.05
N THR A 170 -25.80 -32.16 23.07
CA THR A 170 -24.35 -32.19 22.91
C THR A 170 -23.76 -33.43 23.62
N ARG A 171 -23.16 -34.33 22.81
CA ARG A 171 -22.49 -35.58 23.16
C ARG A 171 -20.98 -35.46 23.02
N SER A 172 -20.23 -36.13 23.90
CA SER A 172 -18.77 -36.08 23.91
C SER A 172 -18.19 -37.39 24.43
N PRO A 173 -17.05 -37.88 23.84
CA PRO A 173 -16.45 -39.12 24.31
C PRO A 173 -16.04 -39.03 25.78
N LYS A 174 -15.69 -37.81 26.25
CA LYS A 174 -15.23 -37.48 27.60
C LYS A 174 -16.38 -37.54 28.63
N SER A 175 -17.53 -36.91 28.34
CA SER A 175 -18.69 -36.90 29.23
C SER A 175 -19.46 -38.22 29.17
N LYS A 176 -20.14 -38.55 30.27
CA LYS A 176 -20.97 -39.78 30.38
C LYS A 176 -22.41 -39.52 29.92
N GLU A 177 -22.93 -38.29 30.16
CA GLU A 177 -24.30 -37.90 29.83
C GLU A 177 -24.38 -36.88 28.66
N THR A 178 -25.55 -36.85 28.01
CA THR A 178 -25.89 -35.94 26.93
C THR A 178 -26.41 -34.62 27.55
N ILE A 179 -25.81 -33.47 27.14
CA ILE A 179 -26.24 -32.18 27.63
C ILE A 179 -27.30 -31.62 26.66
N THR A 180 -28.52 -31.40 27.16
CA THR A 180 -29.61 -30.86 26.37
C THR A 180 -29.97 -29.43 26.77
N GLY A 181 -30.57 -28.74 25.82
CA GLY A 181 -31.05 -27.37 25.98
C GLY A 181 -31.84 -26.99 24.75
N TYR A 182 -32.06 -25.69 24.58
CA TYR A 182 -32.78 -25.15 23.46
C TYR A 182 -32.34 -23.72 23.25
N GLY A 183 -32.86 -23.11 22.20
CA GLY A 183 -32.55 -21.73 21.89
C GLY A 183 -33.49 -21.12 20.90
N TYR A 184 -33.38 -19.81 20.76
CA TYR A 184 -34.17 -19.00 19.83
C TYR A 184 -33.25 -18.22 18.93
N GLU A 185 -33.77 -17.90 17.74
CA GLU A 185 -33.07 -17.07 16.78
C GLU A 185 -34.04 -16.08 16.18
N TRP A 186 -33.58 -14.85 16.00
CA TRP A 186 -34.31 -13.78 15.30
C TRP A 186 -33.52 -13.45 14.09
N TYR A 187 -34.08 -13.69 12.92
CA TYR A 187 -33.35 -13.41 11.69
C TYR A 187 -34.18 -12.50 10.79
N SER A 188 -33.52 -11.55 10.16
CA SER A 188 -34.17 -10.56 9.31
C SER A 188 -33.64 -10.60 7.87
N PRO A 189 -34.46 -10.22 6.86
CA PRO A 189 -33.97 -10.21 5.48
C PRO A 189 -32.77 -9.29 5.26
N ASN A 190 -31.78 -9.77 4.48
CA ASN A 190 -30.53 -9.12 4.07
C ASN A 190 -29.65 -8.73 5.27
N VAL A 191 -29.90 -9.36 6.43
CA VAL A 191 -29.17 -9.12 7.68
C VAL A 191 -28.74 -10.46 8.31
N GLY A 192 -29.66 -11.43 8.31
CA GLY A 192 -29.45 -12.72 8.93
C GLY A 192 -29.78 -12.61 10.39
N LEU A 193 -28.96 -13.19 11.28
CA LEU A 193 -29.17 -13.17 12.73
C LEU A 193 -29.07 -11.75 13.30
N VAL A 194 -30.13 -11.32 14.03
CA VAL A 194 -30.28 -10.02 14.71
C VAL A 194 -30.08 -10.25 16.25
N ARG A 195 -30.76 -11.30 16.76
CA ARG A 195 -30.69 -11.70 18.16
C ARG A 195 -30.78 -13.22 18.29
N THR A 196 -30.06 -13.79 19.24
CA THR A 196 -30.12 -15.22 19.56
C THR A 196 -30.15 -15.36 21.10
N GLU A 197 -30.85 -16.39 21.61
CA GLU A 197 -30.92 -16.72 23.04
C GLU A 197 -30.68 -18.20 23.23
N GLN A 198 -29.94 -18.58 24.27
CA GLN A 198 -29.64 -20.00 24.53
C GLN A 198 -30.03 -20.35 25.98
N TYR A 199 -30.81 -21.43 26.14
CA TYR A 199 -31.35 -21.91 27.41
C TYR A 199 -30.94 -23.33 27.73
N ASP A 200 -30.88 -23.68 29.03
CA ASP A 200 -30.55 -25.03 29.49
C ASP A 200 -31.86 -25.83 29.60
N LYS A 201 -31.77 -27.13 29.99
CA LYS A 201 -32.95 -28.02 30.08
C LYS A 201 -33.99 -27.49 31.09
N ASN A 202 -33.58 -26.62 32.06
CA ASN A 202 -34.43 -26.06 33.10
C ASN A 202 -34.95 -24.65 32.73
N ASN A 203 -34.88 -24.28 31.45
CA ASN A 203 -35.39 -23.01 30.89
C ASN A 203 -34.69 -21.77 31.51
N VAL A 204 -33.40 -21.92 31.85
CA VAL A 204 -32.56 -20.85 32.40
C VAL A 204 -31.71 -20.30 31.25
N LEU A 205 -31.80 -18.99 30.98
CA LEU A 205 -31.01 -18.33 29.95
C LEU A 205 -29.54 -18.41 30.30
N GLN A 206 -28.76 -18.97 29.40
CA GLN A 206 -27.32 -19.19 29.61
C GLN A 206 -26.49 -18.09 28.94
N SER A 207 -26.96 -17.64 27.77
CA SER A 207 -26.29 -16.65 26.95
C SER A 207 -27.24 -16.08 25.91
N TYR A 208 -26.79 -15.02 25.22
CA TYR A 208 -27.53 -14.36 24.15
C TYR A 208 -26.54 -13.60 23.27
N THR A 209 -26.95 -13.30 22.03
CA THR A 209 -26.11 -12.52 21.10
C THR A 209 -27.00 -11.42 20.48
N VAL A 210 -26.37 -10.28 20.15
CA VAL A 210 -27.06 -9.16 19.52
C VAL A 210 -26.20 -8.61 18.42
N LEU A 211 -26.87 -8.14 17.33
CA LEU A 211 -26.25 -7.46 16.21
C LEU A 211 -26.02 -6.02 16.66
N GLU A 212 -24.76 -5.61 16.75
CA GLU A 212 -24.41 -4.27 17.26
C GLU A 212 -24.06 -3.27 16.14
N GLU A 213 -23.46 -3.73 15.05
CA GLU A 213 -23.03 -2.89 13.93
C GLU A 213 -23.33 -3.54 12.61
N LEU A 214 -23.67 -2.73 11.60
CA LEU A 214 -23.91 -3.18 10.23
C LEU A 214 -23.74 -1.99 9.27
N LYS A 215 -22.67 -2.04 8.44
CA LYS A 215 -22.29 -1.01 7.47
C LYS A 215 -21.94 -1.67 6.13
N GLN B 2 -21.69 36.07 14.86
CA GLN B 2 -21.89 34.62 14.76
C GLN B 2 -20.98 34.02 13.67
N ASP B 3 -20.04 33.14 14.10
CA ASP B 3 -19.10 32.44 13.22
C ASP B 3 -19.83 31.58 12.19
N CYS B 4 -19.41 31.71 10.93
CA CYS B 4 -19.90 30.91 9.81
C CYS B 4 -18.87 30.94 8.68
N THR B 5 -18.26 29.77 8.39
CA THR B 5 -17.29 29.63 7.31
C THR B 5 -18.07 29.61 5.98
N PHE B 6 -17.67 30.49 5.04
CA PHE B 6 -18.33 30.65 3.74
C PHE B 6 -17.60 29.83 2.68
N PHE B 7 -18.24 28.74 2.20
CA PHE B 7 -17.63 27.86 1.20
C PHE B 7 -17.99 28.31 -0.22
N PHE B 8 -17.60 29.55 -0.55
CA PHE B 8 -17.86 30.21 -1.84
C PHE B 8 -17.17 31.54 -1.87
N PRO B 9 -16.70 32.07 -3.04
CA PRO B 9 -16.07 33.41 -3.03
C PRO B 9 -17.04 34.46 -2.47
N GLN B 10 -16.53 35.39 -1.65
CA GLN B 10 -17.38 36.38 -1.00
C GLN B 10 -16.87 37.84 -1.20
N THR B 11 -15.99 38.05 -2.19
CA THR B 11 -15.46 39.39 -2.49
C THR B 11 -16.01 39.82 -3.84
N GLU B 12 -16.61 41.01 -3.86
CA GLU B 12 -17.24 41.60 -5.04
C GLU B 12 -16.20 41.77 -6.16
N GLY B 13 -16.54 41.26 -7.34
CA GLY B 13 -15.71 41.33 -8.54
C GLY B 13 -14.75 40.17 -8.75
N THR B 14 -14.71 39.22 -7.78
CA THR B 14 -13.86 38.05 -7.86
C THR B 14 -14.35 37.20 -9.00
N VAL B 15 -13.42 36.77 -9.85
CA VAL B 15 -13.72 35.90 -10.99
C VAL B 15 -12.98 34.56 -10.81
N TRP B 16 -13.58 33.47 -11.31
CA TRP B 16 -12.97 32.16 -11.26
C TRP B 16 -13.46 31.30 -12.42
N VAL B 17 -12.65 30.30 -12.77
CA VAL B 17 -12.90 29.38 -13.87
C VAL B 17 -12.70 27.96 -13.38
N ARG B 18 -13.67 27.12 -13.66
CA ARG B 18 -13.55 25.68 -13.48
C ARG B 18 -13.68 25.07 -14.89
N LYS B 19 -12.97 23.99 -15.14
CA LYS B 19 -13.06 23.35 -16.44
C LYS B 19 -13.46 21.89 -16.24
N GLY B 20 -14.36 21.42 -17.10
CA GLY B 20 -14.88 20.07 -17.07
C GLY B 20 -14.22 19.20 -18.12
N TYR B 21 -13.70 18.06 -17.69
CA TYR B 21 -12.97 17.08 -18.53
C TYR B 21 -13.59 15.72 -18.49
N ASP B 22 -13.34 14.90 -19.53
CA ASP B 22 -13.77 13.50 -19.56
C ASP B 22 -12.69 12.66 -18.83
N ALA B 23 -12.89 11.35 -18.74
CA ALA B 23 -11.96 10.46 -18.03
C ALA B 23 -10.52 10.51 -18.62
N LYS B 24 -10.42 10.62 -19.97
CA LYS B 24 -9.16 10.66 -20.74
C LYS B 24 -8.43 12.02 -20.57
N GLY B 25 -9.13 13.05 -20.09
CA GLY B 25 -8.54 14.36 -19.88
C GLY B 25 -8.84 15.39 -20.96
N ASN B 26 -9.82 15.12 -21.83
CA ASN B 26 -10.23 16.07 -22.89
C ASN B 26 -11.24 17.06 -22.36
N LEU B 27 -11.05 18.34 -22.70
CA LEU B 27 -11.94 19.41 -22.26
C LEU B 27 -13.33 19.21 -22.85
N GLN B 28 -14.33 19.29 -21.99
CA GLN B 28 -15.75 19.13 -22.30
C GLN B 28 -16.54 20.44 -22.12
N SER B 29 -16.25 21.19 -21.03
CA SER B 29 -16.93 22.44 -20.71
C SER B 29 -16.04 23.42 -19.93
N VAL B 30 -16.28 24.73 -20.13
CA VAL B 30 -15.63 25.84 -19.42
C VAL B 30 -16.70 26.53 -18.56
N MSE B 31 -16.44 26.70 -17.26
CA MSE B 31 -17.42 27.29 -16.34
C MSE B 31 -16.85 28.56 -15.70
O MSE B 31 -15.96 28.48 -14.84
CB MSE B 31 -17.81 26.27 -15.29
CG MSE B 31 -18.44 25.04 -15.93
SE MSE B 31 -18.56 23.57 -14.75
CE MSE B 31 -16.75 22.98 -14.70
N SER B 32 -17.32 29.72 -16.17
CA SER B 32 -16.83 31.02 -15.72
C SER B 32 -17.81 31.69 -14.77
N TYR B 33 -17.30 32.19 -13.63
CA TYR B 33 -18.11 32.81 -12.60
C TYR B 33 -17.59 34.16 -12.18
N GLN B 34 -18.47 34.94 -11.51
CA GLN B 34 -18.11 36.25 -10.95
C GLN B 34 -19.06 36.67 -9.84
N VAL B 35 -18.50 37.13 -8.69
CA VAL B 35 -19.27 37.66 -7.56
C VAL B 35 -19.82 39.03 -7.98
N ASP B 36 -21.15 39.15 -8.16
CA ASP B 36 -21.71 40.45 -8.55
CA ASP B 36 -21.81 40.41 -8.57
C ASP B 36 -22.09 41.27 -7.33
N GLU B 37 -22.73 40.67 -6.28
CA GLU B 37 -23.09 41.40 -5.07
C GLU B 37 -22.85 40.60 -3.79
N VAL B 38 -22.36 41.29 -2.74
CA VAL B 38 -22.11 40.77 -1.39
C VAL B 38 -22.87 41.64 -0.38
N GLU B 39 -23.68 41.01 0.50
CA GLU B 39 -24.47 41.72 1.51
C GLU B 39 -24.34 41.04 2.87
N THR B 40 -24.00 41.83 3.88
CA THR B 40 -23.87 41.36 5.25
C THR B 40 -25.20 41.66 5.96
N LEU B 41 -25.94 40.60 6.30
CA LEU B 41 -27.23 40.66 7.00
C LEU B 41 -27.02 40.29 8.46
N PRO B 42 -27.97 40.56 9.40
CA PRO B 42 -27.72 40.19 10.80
C PRO B 42 -27.65 38.66 11.02
N SER B 43 -28.40 37.88 10.22
CA SER B 43 -28.45 36.41 10.31
C SER B 43 -27.22 35.72 9.69
N GLY B 44 -26.52 36.43 8.81
CA GLY B 44 -25.33 35.95 8.10
C GLY B 44 -25.09 36.69 6.79
N GLN B 45 -24.11 36.24 6.00
CA GLN B 45 -23.77 36.88 4.73
C GLN B 45 -24.53 36.27 3.56
N GLU B 46 -24.83 37.06 2.52
CA GLU B 46 -25.47 36.58 1.30
C GLU B 46 -24.61 37.03 0.11
N VAL B 47 -24.38 36.12 -0.84
CA VAL B 47 -23.56 36.41 -2.03
C VAL B 47 -24.34 35.98 -3.27
N GLU B 48 -24.33 36.85 -4.30
CA GLU B 48 -24.96 36.53 -5.57
C GLU B 48 -23.89 36.59 -6.67
N ALA B 49 -23.71 35.47 -7.38
CA ALA B 49 -22.71 35.38 -8.44
C ALA B 49 -23.34 35.01 -9.76
N ASP B 50 -22.75 35.50 -10.87
CA ASP B 50 -23.19 35.14 -12.23
C ASP B 50 -22.32 34.02 -12.77
N TYR B 51 -22.86 33.18 -13.65
CA TYR B 51 -22.09 32.10 -14.27
C TYR B 51 -22.38 32.03 -15.76
N VAL B 52 -21.40 31.55 -16.55
CA VAL B 52 -21.49 31.32 -17.99
C VAL B 52 -20.79 30.01 -18.29
N TYR B 53 -21.55 29.02 -18.74
CA TYR B 53 -20.98 27.73 -19.13
C TYR B 53 -20.86 27.74 -20.65
N THR B 54 -19.64 27.55 -21.16
CA THR B 54 -19.35 27.53 -22.59
C THR B 54 -18.72 26.21 -22.97
N ASN B 55 -18.81 25.79 -24.24
CA ASN B 55 -18.14 24.55 -24.60
C ASN B 55 -16.74 24.93 -25.09
N PRO B 56 -15.84 23.95 -25.38
CA PRO B 56 -14.44 24.30 -25.72
C PRO B 56 -14.26 25.32 -26.84
N SER B 57 -15.19 25.40 -27.81
CA SER B 57 -15.08 26.37 -28.92
C SER B 57 -15.33 27.79 -28.42
N GLY B 58 -16.15 27.91 -27.38
CA GLY B 58 -16.50 29.17 -26.75
C GLY B 58 -17.97 29.54 -26.79
N THR B 59 -18.80 28.76 -27.52
CA THR B 59 -20.24 29.01 -27.64
C THR B 59 -20.93 28.77 -26.28
N ILE B 60 -21.88 29.63 -25.91
CA ILE B 60 -22.59 29.54 -24.63
C ILE B 60 -23.56 28.34 -24.64
N VAL B 61 -23.55 27.54 -23.55
CA VAL B 61 -24.44 26.38 -23.40
C VAL B 61 -25.41 26.69 -22.26
N ASN B 62 -25.02 27.52 -21.29
CA ASN B 62 -25.90 27.91 -20.20
C ASN B 62 -25.35 29.11 -19.50
N LYS B 63 -26.24 29.95 -19.00
CA LYS B 63 -25.90 31.15 -18.27
C LYS B 63 -27.00 31.37 -17.26
N GLY B 64 -26.62 31.92 -16.12
CA GLY B 64 -27.54 32.19 -15.04
C GLY B 64 -26.83 32.78 -13.84
N ASP B 65 -27.54 32.85 -12.72
CA ASP B 65 -27.01 33.35 -11.45
C ASP B 65 -27.09 32.25 -10.36
N ILE B 66 -26.27 32.38 -9.32
CA ILE B 66 -26.27 31.43 -8.23
C ILE B 66 -26.16 32.22 -6.93
N LYS B 67 -26.97 31.82 -5.93
CA LYS B 67 -26.95 32.47 -4.63
C LYS B 67 -26.30 31.55 -3.59
N ALA B 68 -25.54 32.14 -2.66
CA ALA B 68 -24.87 31.47 -1.55
C ALA B 68 -25.10 32.28 -0.31
N TYR B 69 -25.36 31.61 0.83
CA TYR B 69 -25.57 32.39 2.06
C TYR B 69 -25.26 31.61 3.34
N CYS B 70 -25.02 32.38 4.41
CA CYS B 70 -24.86 31.95 5.79
C CYS B 70 -26.13 32.32 6.52
N GLN B 71 -26.73 31.35 7.21
CA GLN B 71 -27.93 31.62 7.98
C GLN B 71 -27.77 30.93 9.32
N ASN B 72 -27.56 31.75 10.37
CA ASN B 72 -27.38 31.38 11.77
C ASN B 72 -26.36 30.23 11.94
N GLY B 73 -25.15 30.47 11.42
CA GLY B 73 -24.01 29.57 11.55
C GLY B 73 -23.89 28.44 10.55
N GLU B 74 -24.88 28.27 9.64
CA GLU B 74 -24.85 27.22 8.62
C GLU B 74 -24.74 27.82 7.23
N PHE B 75 -23.91 27.20 6.35
CA PHE B 75 -23.65 27.66 4.98
C PHE B 75 -24.47 26.87 3.96
N PHE B 76 -25.15 27.59 3.04
CA PHE B 76 -25.98 27.01 1.97
C PHE B 76 -25.61 27.55 0.58
N LEU B 77 -25.82 26.72 -0.43
CA LEU B 77 -25.53 27.03 -1.82
C LEU B 77 -26.58 26.38 -2.72
N ASP B 78 -26.99 27.04 -3.83
CA ASP B 78 -27.97 26.42 -4.75
C ASP B 78 -27.41 25.06 -5.31
N SER B 79 -28.21 23.95 -5.18
CA SER B 79 -27.85 22.55 -5.56
C SER B 79 -27.55 22.36 -7.09
N LYS B 80 -27.67 23.42 -7.91
CA LYS B 80 -27.37 23.32 -9.33
C LYS B 80 -25.83 23.31 -9.54
N GLU B 81 -25.12 23.81 -8.51
CA GLU B 81 -23.65 23.84 -8.46
C GLU B 81 -23.07 22.38 -8.41
N THR B 82 -23.86 21.43 -7.87
CA THR B 82 -23.51 20.00 -7.77
C THR B 82 -23.53 19.36 -9.20
N LEU B 83 -24.29 19.98 -10.16
CA LEU B 83 -24.46 19.49 -11.54
C LEU B 83 -23.56 20.23 -12.53
N SER B 84 -22.54 20.94 -12.00
CA SER B 84 -21.49 21.67 -12.74
C SER B 84 -20.51 20.68 -13.37
N TYR B 85 -20.98 19.75 -14.22
CA TYR B 85 -20.07 18.75 -14.77
C TYR B 85 -20.50 18.32 -16.17
N PRO B 86 -19.51 17.84 -17.02
CA PRO B 86 -19.81 17.46 -18.42
C PRO B 86 -21.10 16.61 -18.64
N GLY B 87 -21.37 15.60 -17.80
CA GLY B 87 -22.54 14.72 -17.87
C GLY B 87 -23.89 15.40 -18.01
N VAL B 88 -24.08 16.48 -17.21
CA VAL B 88 -25.28 17.33 -17.18
C VAL B 88 -25.21 18.38 -18.31
N VAL B 89 -24.09 19.16 -18.32
CA VAL B 89 -23.76 20.30 -19.18
C VAL B 89 -23.45 19.87 -20.70
N SER B 90 -23.51 18.55 -21.04
CA SER B 90 -23.31 18.11 -22.43
C SER B 90 -24.63 18.20 -23.24
N GLU B 91 -25.78 17.84 -22.65
CA GLU B 91 -27.09 17.90 -23.33
C GLU B 91 -27.64 19.36 -23.42
N MSE B 92 -27.14 20.24 -22.51
CA MSE B 92 -27.41 21.66 -22.22
C MSE B 92 -27.62 22.63 -23.41
O MSE B 92 -26.90 22.57 -24.41
CB MSE B 92 -26.17 22.18 -21.49
CG MSE B 92 -26.44 23.28 -20.49
SE MSE B 92 -27.35 22.63 -18.94
CE MSE B 92 -26.17 23.31 -17.47
N ASN B 93 -28.57 23.61 -23.23
CA ASN B 93 -28.81 24.78 -24.07
C ASN B 93 -29.25 25.90 -23.10
N THR B 94 -29.36 27.15 -23.54
CA THR B 94 -29.66 28.27 -22.64
C THR B 94 -31.12 28.28 -22.15
N ASN B 95 -32.02 27.50 -22.79
CA ASN B 95 -33.43 27.39 -22.34
C ASN B 95 -33.54 26.41 -21.18
N VAL B 96 -32.49 25.64 -20.92
CA VAL B 96 -32.46 24.66 -19.86
C VAL B 96 -32.31 25.37 -18.51
N ASP B 97 -33.24 25.09 -17.59
CA ASP B 97 -33.22 25.64 -16.24
C ASP B 97 -33.31 24.50 -15.20
N ILE B 98 -33.03 24.83 -13.94
CA ILE B 98 -33.05 23.87 -12.85
C ILE B 98 -33.82 24.47 -11.67
N THR B 99 -34.70 23.66 -11.09
CA THR B 99 -35.48 24.01 -9.91
C THR B 99 -34.52 24.46 -8.78
N GLU B 100 -34.95 25.47 -8.03
CA GLU B 100 -34.15 26.02 -6.93
C GLU B 100 -34.24 25.10 -5.77
N ASN B 101 -33.07 24.74 -5.24
CA ASN B 101 -32.98 23.92 -4.06
C ASN B 101 -31.66 24.27 -3.42
N PHE B 102 -31.70 24.87 -2.21
CA PHE B 102 -30.51 25.26 -1.47
C PHE B 102 -30.14 24.15 -0.53
N ILE B 103 -28.90 23.70 -0.62
CA ILE B 103 -28.40 22.62 0.22
C ILE B 103 -27.22 23.11 1.07
N ASN B 104 -27.10 22.58 2.29
CA ASN B 104 -26.02 22.94 3.20
C ASN B 104 -24.71 22.27 2.80
N TYR B 105 -23.60 22.90 3.20
CA TYR B 105 -22.25 22.41 3.06
C TYR B 105 -21.65 22.48 4.46
N PRO B 106 -21.54 21.33 5.15
CA PRO B 106 -21.03 21.32 6.53
C PRO B 106 -19.59 21.80 6.64
N ASN B 107 -19.25 22.34 7.81
CA ASN B 107 -17.90 22.80 8.07
C ASN B 107 -17.17 21.80 8.99
N PRO B 108 -16.28 20.96 8.41
CA PRO B 108 -15.55 19.98 9.23
C PRO B 108 -14.53 20.63 10.15
N TYR B 109 -14.10 21.87 9.81
CA TYR B 109 -13.09 22.61 10.55
C TYR B 109 -13.67 23.24 11.83
N ALA B 110 -15.00 23.22 12.01
CA ALA B 110 -15.70 23.75 13.18
C ALA B 110 -15.42 22.89 14.40
N ALA B 111 -15.36 23.50 15.60
CA ALA B 111 -15.08 22.81 16.86
C ALA B 111 -16.20 21.85 17.25
N ASN B 112 -17.45 22.25 16.97
CA ASN B 112 -18.65 21.44 17.24
C ASN B 112 -18.92 20.41 16.09
N PHE B 113 -17.83 19.86 15.50
CA PHE B 113 -17.96 18.91 14.41
C PHE B 113 -17.81 17.46 14.90
N ASP B 114 -18.86 16.68 14.62
CA ASP B 114 -18.98 15.26 14.90
C ASP B 114 -18.90 14.55 13.56
N LYS B 115 -17.70 14.02 13.23
CA LYS B 115 -17.38 13.34 11.96
C LYS B 115 -18.29 12.15 11.68
N ASN B 116 -18.87 11.53 12.74
CA ASN B 116 -19.74 10.36 12.68
C ASN B 116 -21.23 10.74 12.62
N ASN B 117 -21.56 12.02 12.83
CA ASN B 117 -22.94 12.47 12.80
C ASN B 117 -23.00 13.83 12.08
N VAL B 118 -23.04 13.78 10.74
CA VAL B 118 -23.09 14.95 9.87
C VAL B 118 -24.39 14.94 9.06
N TYR B 119 -25.29 15.93 9.30
CA TYR B 119 -26.53 16.02 8.52
C TYR B 119 -26.28 16.76 7.19
N PHE B 120 -26.83 16.19 6.10
CA PHE B 120 -26.75 16.79 4.76
C PHE B 120 -28.12 16.92 4.15
N ASP B 121 -28.47 18.10 3.60
CA ASP B 121 -29.70 18.32 2.86
C ASP B 121 -29.68 17.51 1.59
N GLU B 122 -30.82 17.01 1.11
CA GLU B 122 -30.85 16.29 -0.15
C GLU B 122 -31.10 17.27 -1.26
N ALA B 123 -30.32 17.14 -2.33
CA ALA B 123 -30.29 18.03 -3.50
C ALA B 123 -31.02 17.41 -4.73
N SER B 124 -32.21 16.84 -4.55
CA SER B 124 -32.88 16.22 -5.68
C SER B 124 -33.64 17.28 -6.54
N VAL B 125 -33.04 17.72 -7.69
CA VAL B 125 -33.64 18.75 -8.56
C VAL B 125 -34.24 18.19 -9.87
N LYS B 126 -34.93 19.09 -10.60
CA LYS B 126 -35.58 18.85 -11.89
C LYS B 126 -35.02 19.85 -12.91
N ILE B 127 -34.47 19.33 -14.00
CA ILE B 127 -33.86 20.12 -15.07
C ILE B 127 -34.84 20.05 -16.25
N TYR B 128 -35.28 21.23 -16.75
CA TYR B 128 -36.31 21.35 -17.81
C TYR B 128 -36.00 22.46 -18.81
N ASP B 129 -36.68 22.42 -19.95
CA ASP B 129 -36.65 23.45 -20.99
C ASP B 129 -37.69 24.53 -20.64
N LYS B 130 -37.23 25.76 -20.35
CA LYS B 130 -38.05 26.92 -19.99
C LYS B 130 -39.18 27.17 -21.00
N LYS B 131 -38.90 26.90 -22.30
CA LYS B 131 -39.80 27.11 -23.43
C LYS B 131 -40.72 25.89 -23.68
N ASN B 132 -40.34 24.69 -23.20
CA ASN B 132 -41.11 23.44 -23.32
C ASN B 132 -40.91 22.60 -22.07
N ARG B 133 -41.72 22.88 -21.02
CA ARG B 133 -41.63 22.22 -19.71
C ARG B 133 -42.03 20.71 -19.76
N LYS B 134 -42.53 20.21 -20.92
CA LYS B 134 -42.81 18.79 -21.14
C LYS B 134 -41.47 18.06 -21.29
N ASN B 135 -40.43 18.80 -21.69
CA ASN B 135 -39.07 18.26 -21.81
C ASN B 135 -38.36 18.48 -20.48
N ARG B 136 -38.21 17.40 -19.69
CA ARG B 136 -37.59 17.50 -18.36
C ARG B 136 -36.91 16.20 -17.92
N LYS B 137 -36.09 16.29 -16.84
CA LYS B 137 -35.33 15.22 -16.18
C LYS B 137 -35.29 15.41 -14.65
N ASP B 138 -35.35 14.32 -13.91
CA ASP B 138 -35.19 14.31 -12.47
C ASP B 138 -33.84 13.78 -12.14
N MSE B 139 -33.16 14.41 -11.17
CA MSE B 139 -31.85 14.02 -10.70
C MSE B 139 -31.88 14.04 -9.18
O MSE B 139 -32.01 15.09 -8.58
CB MSE B 139 -30.77 14.90 -11.29
CG MSE B 139 -30.89 15.01 -12.78
SE MSE B 139 -29.42 15.85 -13.61
CE MSE B 139 -28.07 14.53 -13.19
N ALA B 140 -31.86 12.88 -8.57
CA ALA B 140 -31.94 12.79 -7.14
C ALA B 140 -30.56 12.64 -6.54
N ILE B 141 -30.03 13.73 -5.99
CA ILE B 141 -28.76 13.75 -5.29
C ILE B 141 -29.12 13.47 -3.81
N LYS B 142 -28.73 12.29 -3.39
CA LYS B 142 -29.08 11.67 -2.13
C LYS B 142 -27.84 11.00 -1.51
N ASP B 143 -27.90 10.69 -0.20
CA ASP B 143 -26.93 9.95 0.65
C ASP B 143 -25.57 10.67 0.70
N ARG B 144 -25.63 12.00 0.80
CA ARG B 144 -24.41 12.79 0.90
C ARG B 144 -23.69 12.42 2.19
N GLU B 145 -22.39 12.12 2.11
CA GLU B 145 -21.64 11.78 3.30
C GLU B 145 -20.28 12.44 3.28
N PHE B 146 -19.79 12.74 4.50
CA PHE B 146 -18.49 13.35 4.69
C PHE B 146 -17.43 12.25 4.73
N ILE B 147 -16.38 12.42 3.90
CA ILE B 147 -15.33 11.41 3.80
C ILE B 147 -14.13 11.80 4.68
N LYS B 148 -13.47 12.90 4.34
CA LYS B 148 -12.29 13.40 5.03
C LYS B 148 -11.99 14.82 4.63
N THR B 149 -10.92 15.37 5.19
CA THR B 149 -10.38 16.68 4.88
C THR B 149 -8.99 16.43 4.26
N GLU B 150 -8.75 16.92 3.04
CA GLU B 150 -7.43 16.72 2.42
C GLU B 150 -7.03 17.92 1.56
N SER B 151 -5.72 18.04 1.31
CA SER B 151 -5.13 19.07 0.49
C SER B 151 -5.26 18.70 -0.98
N ILE B 152 -5.74 19.63 -1.82
CA ILE B 152 -5.92 19.43 -3.25
C ILE B 152 -5.16 20.50 -4.02
N THR B 153 -4.38 20.09 -5.04
CA THR B 153 -3.62 21.00 -5.88
C THR B 153 -4.22 21.00 -7.27
N THR B 154 -4.55 22.20 -7.78
CA THR B 154 -5.08 22.47 -9.11
C THR B 154 -4.25 23.61 -9.74
N PRO B 155 -4.45 23.99 -11.03
CA PRO B 155 -3.68 25.13 -11.58
C PRO B 155 -3.96 26.47 -10.87
N ALA B 156 -5.04 26.56 -10.06
CA ALA B 156 -5.39 27.78 -9.29
C ALA B 156 -4.60 27.87 -7.96
N GLY B 157 -4.06 26.74 -7.50
CA GLY B 157 -3.25 26.65 -6.29
C GLY B 157 -3.50 25.39 -5.50
N THR B 158 -3.11 25.40 -4.21
CA THR B 158 -3.29 24.28 -3.29
C THR B 158 -4.26 24.74 -2.20
N PHE B 159 -5.30 23.92 -1.93
CA PHE B 159 -6.39 24.25 -1.01
C PHE B 159 -6.69 23.13 -0.04
N ASP B 160 -7.01 23.45 1.24
CA ASP B 160 -7.48 22.46 2.22
C ASP B 160 -8.96 22.32 1.98
N CYS B 161 -9.36 21.11 1.52
CA CYS B 161 -10.72 20.82 1.09
C CYS B 161 -11.42 19.84 1.98
N ALA B 162 -12.75 19.97 2.01
CA ALA B 162 -13.66 19.00 2.59
C ALA B 162 -14.11 18.08 1.46
N LYS B 163 -13.92 16.73 1.63
CA LYS B 163 -14.27 15.67 0.68
C LYS B 163 -15.61 15.09 1.09
N VAL B 164 -16.54 15.11 0.15
CA VAL B 164 -17.92 14.64 0.34
C VAL B 164 -18.36 13.84 -0.86
N LYS B 165 -18.94 12.66 -0.59
CA LYS B 165 -19.53 11.77 -1.58
C LYS B 165 -21.05 11.96 -1.63
N TYR B 166 -21.68 11.72 -2.80
CA TYR B 166 -23.13 11.74 -2.98
C TYR B 166 -23.50 10.66 -3.98
N ASN B 167 -24.73 10.18 -3.96
CA ASN B 167 -25.24 9.23 -4.96
C ASN B 167 -26.19 9.97 -5.86
N ILE B 168 -26.25 9.59 -7.13
CA ILE B 168 -27.15 10.25 -8.06
C ILE B 168 -27.97 9.19 -8.85
N ALA B 169 -29.24 9.55 -9.15
CA ALA B 169 -30.19 8.77 -9.95
C ALA B 169 -30.87 9.70 -10.91
N THR B 170 -30.85 9.37 -12.19
CA THR B 170 -31.43 10.22 -13.22
C THR B 170 -32.57 9.48 -13.93
N ARG B 171 -33.72 10.19 -14.01
CA ARG B 171 -34.98 9.76 -14.61
C ARG B 171 -35.40 10.75 -15.69
N SER B 172 -35.96 10.22 -16.78
CA SER B 172 -36.44 11.03 -17.89
C SER B 172 -37.68 10.38 -18.46
N PRO B 173 -38.72 11.14 -18.88
CA PRO B 173 -39.90 10.51 -19.52
C PRO B 173 -39.52 9.73 -20.78
N LYS B 174 -38.38 10.10 -21.42
CA LYS B 174 -37.83 9.51 -22.64
C LYS B 174 -37.15 8.17 -22.33
N SER B 175 -36.35 8.09 -21.25
CA SER B 175 -35.66 6.87 -20.81
C SER B 175 -36.60 5.89 -20.06
N LYS B 176 -36.40 4.59 -20.26
CA LYS B 176 -37.21 3.58 -19.58
C LYS B 176 -36.59 3.21 -18.22
N GLU B 177 -35.25 3.19 -18.13
CA GLU B 177 -34.52 2.83 -16.91
C GLU B 177 -33.90 4.06 -16.21
N THR B 178 -33.69 3.94 -14.87
CA THR B 178 -33.07 4.96 -14.05
C THR B 178 -31.54 4.79 -14.13
N ILE B 179 -30.82 5.88 -14.47
CA ILE B 179 -29.37 5.82 -14.53
C ILE B 179 -28.80 6.24 -13.16
N THR B 180 -28.07 5.33 -12.54
CA THR B 180 -27.45 5.60 -11.25
C THR B 180 -25.93 5.74 -11.38
N GLY B 181 -25.38 6.48 -10.43
CA GLY B 181 -23.96 6.73 -10.29
C GLY B 181 -23.69 7.39 -8.96
N TYR B 182 -22.50 7.92 -8.81
CA TYR B 182 -22.10 8.63 -7.60
C TYR B 182 -21.03 9.66 -7.99
N GLY B 183 -20.63 10.44 -7.01
CA GLY B 183 -19.62 11.45 -7.26
C GLY B 183 -19.04 12.00 -5.98
N TYR B 184 -17.99 12.76 -6.14
CA TYR B 184 -17.28 13.42 -5.05
C TYR B 184 -17.17 14.90 -5.33
N GLU B 185 -17.07 15.66 -4.26
CA GLU B 185 -16.83 17.09 -4.31
C GLU B 185 -15.80 17.48 -3.28
N TRP B 186 -14.90 18.38 -3.66
CA TRP B 186 -13.92 18.97 -2.77
C TRP B 186 -14.18 20.42 -2.68
N TYR B 187 -14.56 20.90 -1.49
CA TYR B 187 -14.82 22.32 -1.36
C TYR B 187 -13.92 22.94 -0.28
N SER B 188 -13.52 24.21 -0.51
CA SER B 188 -12.61 24.95 0.36
C SER B 188 -13.21 26.31 0.80
N PRO B 189 -12.83 26.83 1.99
CA PRO B 189 -13.39 28.12 2.42
C PRO B 189 -13.02 29.26 1.48
N ASN B 190 -13.99 30.16 1.22
CA ASN B 190 -13.93 31.38 0.40
C ASN B 190 -13.55 31.06 -1.07
N VAL B 191 -13.73 29.80 -1.49
CA VAL B 191 -13.42 29.31 -2.84
C VAL B 191 -14.61 28.50 -3.39
N GLY B 192 -15.17 27.64 -2.54
CA GLY B 192 -16.25 26.75 -2.94
C GLY B 192 -15.67 25.49 -3.51
N LEU B 193 -16.23 24.98 -4.62
CA LEU B 193 -15.74 23.78 -5.30
C LEU B 193 -14.35 24.01 -5.94
N VAL B 194 -13.41 23.12 -5.59
CA VAL B 194 -12.01 23.08 -6.05
C VAL B 194 -11.86 21.94 -7.08
N ARG B 195 -12.45 20.77 -6.75
CA ARG B 195 -12.44 19.56 -7.60
C ARG B 195 -13.71 18.78 -7.43
N THR B 196 -14.17 18.16 -8.52
CA THR B 196 -15.34 17.26 -8.50
C THR B 196 -15.01 16.05 -9.38
N GLU B 197 -15.57 14.88 -9.02
CA GLU B 197 -15.42 13.63 -9.79
C GLU B 197 -16.77 12.98 -9.93
N GLN B 198 -17.06 12.41 -11.12
CA GLN B 198 -18.35 11.73 -11.36
C GLN B 198 -18.08 10.33 -11.88
N TYR B 199 -18.70 9.34 -11.24
CA TYR B 199 -18.57 7.91 -11.54
C TYR B 199 -19.89 7.28 -11.90
N ASP B 200 -19.85 6.20 -12.72
CA ASP B 200 -21.03 5.42 -13.10
C ASP B 200 -21.26 4.32 -12.05
N LYS B 201 -22.31 3.48 -12.23
CA LYS B 201 -22.64 2.40 -11.28
C LYS B 201 -21.50 1.35 -11.18
N ASN B 202 -20.62 1.27 -12.19
CA ASN B 202 -19.50 0.33 -12.25
C ASN B 202 -18.17 0.94 -11.77
N ASN B 203 -18.23 2.07 -11.04
CA ASN B 203 -17.10 2.79 -10.45
C ASN B 203 -16.07 3.25 -11.50
N VAL B 204 -16.57 3.59 -12.71
CA VAL B 204 -15.76 4.10 -13.82
C VAL B 204 -15.89 5.62 -13.83
N LEU B 205 -14.77 6.33 -13.73
CA LEU B 205 -14.75 7.80 -13.77
C LEU B 205 -15.21 8.25 -15.12
N GLN B 206 -16.28 9.03 -15.14
CA GLN B 206 -16.87 9.51 -16.38
C GLN B 206 -16.36 10.90 -16.74
N SER B 207 -16.17 11.75 -15.73
CA SER B 207 -15.74 13.11 -15.86
C SER B 207 -15.20 13.63 -14.53
N TYR B 208 -14.59 14.81 -14.55
CA TYR B 208 -14.07 15.52 -13.40
C TYR B 208 -13.98 17.01 -13.74
N THR B 209 -13.94 17.85 -12.70
CA THR B 209 -13.81 19.30 -12.88
C THR B 209 -12.74 19.79 -11.93
N VAL B 210 -12.04 20.85 -12.37
CA VAL B 210 -10.98 21.45 -11.58
C VAL B 210 -11.09 22.96 -11.67
N LEU B 211 -10.77 23.63 -10.55
CA LEU B 211 -10.65 25.07 -10.45
C LEU B 211 -9.32 25.45 -11.09
N GLU B 212 -9.35 26.19 -12.19
CA GLU B 212 -8.14 26.53 -12.93
C GLU B 212 -7.66 27.96 -12.66
N GLU B 213 -8.59 28.89 -12.44
CA GLU B 213 -8.27 30.31 -12.22
C GLU B 213 -9.09 30.87 -11.10
N LEU B 214 -8.52 31.81 -10.35
CA LEU B 214 -9.20 32.55 -9.27
C LEU B 214 -8.44 33.86 -9.01
N LYS B 215 -9.07 35.00 -9.37
CA LYS B 215 -8.52 36.35 -9.20
C LYS B 215 -9.59 37.28 -8.58
N GLN C 2 20.75 -45.44 -7.17
CA GLN C 2 20.69 -46.10 -8.47
C GLN C 2 21.32 -45.21 -9.57
N ASP C 3 22.44 -45.71 -10.15
CA ASP C 3 23.21 -45.06 -11.22
C ASP C 3 22.34 -44.87 -12.47
N CYS C 4 22.36 -43.64 -12.98
CA CYS C 4 21.62 -43.17 -14.16
C CYS C 4 22.30 -41.92 -14.71
N THR C 5 22.85 -42.02 -15.92
CA THR C 5 23.48 -40.91 -16.62
C THR C 5 22.36 -39.99 -17.15
N PHE C 6 22.47 -38.69 -16.83
CA PHE C 6 21.50 -37.66 -17.19
C PHE C 6 21.96 -36.92 -18.44
N PHE C 7 21.27 -37.13 -19.56
CA PHE C 7 21.65 -36.49 -20.83
C PHE C 7 20.95 -35.13 -20.99
N PHE C 8 21.19 -34.23 -20.04
CA PHE C 8 20.61 -32.89 -19.96
C PHE C 8 21.23 -32.12 -18.78
N PRO C 9 21.36 -30.79 -18.81
CA PRO C 9 21.93 -30.08 -17.65
C PRO C 9 21.09 -30.35 -16.40
N GLN C 10 21.74 -30.54 -15.25
CA GLN C 10 21.04 -30.90 -14.02
C GLN C 10 21.43 -29.99 -12.83
N THR C 11 22.07 -28.84 -13.11
CA THR C 11 22.45 -27.90 -12.06
C THR C 11 21.58 -26.66 -12.18
N GLU C 12 20.91 -26.29 -11.07
CA GLU C 12 20.02 -25.15 -11.00
C GLU C 12 20.76 -23.86 -11.37
N GLY C 13 20.17 -23.10 -12.28
CA GLY C 13 20.73 -21.85 -12.75
C GLY C 13 21.66 -21.93 -13.95
N THR C 14 21.95 -23.15 -14.42
CA THR C 14 22.81 -23.37 -15.57
C THR C 14 22.10 -22.83 -16.79
N VAL C 15 22.82 -22.07 -17.60
CA VAL C 15 22.31 -21.48 -18.83
C VAL C 15 23.11 -22.04 -20.01
N TRP C 16 22.44 -22.18 -21.16
CA TRP C 16 23.10 -22.63 -22.38
C TRP C 16 22.41 -22.04 -23.60
N VAL C 17 23.16 -21.95 -24.69
CA VAL C 17 22.70 -21.43 -25.98
C VAL C 17 23.06 -22.41 -27.08
N ARG C 18 22.04 -22.83 -27.84
CA ARG C 18 22.13 -23.64 -29.06
C ARG C 18 21.68 -22.74 -30.20
N LYS C 19 22.46 -22.69 -31.31
CA LYS C 19 22.08 -21.84 -32.43
C LYS C 19 21.74 -22.73 -33.62
N GLY C 20 20.66 -22.36 -34.30
CA GLY C 20 20.14 -23.06 -35.47
C GLY C 20 20.55 -22.36 -36.77
N TYR C 21 21.12 -23.14 -37.68
CA TYR C 21 21.64 -22.68 -38.98
C TYR C 21 21.00 -23.43 -40.13
N ASP C 22 21.02 -22.83 -41.33
CA ASP C 22 20.55 -23.48 -42.56
C ASP C 22 21.73 -24.26 -43.14
N ALA C 23 21.55 -24.98 -44.26
CA ALA C 23 22.59 -25.78 -44.90
C ALA C 23 23.84 -24.95 -45.25
N LYS C 24 23.64 -23.70 -45.72
CA LYS C 24 24.69 -22.77 -46.13
C LYS C 24 25.49 -22.19 -44.93
N GLY C 25 24.94 -22.30 -43.71
CA GLY C 25 25.60 -21.84 -42.49
C GLY C 25 25.10 -20.50 -41.97
N ASN C 26 23.94 -20.03 -42.45
CA ASN C 26 23.36 -18.77 -42.00
C ASN C 26 22.53 -18.99 -40.77
N LEU C 27 22.70 -18.11 -39.76
CA LEU C 27 21.94 -18.18 -38.51
C LEU C 27 20.46 -17.98 -38.79
N GLN C 28 19.66 -18.88 -38.25
CA GLN C 28 18.22 -18.90 -38.40
C GLN C 28 17.51 -18.66 -37.06
N SER C 29 18.02 -19.28 -35.98
CA SER C 29 17.42 -19.20 -34.66
C SER C 29 18.43 -19.32 -33.53
N VAL C 30 18.13 -18.63 -32.41
CA VAL C 30 18.88 -18.68 -31.16
C VAL C 30 17.99 -19.39 -30.12
N MSE C 31 18.51 -20.45 -29.48
CA MSE C 31 17.75 -21.22 -28.49
C MSE C 31 18.43 -21.11 -27.15
O MSE C 31 19.53 -21.65 -26.95
CB MSE C 31 17.61 -22.66 -28.94
CG MSE C 31 16.92 -22.73 -30.29
SE MSE C 31 16.98 -24.37 -31.19
CE MSE C 31 18.84 -24.39 -31.70
N SER C 32 17.82 -20.31 -26.24
CA SER C 32 18.35 -20.06 -24.91
C SER C 32 17.59 -20.85 -23.89
N TYR C 33 18.34 -21.56 -23.04
CA TYR C 33 17.77 -22.39 -21.99
C TYR C 33 18.32 -22.06 -20.63
N GLN C 34 17.58 -22.52 -19.60
CA GLN C 34 18.01 -22.39 -18.22
C GLN C 34 17.34 -23.42 -17.32
N VAL C 35 18.13 -24.09 -16.46
CA VAL C 35 17.63 -25.05 -15.47
C VAL C 35 16.94 -24.24 -14.39
N ASP C 36 15.61 -24.38 -14.29
CA ASP C 36 14.82 -23.64 -13.32
C ASP C 36 14.76 -24.40 -11.98
N GLU C 37 14.42 -25.70 -12.02
CA GLU C 37 14.32 -26.53 -10.81
C GLU C 37 14.88 -27.94 -11.01
N VAL C 38 15.58 -28.44 -9.98
CA VAL C 38 16.17 -29.79 -9.91
C VAL C 38 15.62 -30.46 -8.64
N GLU C 39 15.07 -31.68 -8.78
CA GLU C 39 14.54 -32.45 -7.65
C GLU C 39 15.06 -33.87 -7.68
N THR C 40 15.62 -34.30 -6.55
CA THR C 40 16.13 -35.65 -6.38
C THR C 40 15.03 -36.48 -5.70
N LEU C 41 14.46 -37.43 -6.46
CA LEU C 41 13.41 -38.34 -5.98
C LEU C 41 14.04 -39.71 -5.71
N PRO C 42 13.39 -40.65 -4.98
CA PRO C 42 14.06 -41.94 -4.73
C PRO C 42 14.24 -42.78 -6.01
N SER C 43 13.31 -42.65 -6.99
CA SER C 43 13.33 -43.39 -8.27
C SER C 43 14.39 -42.82 -9.28
N GLY C 44 14.79 -41.56 -9.07
CA GLY C 44 15.75 -40.84 -9.90
C GLY C 44 15.58 -39.33 -9.81
N GLN C 45 16.31 -38.60 -10.65
CA GLN C 45 16.27 -37.15 -10.66
C GLN C 45 15.26 -36.61 -11.65
N GLU C 46 14.68 -35.43 -11.37
CA GLU C 46 13.78 -34.72 -12.28
C GLU C 46 14.28 -33.29 -12.45
N VAL C 47 14.36 -32.81 -13.69
CA VAL C 47 14.83 -31.45 -14.01
C VAL C 47 13.78 -30.73 -14.85
N GLU C 48 13.53 -29.47 -14.54
CA GLU C 48 12.61 -28.62 -15.29
C GLU C 48 13.39 -27.39 -15.78
N ALA C 49 13.45 -27.20 -17.08
CA ALA C 49 14.16 -26.07 -17.68
C ALA C 49 13.21 -25.18 -18.51
N ASP C 50 13.51 -23.88 -18.56
CA ASP C 50 12.82 -22.90 -19.37
C ASP C 50 13.60 -22.69 -20.68
N TYR C 51 12.88 -22.37 -21.76
CA TYR C 51 13.53 -22.12 -23.02
C TYR C 51 12.88 -20.92 -23.68
N VAL C 52 13.67 -20.19 -24.49
CA VAL C 52 13.24 -19.05 -25.28
C VAL C 52 13.91 -19.15 -26.63
N TYR C 53 13.10 -19.32 -27.67
CA TYR C 53 13.62 -19.37 -29.04
C TYR C 53 13.39 -18.00 -29.65
N THR C 54 14.48 -17.34 -30.06
CA THR C 54 14.47 -16.00 -30.65
C THR C 54 15.07 -16.06 -32.04
N ASN C 55 14.73 -15.08 -32.92
CA ASN C 55 15.35 -15.11 -34.23
C ASN C 55 16.63 -14.25 -34.15
N PRO C 56 17.49 -14.20 -35.19
CA PRO C 56 18.78 -13.49 -35.04
C PRO C 56 18.71 -12.04 -34.55
N SER C 57 17.60 -11.30 -34.84
CA SER C 57 17.43 -9.92 -34.37
C SER C 57 17.22 -9.87 -32.84
N GLY C 58 16.59 -10.92 -32.30
CA GLY C 58 16.32 -11.07 -30.87
C GLY C 58 14.85 -11.17 -30.51
N THR C 59 13.93 -11.00 -31.49
CA THR C 59 12.48 -11.10 -31.24
C THR C 59 12.10 -12.57 -30.91
N ILE C 60 11.18 -12.78 -29.95
CA ILE C 60 10.75 -14.13 -29.51
C ILE C 60 9.88 -14.81 -30.54
N VAL C 61 10.15 -16.11 -30.80
CA VAL C 61 9.37 -16.88 -31.75
C VAL C 61 8.55 -17.94 -30.96
N ASN C 62 9.15 -18.58 -29.96
CA ASN C 62 8.54 -19.56 -29.07
C ASN C 62 9.22 -19.53 -27.71
N LYS C 63 8.46 -19.86 -26.69
CA LYS C 63 8.89 -19.96 -25.33
C LYS C 63 8.07 -21.04 -24.66
N GLY C 64 8.69 -21.73 -23.73
CA GLY C 64 8.05 -22.80 -22.97
C GLY C 64 9.00 -23.38 -21.94
N ASP C 65 8.62 -24.52 -21.41
CA ASP C 65 9.40 -25.26 -20.45
C ASP C 65 9.50 -26.74 -20.87
N ILE C 66 10.58 -27.42 -20.46
CA ILE C 66 10.83 -28.79 -20.84
C ILE C 66 11.22 -29.56 -19.59
N LYS C 67 10.72 -30.80 -19.47
CA LYS C 67 11.06 -31.69 -18.35
C LYS C 67 11.95 -32.83 -18.82
N ALA C 68 12.91 -33.22 -17.96
CA ALA C 68 13.83 -34.33 -18.15
C ALA C 68 13.91 -35.12 -16.86
N TYR C 69 13.95 -36.46 -16.95
CA TYR C 69 14.05 -37.24 -15.70
C TYR C 69 14.73 -38.60 -15.89
N CYS C 70 15.21 -39.14 -14.76
CA CYS C 70 15.75 -40.48 -14.54
C CYS C 70 14.73 -41.27 -13.78
N GLN C 71 14.39 -42.41 -14.34
CA GLN C 71 13.40 -43.29 -13.76
C GLN C 71 13.97 -44.67 -13.79
N ASN C 72 14.41 -45.16 -12.62
CA ASN C 72 14.95 -46.49 -12.37
C ASN C 72 16.03 -46.87 -13.41
N GLY C 73 17.07 -46.05 -13.50
CA GLY C 73 18.23 -46.30 -14.35
C GLY C 73 18.14 -45.86 -15.80
N GLU C 74 16.97 -45.38 -16.27
CA GLU C 74 16.77 -44.95 -17.65
C GLU C 74 16.45 -43.47 -17.69
N PHE C 75 17.00 -42.77 -18.70
CA PHE C 75 16.83 -41.32 -18.88
C PHE C 75 15.78 -41.00 -19.95
N PHE C 76 14.87 -40.06 -19.64
CA PHE C 76 13.79 -39.62 -20.54
C PHE C 76 13.76 -38.09 -20.69
N LEU C 77 13.35 -37.64 -21.83
CA LEU C 77 13.25 -36.20 -22.18
C LEU C 77 12.01 -35.99 -23.06
N ASP C 78 11.31 -34.84 -22.90
CA ASP C 78 10.15 -34.52 -23.74
C ASP C 78 10.59 -34.49 -25.21
N SER C 79 9.89 -35.26 -26.04
CA SER C 79 10.18 -35.43 -27.48
C SER C 79 10.12 -34.10 -28.30
N LYS C 80 9.73 -32.94 -27.72
CA LYS C 80 9.67 -31.66 -28.45
C LYS C 80 11.11 -31.07 -28.62
N GLU C 81 12.08 -31.60 -27.82
CA GLU C 81 13.50 -31.21 -27.88
C GLU C 81 14.10 -31.69 -29.23
N THR C 82 13.47 -32.71 -29.82
CA THR C 82 13.87 -33.27 -31.12
C THR C 82 13.60 -32.22 -32.23
N LEU C 83 12.54 -31.41 -32.06
CA LEU C 83 12.04 -30.40 -32.99
C LEU C 83 12.71 -28.99 -32.75
N SER C 84 13.86 -28.97 -32.03
CA SER C 84 14.69 -27.78 -31.76
C SER C 84 15.55 -27.39 -32.97
N TYR C 85 14.93 -27.11 -34.10
CA TYR C 85 15.72 -26.76 -35.27
C TYR C 85 14.97 -25.76 -36.12
N PRO C 86 15.68 -24.93 -36.91
CA PRO C 86 15.01 -23.89 -37.72
C PRO C 86 13.75 -24.34 -38.50
N GLY C 87 13.73 -25.52 -39.13
CA GLY C 87 12.56 -25.98 -39.88
C GLY C 87 11.20 -25.79 -39.22
N VAL C 88 11.01 -26.49 -38.08
CA VAL C 88 9.82 -26.48 -37.23
C VAL C 88 9.62 -25.08 -36.60
N VAL C 89 10.72 -24.49 -36.06
CA VAL C 89 10.81 -23.20 -35.32
C VAL C 89 10.57 -21.94 -36.27
N SER C 90 10.92 -22.00 -37.59
CA SER C 90 10.70 -20.88 -38.56
C SER C 90 9.20 -20.68 -38.85
N GLU C 91 8.44 -21.79 -38.95
CA GLU C 91 6.98 -21.78 -39.15
C GLU C 91 6.31 -21.94 -37.76
N MSE C 92 6.59 -20.97 -36.84
CA MSE C 92 6.12 -21.00 -35.46
C MSE C 92 5.85 -19.64 -34.86
O MSE C 92 6.47 -18.64 -35.23
CB MSE C 92 7.17 -21.69 -34.59
CG MSE C 92 6.61 -22.42 -33.40
SE MSE C 92 7.98 -23.65 -32.81
CE MSE C 92 7.00 -24.71 -31.45
N ASN C 93 4.92 -19.62 -33.88
CA ASN C 93 4.53 -18.46 -33.09
C ASN C 93 4.38 -18.94 -31.65
N THR C 94 4.14 -18.04 -30.71
CA THR C 94 4.12 -18.39 -29.30
C THR C 94 2.82 -19.16 -28.88
N ASN C 95 1.78 -19.18 -29.73
CA ASN C 95 0.54 -19.95 -29.48
C ASN C 95 0.72 -21.42 -29.86
N VAL C 96 1.82 -21.72 -30.57
CA VAL C 96 2.13 -23.06 -31.00
C VAL C 96 2.64 -23.89 -29.81
N ASP C 97 1.96 -25.03 -29.56
CA ASP C 97 2.30 -25.99 -28.53
C ASP C 97 2.47 -27.39 -29.12
N ILE C 98 3.12 -28.28 -28.37
CA ILE C 98 3.36 -29.65 -28.79
C ILE C 98 2.87 -30.57 -27.68
N THR C 99 2.19 -31.68 -28.05
CA THR C 99 1.70 -32.68 -27.12
C THR C 99 2.88 -33.33 -26.41
N GLU C 100 2.70 -33.60 -25.12
CA GLU C 100 3.72 -34.18 -24.26
C GLU C 100 3.85 -35.65 -24.57
N ASN C 101 5.08 -36.07 -24.83
CA ASN C 101 5.47 -37.46 -25.09
C ASN C 101 6.92 -37.59 -24.68
N PHE C 102 7.17 -38.32 -23.59
CA PHE C 102 8.52 -38.52 -23.08
C PHE C 102 9.12 -39.74 -23.72
N ILE C 103 10.31 -39.59 -24.27
CA ILE C 103 11.02 -40.68 -24.94
C ILE C 103 12.38 -40.90 -24.26
N ASN C 104 12.83 -42.15 -24.23
CA ASN C 104 14.12 -42.48 -23.63
C ASN C 104 15.28 -42.10 -24.53
N TYR C 105 16.45 -41.90 -23.90
CA TYR C 105 17.73 -41.64 -24.53
C TYR C 105 18.69 -42.67 -23.93
N PRO C 106 18.99 -43.73 -24.69
CA PRO C 106 19.90 -44.78 -24.19
C PRO C 106 21.30 -44.27 -23.84
N ASN C 107 22.02 -45.04 -22.97
CA ASN C 107 23.35 -44.71 -22.52
C ASN C 107 24.41 -45.63 -23.17
N PRO C 108 25.06 -45.16 -24.26
CA PRO C 108 26.07 -46.02 -24.92
C PRO C 108 27.31 -46.23 -24.06
N TYR C 109 27.43 -45.47 -22.94
CA TYR C 109 28.56 -45.57 -22.02
C TYR C 109 28.25 -46.51 -20.85
N ALA C 110 27.01 -47.04 -20.77
CA ALA C 110 26.58 -47.92 -19.68
C ALA C 110 27.27 -49.25 -19.78
N ALA C 111 27.68 -49.80 -18.60
CA ALA C 111 28.35 -51.07 -18.53
C ALA C 111 27.53 -52.09 -19.28
N ASN C 112 26.20 -52.15 -19.03
CA ASN C 112 25.27 -53.11 -19.63
C ASN C 112 24.72 -52.69 -21.01
N PHE C 113 25.33 -51.70 -21.70
CA PHE C 113 24.88 -51.31 -23.03
C PHE C 113 25.18 -52.39 -24.08
N ASP C 114 24.13 -52.86 -24.77
CA ASP C 114 24.24 -53.83 -25.87
C ASP C 114 23.99 -53.06 -27.18
N LYS C 115 25.09 -52.85 -27.94
CA LYS C 115 25.12 -52.09 -29.20
C LYS C 115 24.18 -52.68 -30.25
N ASN C 116 23.92 -54.00 -30.18
CA ASN C 116 23.09 -54.78 -31.11
C ASN C 116 21.65 -54.89 -30.63
N ASN C 117 21.38 -54.53 -29.36
CA ASN C 117 20.03 -54.60 -28.81
C ASN C 117 19.70 -53.29 -28.06
N VAL C 118 19.31 -52.24 -28.83
CA VAL C 118 19.00 -50.94 -28.23
C VAL C 118 17.52 -50.58 -28.47
N TYR C 119 16.68 -50.56 -27.41
CA TYR C 119 15.27 -50.18 -27.57
C TYR C 119 15.12 -48.67 -27.50
N PHE C 120 14.33 -48.11 -28.42
CA PHE C 120 14.02 -46.69 -28.48
C PHE C 120 12.53 -46.46 -28.52
N ASP C 121 12.02 -45.58 -27.67
CA ASP C 121 10.62 -45.19 -27.68
C ASP C 121 10.32 -44.42 -28.93
N GLU C 122 9.11 -44.50 -29.47
CA GLU C 122 8.73 -43.67 -30.60
C GLU C 122 7.98 -42.48 -30.08
N ALA C 123 8.08 -41.39 -30.80
CA ALA C 123 7.44 -40.13 -30.45
C ALA C 123 6.48 -39.70 -31.56
N SER C 124 5.19 -39.81 -31.30
CA SER C 124 4.16 -39.35 -32.24
C SER C 124 3.41 -38.22 -31.57
N VAL C 125 3.81 -37.00 -31.96
CA VAL C 125 3.30 -35.77 -31.36
C VAL C 125 2.32 -35.02 -32.29
N LYS C 126 1.78 -33.91 -31.75
CA LYS C 126 0.85 -33.01 -32.38
C LYS C 126 1.26 -31.58 -32.13
N ILE C 127 1.68 -30.89 -33.16
CA ILE C 127 2.05 -29.50 -32.99
C ILE C 127 0.79 -28.69 -33.44
N TYR C 128 0.26 -27.88 -32.54
CA TYR C 128 -1.00 -27.18 -32.76
C TYR C 128 -0.99 -25.78 -32.19
N ASP C 129 -2.01 -24.98 -32.57
CA ASP C 129 -2.24 -23.62 -32.09
C ASP C 129 -3.16 -23.70 -30.86
N LYS C 130 -2.64 -23.31 -29.68
CA LYS C 130 -3.34 -23.29 -28.39
C LYS C 130 -4.70 -22.58 -28.49
N LYS C 131 -4.74 -21.49 -29.31
CA LYS C 131 -5.91 -20.63 -29.53
C LYS C 131 -6.88 -21.19 -30.62
N ASN C 132 -6.37 -22.04 -31.54
CA ASN C 132 -7.16 -22.67 -32.60
C ASN C 132 -6.65 -24.09 -32.85
N ARG C 133 -7.16 -25.06 -32.07
CA ARG C 133 -6.74 -26.48 -32.11
C ARG C 133 -7.14 -27.18 -33.45
N LYS C 134 -7.89 -26.50 -34.34
CA LYS C 134 -8.21 -27.02 -35.68
C LYS C 134 -6.95 -26.89 -36.56
N ASN C 135 -6.06 -25.98 -36.16
CA ASN C 135 -4.79 -25.77 -36.83
C ASN C 135 -3.75 -26.66 -36.13
N ARG C 136 -3.48 -27.82 -36.74
CA ARG C 136 -2.54 -28.79 -36.18
C ARG C 136 -1.77 -29.53 -37.29
N LYS C 137 -0.67 -30.18 -36.87
CA LYS C 137 0.22 -31.02 -37.65
C LYS C 137 0.61 -32.22 -36.85
N ASP C 138 0.64 -33.38 -37.49
CA ASP C 138 1.14 -34.63 -36.91
C ASP C 138 2.60 -34.76 -37.23
N MSE C 139 3.42 -35.15 -36.27
CA MSE C 139 4.84 -35.37 -36.51
C MSE C 139 5.23 -36.63 -35.83
O MSE C 139 5.06 -36.79 -34.61
CB MSE C 139 5.72 -34.20 -36.07
CG MSE C 139 5.25 -32.89 -36.66
SE MSE C 139 6.53 -31.50 -36.40
CE MSE C 139 7.71 -31.95 -37.90
N ALA C 140 5.67 -37.62 -36.64
CA ALA C 140 6.06 -38.92 -36.14
C ALA C 140 7.59 -39.06 -36.18
N ILE C 141 8.22 -39.19 -35.00
CA ILE C 141 9.65 -39.45 -34.79
C ILE C 141 9.73 -40.94 -34.54
N LYS C 142 10.24 -41.73 -35.52
CA LYS C 142 10.25 -43.19 -35.46
C LYS C 142 11.57 -43.75 -35.98
N ASP C 143 11.72 -45.12 -35.92
CA ASP C 143 12.88 -45.87 -36.40
C ASP C 143 14.20 -45.27 -35.86
N ARG C 144 14.23 -44.95 -34.57
CA ARG C 144 15.39 -44.37 -33.90
C ARG C 144 16.44 -45.45 -33.78
N GLU C 145 17.69 -45.14 -34.14
CA GLU C 145 18.77 -46.11 -34.04
C GLU C 145 20.08 -45.48 -33.53
N PHE C 146 20.92 -46.31 -32.87
CA PHE C 146 22.20 -45.88 -32.37
C PHE C 146 23.25 -46.08 -33.47
N ILE C 147 24.08 -45.04 -33.68
CA ILE C 147 25.05 -45.00 -34.76
C ILE C 147 26.41 -45.27 -34.18
N LYS C 148 26.93 -44.38 -33.34
CA LYS C 148 28.24 -44.46 -32.71
C LYS C 148 28.37 -43.45 -31.62
N THR C 149 29.51 -43.50 -30.90
CA THR C 149 29.93 -42.49 -29.91
C THR C 149 31.12 -41.73 -30.46
N GLU C 150 31.01 -40.41 -30.60
CA GLU C 150 32.16 -39.68 -31.09
C GLU C 150 32.30 -38.39 -30.34
N SER C 151 33.52 -37.86 -30.33
CA SER C 151 33.86 -36.60 -29.71
C SER C 151 33.55 -35.47 -30.66
N ILE C 152 32.80 -34.47 -30.18
CA ILE C 152 32.37 -33.31 -30.95
C ILE C 152 32.90 -32.06 -30.30
N THR C 153 33.47 -31.17 -31.12
CA THR C 153 33.99 -29.88 -30.67
C THR C 153 33.10 -28.78 -31.24
N THR C 154 32.57 -27.94 -30.36
CA THR C 154 31.74 -26.79 -30.70
C THR C 154 32.34 -25.54 -29.99
N PRO C 155 31.84 -24.30 -30.22
CA PRO C 155 32.38 -23.16 -29.48
C PRO C 155 32.23 -23.28 -27.94
N ALA C 156 31.36 -24.20 -27.44
CA ALA C 156 31.12 -24.43 -26.02
C ALA C 156 32.18 -25.37 -25.38
N GLY C 157 32.88 -26.13 -26.22
CA GLY C 157 33.92 -27.05 -25.77
C GLY C 157 33.92 -28.34 -26.56
N THR C 158 34.55 -29.39 -26.00
CA THR C 158 34.62 -30.72 -26.61
C THR C 158 33.87 -31.68 -25.70
N PHE C 159 32.99 -32.49 -26.31
CA PHE C 159 32.10 -33.40 -25.58
C PHE C 159 32.03 -34.79 -26.20
N ASP C 160 32.02 -35.84 -25.35
CA ASP C 160 31.87 -37.21 -25.84
CA ASP C 160 31.86 -37.21 -25.82
C ASP C 160 30.37 -37.39 -26.04
N CYS C 161 29.95 -37.64 -27.29
CA CYS C 161 28.54 -37.71 -27.61
C CYS C 161 28.11 -39.08 -28.06
N ALA C 162 26.80 -39.31 -27.93
CA ALA C 162 26.04 -40.40 -28.48
C ALA C 162 25.35 -39.87 -29.72
N LYS C 163 25.61 -40.52 -30.88
CA LYS C 163 25.02 -40.17 -32.18
C LYS C 163 23.91 -41.15 -32.44
N VAL C 164 22.68 -40.64 -32.40
CA VAL C 164 21.45 -41.36 -32.64
C VAL C 164 20.75 -40.78 -33.91
N LYS C 165 20.26 -41.64 -34.81
CA LYS C 165 19.50 -41.28 -36.01
C LYS C 165 18.02 -41.51 -35.71
N TYR C 166 17.13 -40.73 -36.33
CA TYR C 166 15.67 -40.89 -36.25
C TYR C 166 15.05 -40.57 -37.60
N ASN C 167 13.89 -41.17 -37.92
CA ASN C 167 13.13 -40.84 -39.12
C ASN C 167 11.97 -39.94 -38.72
N ILE C 168 11.60 -39.00 -39.58
CA ILE C 168 10.50 -38.09 -39.29
C ILE C 168 9.51 -38.05 -40.46
N ALA C 169 8.21 -38.00 -40.12
CA ALA C 169 7.11 -37.92 -41.08
C ALA C 169 6.10 -36.89 -40.57
N THR C 170 5.75 -35.95 -41.45
CA THR C 170 4.87 -34.86 -41.08
C THR C 170 3.62 -34.87 -41.97
N ARG C 171 2.46 -34.77 -41.30
CA ARG C 171 1.12 -34.73 -41.87
C ARG C 171 0.37 -33.48 -41.44
N SER C 172 -0.49 -32.96 -42.31
CA SER C 172 -1.27 -31.76 -42.06
C SER C 172 -2.60 -31.86 -42.75
N PRO C 173 -3.70 -31.37 -42.12
CA PRO C 173 -5.00 -31.42 -42.80
C PRO C 173 -5.02 -30.59 -44.10
N LYS C 174 -4.14 -29.59 -44.18
CA LYS C 174 -3.95 -28.67 -45.31
C LYS C 174 -3.20 -29.36 -46.45
N SER C 175 -2.11 -30.10 -46.14
CA SER C 175 -1.26 -30.81 -47.11
C SER C 175 -1.88 -32.13 -47.57
N LYS C 176 -1.67 -32.50 -48.84
CA LYS C 176 -2.18 -33.77 -49.37
C LYS C 176 -1.21 -34.93 -49.09
N GLU C 177 0.11 -34.65 -49.16
CA GLU C 177 1.17 -35.66 -48.96
C GLU C 177 1.91 -35.50 -47.61
N THR C 178 2.48 -36.61 -47.15
CA THR C 178 3.32 -36.74 -45.98
C THR C 178 4.74 -36.28 -46.35
N ILE C 179 5.32 -35.37 -45.55
CA ILE C 179 6.69 -34.93 -45.77
C ILE C 179 7.60 -35.80 -44.87
N THR C 180 8.51 -36.54 -45.51
CA THR C 180 9.42 -37.40 -44.78
C THR C 180 10.85 -36.87 -44.84
N GLY C 181 11.63 -37.27 -43.86
CA GLY C 181 13.03 -36.94 -43.73
C GLY C 181 13.63 -37.73 -42.60
N TYR C 182 14.81 -37.32 -42.16
CA TYR C 182 15.50 -37.92 -41.03
C TYR C 182 16.42 -36.90 -40.40
N GLY C 183 17.05 -37.29 -39.30
CA GLY C 183 17.98 -36.44 -38.61
C GLY C 183 18.88 -37.21 -37.67
N TYR C 184 19.89 -36.51 -37.18
CA TYR C 184 20.85 -37.02 -36.22
C TYR C 184 20.89 -36.12 -35.02
N GLU C 185 21.29 -36.69 -33.89
CA GLU C 185 21.47 -35.96 -32.64
C GLU C 185 22.69 -36.46 -31.95
N TRP C 186 23.57 -35.54 -31.52
CA TRP C 186 24.74 -35.86 -30.71
C TRP C 186 24.44 -35.36 -29.31
N TYR C 187 24.21 -36.28 -28.38
CA TYR C 187 23.87 -35.84 -27.02
C TYR C 187 24.94 -36.32 -26.05
N SER C 188 25.30 -35.43 -25.09
CA SER C 188 26.38 -35.71 -24.14
C SER C 188 25.87 -35.70 -22.69
N PRO C 189 26.48 -36.47 -21.77
CA PRO C 189 26.03 -36.43 -20.37
C PRO C 189 26.14 -35.04 -19.74
N ASN C 190 25.12 -34.69 -18.95
CA ASN C 190 24.94 -33.43 -18.19
C ASN C 190 24.96 -32.19 -19.10
N VAL C 191 24.71 -32.38 -20.42
CA VAL C 191 24.71 -31.32 -21.42
C VAL C 191 23.46 -31.45 -22.30
N GLY C 192 23.14 -32.67 -22.71
CA GLY C 192 22.05 -32.92 -23.62
C GLY C 192 22.55 -32.74 -25.04
N LEU C 193 21.75 -32.11 -25.90
CA LEU C 193 22.09 -31.89 -27.30
C LEU C 193 23.29 -30.95 -27.46
N VAL C 194 24.33 -31.45 -28.18
CA VAL C 194 25.58 -30.74 -28.51
C VAL C 194 25.52 -30.30 -29.98
N ARG C 195 25.05 -31.23 -30.85
CA ARG C 195 24.89 -31.02 -32.28
C ARG C 195 23.71 -31.82 -32.81
N THR C 196 22.95 -31.21 -33.73
CA THR C 196 21.85 -31.89 -34.42
C THR C 196 21.96 -31.58 -35.93
N GLU C 197 21.53 -32.52 -36.78
CA GLU C 197 21.49 -32.35 -38.24
C GLU C 197 20.15 -32.84 -38.75
N GLN C 198 19.56 -32.09 -39.72
CA GLN C 198 18.25 -32.48 -40.28
C GLN C 198 18.37 -32.61 -41.79
N TYR C 199 17.92 -33.74 -42.33
CA TYR C 199 17.96 -34.09 -43.75
C TYR C 199 16.56 -34.34 -44.33
N ASP C 200 16.42 -34.09 -45.63
CA ASP C 200 15.18 -34.36 -46.35
C ASP C 200 15.20 -35.82 -46.87
N LYS C 201 14.13 -36.24 -47.60
CA LYS C 201 14.02 -37.61 -48.15
C LYS C 201 15.14 -37.92 -49.16
N ASN C 202 15.76 -36.88 -49.75
CA ASN C 202 16.83 -37.04 -50.74
C ASN C 202 18.23 -36.94 -50.11
N ASN C 203 18.35 -37.08 -48.78
CA ASN C 203 19.59 -37.05 -47.99
C ASN C 203 20.35 -35.72 -48.14
N VAL C 204 19.58 -34.61 -48.31
CA VAL C 204 20.13 -33.25 -48.43
C VAL C 204 20.00 -32.57 -47.05
N LEU C 205 21.12 -32.08 -46.49
CA LEU C 205 21.13 -31.38 -45.21
C LEU C 205 20.34 -30.11 -45.35
N GLN C 206 19.31 -29.96 -44.51
CA GLN C 206 18.42 -28.80 -44.56
C GLN C 206 18.81 -27.78 -43.53
N SER C 207 19.22 -28.27 -42.36
CA SER C 207 19.54 -27.44 -41.23
C SER C 207 20.41 -28.23 -40.24
N TYR C 208 21.01 -27.50 -39.25
CA TYR C 208 21.80 -28.08 -38.19
C TYR C 208 21.82 -27.12 -37.00
N THR C 209 22.14 -27.65 -35.80
CA THR C 209 22.22 -26.84 -34.58
C THR C 209 23.49 -27.19 -33.84
N VAL C 210 24.08 -26.20 -33.15
CA VAL C 210 25.30 -26.40 -32.37
C VAL C 210 25.15 -25.72 -31.03
N LEU C 211 25.76 -26.32 -30.00
CA LEU C 211 25.84 -25.77 -28.66
C LEU C 211 26.98 -24.75 -28.67
N GLU C 212 26.67 -23.48 -28.43
CA GLU C 212 27.67 -22.42 -28.52
C GLU C 212 28.13 -21.93 -27.15
N GLU C 213 27.26 -21.98 -26.13
CA GLU C 213 27.55 -21.51 -24.77
C GLU C 213 26.96 -22.43 -23.75
N LEU C 214 27.66 -22.59 -22.61
CA LEU C 214 27.22 -23.39 -21.46
C LEU C 214 27.99 -22.91 -20.21
N LYS C 215 27.25 -22.30 -19.27
CA LYS C 215 27.78 -21.75 -18.01
C LYS C 215 26.84 -22.12 -16.86
N GLN D 2 22.90 -21.90 12.87
CA GLN D 2 23.32 -20.50 12.75
C GLN D 2 22.44 -19.60 13.64
N ASP D 3 23.07 -18.97 14.67
CA ASP D 3 22.42 -18.07 15.63
C ASP D 3 21.80 -16.87 14.93
N CYS D 4 20.52 -16.60 15.26
CA CYS D 4 19.70 -15.51 14.73
C CYS D 4 18.53 -15.25 15.70
N THR D 5 18.52 -14.05 16.31
CA THR D 5 17.46 -13.61 17.22
C THR D 5 16.24 -13.24 16.38
N PHE D 6 15.08 -13.82 16.71
CA PHE D 6 13.82 -13.63 15.98
C PHE D 6 12.97 -12.57 16.67
N PHE D 7 12.82 -11.38 16.03
CA PHE D 7 12.07 -10.29 16.61
C PHE D 7 10.61 -10.35 16.16
N PHE D 8 9.95 -11.48 16.48
CA PHE D 8 8.56 -11.75 16.13
C PHE D 8 8.12 -13.04 16.78
N PRO D 9 6.84 -13.26 17.13
CA PRO D 9 6.46 -14.55 17.72
C PRO D 9 6.80 -15.71 16.78
N GLN D 10 7.32 -16.82 17.32
CA GLN D 10 7.74 -17.93 16.48
C GLN D 10 7.13 -19.29 16.92
N THR D 11 6.06 -19.24 17.75
CA THR D 11 5.40 -20.46 18.20
C THR D 11 4.02 -20.51 17.55
N GLU D 12 3.72 -21.65 16.89
CA GLU D 12 2.46 -21.90 16.20
C GLU D 12 1.29 -21.77 17.19
N GLY D 13 0.30 -20.97 16.80
CA GLY D 13 -0.92 -20.73 17.58
C GLY D 13 -0.86 -19.57 18.57
N THR D 14 0.32 -18.92 18.69
CA THR D 14 0.51 -17.79 19.58
C THR D 14 -0.35 -16.65 19.06
N VAL D 15 -1.10 -16.01 19.96
CA VAL D 15 -1.97 -14.89 19.65
C VAL D 15 -1.49 -13.65 20.42
N TRP D 16 -1.66 -12.47 19.82
CA TRP D 16 -1.31 -11.22 20.46
C TRP D 16 -2.19 -10.09 19.95
N VAL D 17 -2.31 -9.04 20.77
CA VAL D 17 -3.12 -7.86 20.49
C VAL D 17 -2.28 -6.61 20.75
N ARG D 18 -2.23 -5.76 19.75
CA ARG D 18 -1.66 -4.41 19.89
C ARG D 18 -2.82 -3.46 19.70
N LYS D 19 -2.87 -2.36 20.44
CA LYS D 19 -3.95 -1.39 20.28
C LYS D 19 -3.36 -0.02 19.91
N GLY D 20 -4.02 0.64 18.96
CA GLY D 20 -3.63 1.95 18.44
C GLY D 20 -4.46 3.05 19.06
N TYR D 21 -3.76 4.06 19.59
CA TYR D 21 -4.37 5.20 20.27
C TYR D 21 -3.96 6.51 19.63
N ASP D 22 -4.78 7.57 19.82
CA ASP D 22 -4.48 8.91 19.36
C ASP D 22 -3.64 9.60 20.46
N ALA D 23 -3.24 10.87 20.25
CA ALA D 23 -2.42 11.63 21.21
C ALA D 23 -3.07 11.73 22.58
N LYS D 24 -4.41 11.93 22.62
CA LYS D 24 -5.21 12.09 23.83
C LYS D 24 -5.38 10.76 24.61
N GLY D 25 -5.10 9.63 23.96
CA GLY D 25 -5.20 8.31 24.57
C GLY D 25 -6.47 7.54 24.27
N ASN D 26 -7.22 7.97 23.23
CA ASN D 26 -8.44 7.30 22.80
C ASN D 26 -8.13 6.18 21.84
N LEU D 27 -8.79 5.02 22.03
CA LEU D 27 -8.61 3.86 21.18
C LEU D 27 -9.08 4.18 19.76
N GLN D 28 -8.22 3.88 18.80
CA GLN D 28 -8.46 4.12 17.37
C GLN D 28 -8.59 2.80 16.59
N SER D 29 -7.73 1.81 16.91
CA SER D 29 -7.68 0.54 16.25
C SER D 29 -7.22 -0.59 17.15
N VAL D 30 -7.73 -1.80 16.89
CA VAL D 30 -7.36 -3.04 17.55
C VAL D 30 -6.66 -3.90 16.48
N MSE D 31 -5.45 -4.39 16.79
CA MSE D 31 -4.66 -5.20 15.84
C MSE D 31 -4.41 -6.56 16.45
O MSE D 31 -3.62 -6.71 17.39
CB MSE D 31 -3.38 -4.47 15.50
CG MSE D 31 -3.65 -3.13 14.88
SE MSE D 31 -2.18 -1.90 14.81
CE MSE D 31 -1.98 -1.45 16.67
N SER D 32 -5.14 -7.58 15.93
CA SER D 32 -5.08 -8.96 16.42
C SER D 32 -4.29 -9.81 15.47
N TYR D 33 -3.36 -10.61 16.02
CA TYR D 33 -2.47 -11.46 15.25
C TYR D 33 -2.47 -12.86 15.76
N GLN D 34 -1.98 -13.79 14.91
CA GLN D 34 -1.80 -15.17 15.26
C GLN D 34 -0.78 -15.86 14.36
N VAL D 35 0.18 -16.61 14.95
CA VAL D 35 1.16 -17.40 14.21
C VAL D 35 0.43 -18.59 13.59
N ASP D 36 0.33 -18.60 12.27
CA ASP D 36 -0.36 -19.66 11.55
C ASP D 36 0.59 -20.82 11.26
N GLU D 37 1.80 -20.55 10.70
CA GLU D 37 2.79 -21.58 10.37
C GLU D 37 4.23 -21.14 10.69
N VAL D 38 5.02 -22.09 11.20
CA VAL D 38 6.44 -21.94 11.54
C VAL D 38 7.21 -23.03 10.79
N GLU D 39 8.27 -22.64 10.07
CA GLU D 39 9.10 -23.58 9.32
C GLU D 39 10.57 -23.31 9.58
N THR D 40 11.31 -24.37 9.96
CA THR D 40 12.73 -24.29 10.19
C THR D 40 13.42 -24.77 8.91
N LEU D 41 14.08 -23.85 8.23
CA LEU D 41 14.82 -24.11 6.99
C LEU D 41 16.32 -24.15 7.31
N PRO D 42 17.20 -24.67 6.43
CA PRO D 42 18.64 -24.69 6.77
C PRO D 42 19.26 -23.29 6.87
N SER D 43 18.75 -22.32 6.09
CA SER D 43 19.24 -20.93 6.06
C SER D 43 18.73 -20.08 7.25
N GLY D 44 17.65 -20.54 7.88
CA GLY D 44 17.03 -19.87 9.03
C GLY D 44 15.57 -20.23 9.19
N GLN D 45 14.86 -19.58 10.13
CA GLN D 45 13.45 -19.85 10.38
C GLN D 45 12.55 -18.93 9.56
N GLU D 46 11.35 -19.40 9.19
CA GLU D 46 10.34 -18.59 8.50
C GLU D 46 9.03 -18.70 9.27
N VAL D 47 8.36 -17.59 9.53
CA VAL D 47 7.09 -17.55 10.27
C VAL D 47 6.05 -16.79 9.43
N GLU D 48 4.83 -17.35 9.36
CA GLU D 48 3.71 -16.71 8.67
C GLU D 48 2.59 -16.50 9.69
N ALA D 49 2.18 -15.25 9.88
CA ALA D 49 1.12 -14.92 10.81
C ALA D 49 -0.03 -14.20 10.13
N ASP D 50 -1.26 -14.42 10.63
CA ASP D 50 -2.47 -13.75 10.16
C ASP D 50 -2.74 -12.53 11.01
N TYR D 51 -3.34 -11.48 10.43
CA TYR D 51 -3.68 -10.30 11.19
C TYR D 51 -5.07 -9.85 10.82
N VAL D 52 -5.75 -9.21 11.78
CA VAL D 52 -7.09 -8.64 11.63
C VAL D 52 -7.09 -7.31 12.33
N TYR D 53 -7.25 -6.23 11.57
CA TYR D 53 -7.31 -4.88 12.12
C TYR D 53 -8.78 -4.52 12.17
N THR D 54 -9.28 -4.21 13.38
CA THR D 54 -10.68 -3.85 13.61
C THR D 54 -10.74 -2.49 14.26
N ASN D 55 -11.85 -1.78 14.11
CA ASN D 55 -11.94 -0.51 14.81
C ASN D 55 -12.57 -0.79 16.21
N PRO D 56 -12.65 0.21 17.12
CA PRO D 56 -13.10 -0.11 18.49
C PRO D 56 -14.44 -0.83 18.61
N SER D 57 -15.37 -0.64 17.65
CA SER D 57 -16.69 -1.32 17.68
C SER D 57 -16.53 -2.82 17.37
N GLY D 58 -15.52 -3.14 16.57
CA GLY D 58 -15.21 -4.51 16.18
C GLY D 58 -15.28 -4.79 14.69
N THR D 59 -15.74 -3.84 13.88
CA THR D 59 -15.86 -4.00 12.42
C THR D 59 -14.45 -4.10 11.82
N ILE D 60 -14.27 -5.01 10.86
CA ILE D 60 -13.00 -5.27 10.20
C ILE D 60 -12.65 -4.12 9.27
N VAL D 61 -11.42 -3.60 9.38
CA VAL D 61 -10.95 -2.50 8.54
C VAL D 61 -9.88 -3.06 7.60
N ASN D 62 -9.19 -4.13 7.99
CA ASN D 62 -8.17 -4.76 7.16
C ASN D 62 -7.84 -6.12 7.73
N LYS D 63 -7.52 -7.03 6.83
CA LYS D 63 -7.09 -8.37 7.17
C LYS D 63 -6.09 -8.79 6.12
N GLY D 64 -5.11 -9.58 6.55
CA GLY D 64 -4.06 -10.11 5.71
C GLY D 64 -3.12 -11.03 6.45
N ASP D 65 -1.97 -11.35 5.81
CA ASP D 65 -0.91 -12.18 6.39
C ASP D 65 0.43 -11.47 6.32
N ILE D 66 1.27 -11.70 7.33
CA ILE D 66 2.58 -11.08 7.41
C ILE D 66 3.63 -12.19 7.57
N LYS D 67 4.74 -12.06 6.83
CA LYS D 67 5.83 -13.03 6.90
C LYS D 67 7.03 -12.40 7.62
N ALA D 68 7.73 -13.23 8.40
CA ALA D 68 8.95 -12.91 9.12
C ALA D 68 9.93 -14.02 8.95
N TYR D 69 11.22 -13.69 8.76
CA TYR D 69 12.19 -14.76 8.60
C TYR D 69 13.61 -14.36 9.01
N CYS D 70 14.42 -15.40 9.27
CA CYS D 70 15.85 -15.39 9.52
C CYS D 70 16.51 -15.96 8.26
N GLN D 71 17.48 -15.23 7.72
CA GLN D 71 18.21 -15.67 6.53
C GLN D 71 19.65 -15.38 6.74
N ASN D 72 20.40 -16.40 7.11
CA ASN D 72 21.84 -16.38 7.35
C ASN D 72 22.24 -15.34 8.42
N GLY D 73 21.62 -15.46 9.61
CA GLY D 73 21.94 -14.64 10.77
C GLY D 73 21.29 -13.28 10.90
N GLU D 74 20.49 -12.86 9.90
CA GLU D 74 19.81 -11.57 9.91
C GLU D 74 18.32 -11.78 9.90
N PHE D 75 17.58 -10.94 10.67
CA PHE D 75 16.12 -11.02 10.82
C PHE D 75 15.41 -9.97 9.96
N PHE D 76 14.38 -10.41 9.21
CA PHE D 76 13.57 -9.55 8.33
C PHE D 76 12.07 -9.69 8.61
N LEU D 77 11.34 -8.61 8.40
CA LEU D 77 9.89 -8.53 8.59
C LEU D 77 9.26 -7.66 7.51
N ASP D 78 8.05 -8.00 7.03
CA ASP D 78 7.36 -7.16 6.03
C ASP D 78 7.15 -5.74 6.59
N SER D 79 7.64 -4.73 5.85
CA SER D 79 7.63 -3.29 6.22
C SER D 79 6.22 -2.72 6.51
N LYS D 80 5.12 -3.46 6.20
CA LYS D 80 3.75 -2.97 6.47
C LYS D 80 3.48 -2.92 7.97
N GLU D 81 4.26 -3.69 8.75
CA GLU D 81 4.23 -3.75 10.21
C GLU D 81 4.62 -2.35 10.84
N THR D 82 5.45 -1.58 10.11
CA THR D 82 5.92 -0.24 10.50
C THR D 82 4.71 0.76 10.42
N LEU D 83 3.67 0.44 9.58
CA LEU D 83 2.50 1.29 9.33
C LEU D 83 1.29 0.82 10.13
N SER D 84 1.52 -0.03 11.16
CA SER D 84 0.50 -0.57 12.10
C SER D 84 0.10 0.55 13.07
N TYR D 85 -0.40 1.69 12.57
CA TYR D 85 -0.73 2.78 13.49
C TYR D 85 -1.92 3.55 12.99
N PRO D 86 -2.72 4.18 13.94
CA PRO D 86 -3.95 4.91 13.55
C PRO D 86 -3.85 5.78 12.25
N GLY D 87 -2.78 6.60 12.07
CA GLY D 87 -2.55 7.47 10.90
C GLY D 87 -2.78 6.83 9.54
N VAL D 88 -2.27 5.61 9.39
CA VAL D 88 -2.39 4.77 8.21
C VAL D 88 -3.75 4.01 8.24
N VAL D 89 -4.01 3.26 9.31
CA VAL D 89 -5.15 2.35 9.53
C VAL D 89 -6.53 3.13 9.68
N SER D 90 -6.54 4.46 9.94
CA SER D 90 -7.77 5.28 10.05
C SER D 90 -8.49 5.46 8.71
N GLU D 91 -7.71 5.53 7.61
CA GLU D 91 -8.26 5.67 6.26
C GLU D 91 -8.20 4.28 5.58
N MSE D 92 -8.60 3.23 6.32
CA MSE D 92 -8.47 1.91 5.74
C MSE D 92 -9.76 1.17 5.71
O MSE D 92 -10.58 1.22 6.64
CB MSE D 92 -7.44 1.06 6.47
CG MSE D 92 -6.12 1.00 5.77
SE MSE D 92 -5.24 -0.42 6.64
CE MSE D 92 -3.40 -0.40 5.87
N ASN D 93 -9.89 0.42 4.62
CA ASN D 93 -10.93 -0.52 4.31
C ASN D 93 -10.21 -1.79 3.85
N THR D 94 -10.93 -2.90 3.70
CA THR D 94 -10.38 -4.22 3.39
C THR D 94 -9.87 -4.33 1.95
N ASN D 95 -10.10 -3.29 1.07
CA ASN D 95 -9.54 -3.22 -0.29
C ASN D 95 -8.18 -2.56 -0.29
N VAL D 96 -7.81 -1.89 0.81
CA VAL D 96 -6.52 -1.21 0.94
C VAL D 96 -5.42 -2.25 1.15
N ASP D 97 -4.38 -2.22 0.30
CA ASP D 97 -3.24 -3.11 0.42
C ASP D 97 -1.94 -2.29 0.39
N ILE D 98 -0.82 -2.93 0.77
CA ILE D 98 0.50 -2.29 0.80
C ILE D 98 1.45 -3.20 0.04
N THR D 99 2.36 -2.61 -0.75
CA THR D 99 3.36 -3.35 -1.52
C THR D 99 4.30 -4.08 -0.56
N GLU D 100 4.76 -5.27 -0.97
CA GLU D 100 5.67 -6.09 -0.19
C GLU D 100 7.04 -5.48 -0.22
N ASN D 101 7.64 -5.27 0.96
CA ASN D 101 9.01 -4.80 1.11
C ASN D 101 9.49 -5.35 2.45
N PHE D 102 10.44 -6.31 2.43
CA PHE D 102 10.98 -6.87 3.66
C PHE D 102 12.16 -6.06 4.10
N ILE D 103 12.16 -5.62 5.36
CA ILE D 103 13.23 -4.83 5.93
C ILE D 103 13.84 -5.55 7.13
N ASN D 104 15.16 -5.38 7.33
CA ASN D 104 15.84 -5.98 8.45
C ASN D 104 15.56 -5.24 9.76
N TYR D 105 15.72 -5.95 10.87
CA TYR D 105 15.64 -5.46 12.22
C TYR D 105 16.91 -5.90 12.91
N PRO D 106 17.87 -4.98 13.07
CA PRO D 106 19.17 -5.35 13.67
C PRO D 106 19.06 -5.84 15.11
N ASN D 107 20.05 -6.60 15.56
CA ASN D 107 20.02 -7.15 16.90
C ASN D 107 21.08 -6.45 17.74
N PRO D 108 20.68 -5.61 18.71
CA PRO D 108 21.67 -4.88 19.52
C PRO D 108 22.31 -5.73 20.61
N TYR D 109 21.69 -6.87 20.93
CA TYR D 109 22.11 -7.78 22.01
C TYR D 109 23.24 -8.72 21.58
N ALA D 110 23.56 -8.77 20.27
CA ALA D 110 24.66 -9.60 19.75
C ALA D 110 26.01 -9.04 20.24
N ALA D 111 27.00 -9.94 20.48
CA ALA D 111 28.33 -9.57 20.97
C ALA D 111 29.09 -8.70 19.97
N ASN D 112 28.91 -8.96 18.65
CA ASN D 112 29.54 -8.22 17.56
C ASN D 112 28.74 -6.96 17.15
N PHE D 113 27.78 -6.51 17.98
CA PHE D 113 26.98 -5.34 17.64
C PHE D 113 27.81 -4.06 17.82
N ASP D 114 27.92 -3.30 16.72
CA ASP D 114 28.58 -2.01 16.68
C ASP D 114 27.48 -0.95 16.60
N LYS D 115 27.26 -0.23 17.72
CA LYS D 115 26.23 0.80 17.91
C LYS D 115 26.43 2.00 16.97
N ASN D 116 27.67 2.19 16.48
CA ASN D 116 28.09 3.30 15.62
C ASN D 116 27.96 2.95 14.13
N ASN D 117 27.94 1.64 13.77
CA ASN D 117 27.73 1.22 12.37
C ASN D 117 26.63 0.14 12.30
N VAL D 118 25.36 0.61 12.18
CA VAL D 118 24.19 -0.25 12.08
C VAL D 118 23.52 -0.01 10.72
N TYR D 119 23.51 -0.99 9.79
CA TYR D 119 22.84 -0.83 8.50
C TYR D 119 21.36 -1.15 8.64
N PHE D 120 20.51 -0.29 8.04
CA PHE D 120 19.06 -0.47 8.01
C PHE D 120 18.54 -0.39 6.61
N ASP D 121 17.71 -1.33 6.21
CA ASP D 121 17.04 -1.29 4.92
C ASP D 121 16.04 -0.18 4.90
N GLU D 122 15.78 0.44 3.75
CA GLU D 122 14.74 1.47 3.67
C GLU D 122 13.46 0.81 3.26
N ALA D 123 12.37 1.25 3.86
CA ALA D 123 11.04 0.69 3.66
C ALA D 123 10.11 1.65 2.89
N SER D 124 10.46 1.99 1.63
CA SER D 124 9.62 2.86 0.83
C SER D 124 8.51 1.99 0.11
N VAL D 125 7.24 2.10 0.60
CA VAL D 125 6.08 1.36 0.07
C VAL D 125 5.10 2.27 -0.71
N LYS D 126 4.00 1.62 -1.11
CA LYS D 126 2.86 2.19 -1.80
C LYS D 126 1.58 1.53 -1.29
N ILE D 127 0.75 2.32 -0.64
CA ILE D 127 -0.54 1.91 -0.08
C ILE D 127 -1.55 2.26 -1.13
N TYR D 128 -2.40 1.29 -1.53
CA TYR D 128 -3.35 1.47 -2.63
C TYR D 128 -4.63 0.69 -2.40
N ASP D 129 -5.65 0.98 -3.22
CA ASP D 129 -6.95 0.30 -3.27
C ASP D 129 -6.85 -0.80 -4.32
N LYS D 130 -6.93 -2.09 -3.89
CA LYS D 130 -6.89 -3.29 -4.73
C LYS D 130 -7.88 -3.20 -5.92
N LYS D 131 -9.04 -2.58 -5.69
CA LYS D 131 -10.13 -2.43 -6.67
C LYS D 131 -9.99 -1.15 -7.53
N ASN D 132 -9.22 -0.15 -7.06
CA ASN D 132 -8.96 1.09 -7.79
C ASN D 132 -7.51 1.52 -7.55
N ARG D 133 -6.57 0.97 -8.35
CA ARG D 133 -5.12 1.20 -8.20
C ARG D 133 -4.72 2.65 -8.59
N LYS D 134 -5.68 3.48 -9.08
CA LYS D 134 -5.43 4.90 -9.33
C LYS D 134 -5.36 5.61 -7.95
N ASN D 135 -5.99 5.00 -6.94
CA ASN D 135 -6.02 5.53 -5.60
C ASN D 135 -4.85 4.91 -4.85
N ARG D 136 -3.73 5.68 -4.75
CA ARG D 136 -2.50 5.22 -4.10
C ARG D 136 -1.73 6.37 -3.44
N LYS D 137 -0.78 6.02 -2.57
CA LYS D 137 0.06 6.96 -1.85
C LYS D 137 1.44 6.37 -1.69
N ASP D 138 2.47 7.18 -1.91
CA ASP D 138 3.82 6.73 -1.68
C ASP D 138 4.15 6.99 -0.21
N MSE D 139 4.76 6.01 0.48
CA MSE D 139 5.18 6.24 1.86
C MSE D 139 6.64 5.79 2.01
O MSE D 139 6.94 4.62 1.88
CB MSE D 139 4.26 5.55 2.84
CG MSE D 139 2.82 5.94 2.66
SE MSE D 139 1.73 5.25 4.06
CE MSE D 139 2.45 6.33 5.51
N ALA D 140 7.53 6.76 2.21
CA ALA D 140 8.94 6.49 2.34
C ALA D 140 9.37 6.49 3.80
N ILE D 141 9.77 5.33 4.30
CA ILE D 141 10.38 5.11 5.61
C ILE D 141 11.90 5.07 5.35
N LYS D 142 12.59 6.07 5.84
CA LYS D 142 14.00 6.21 5.57
C LYS D 142 14.72 6.71 6.80
N ASP D 143 16.08 6.79 6.71
CA ASP D 143 16.95 7.29 7.76
C ASP D 143 16.67 6.60 9.08
N ARG D 144 16.49 5.26 9.03
CA ARG D 144 16.28 4.43 10.22
C ARG D 144 17.54 4.41 11.05
N GLU D 145 17.44 4.68 12.36
CA GLU D 145 18.63 4.68 13.20
C GLU D 145 18.35 4.03 14.54
N PHE D 146 19.38 3.35 15.09
CA PHE D 146 19.33 2.71 16.41
C PHE D 146 19.56 3.77 17.49
N ILE D 147 18.67 3.84 18.50
CA ILE D 147 18.79 4.83 19.57
C ILE D 147 19.45 4.22 20.81
N LYS D 148 18.80 3.22 21.41
CA LYS D 148 19.25 2.54 22.63
C LYS D 148 18.45 1.27 22.85
N THR D 149 18.77 0.55 23.93
CA THR D 149 18.01 -0.61 24.41
C THR D 149 17.47 -0.26 25.77
N GLU D 150 16.17 -0.43 25.96
CA GLU D 150 15.56 -0.13 27.23
C GLU D 150 14.42 -1.08 27.53
N SER D 151 14.09 -1.19 28.80
CA SER D 151 13.00 -2.01 29.29
C SER D 151 11.70 -1.24 29.18
N ILE D 152 10.67 -1.86 28.59
CA ILE D 152 9.35 -1.27 28.39
C ILE D 152 8.32 -2.14 29.08
N THR D 153 7.43 -1.50 29.82
CA THR D 153 6.33 -2.20 30.51
C THR D 153 5.00 -1.80 29.84
N THR D 154 4.23 -2.80 29.43
CA THR D 154 2.91 -2.64 28.81
C THR D 154 1.94 -3.58 29.55
N PRO D 155 0.61 -3.57 29.27
CA PRO D 155 -0.28 -4.54 29.96
C PRO D 155 0.06 -6.02 29.66
N ALA D 156 0.90 -6.29 28.63
CA ALA D 156 1.32 -7.65 28.26
C ALA D 156 2.52 -8.15 29.10
N GLY D 157 3.23 -7.22 29.74
CA GLY D 157 4.38 -7.51 30.59
C GLY D 157 5.49 -6.51 30.42
N THR D 158 6.71 -6.90 30.85
CA THR D 158 7.92 -6.07 30.75
C THR D 158 8.88 -6.76 29.78
N PHE D 159 9.40 -6.01 28.81
CA PHE D 159 10.25 -6.52 27.74
C PHE D 159 11.50 -5.68 27.52
N ASP D 160 12.64 -6.34 27.25
CA ASP D 160 13.87 -5.62 26.90
C ASP D 160 13.76 -5.33 25.40
N CYS D 161 13.71 -4.05 25.04
CA CYS D 161 13.45 -3.62 23.68
C CYS D 161 14.60 -2.89 23.06
N ALA D 162 14.60 -2.88 21.74
CA ALA D 162 15.50 -2.13 20.90
C ALA D 162 14.75 -0.92 20.45
N LYS D 163 15.26 0.30 20.75
CA LYS D 163 14.60 1.54 20.34
C LYS D 163 15.23 2.03 19.07
N VAL D 164 14.39 2.21 18.03
CA VAL D 164 14.79 2.65 16.70
C VAL D 164 13.88 3.82 16.22
N LYS D 165 14.50 4.85 15.58
CA LYS D 165 13.82 6.02 14.97
C LYS D 165 13.77 5.85 13.45
N TYR D 166 12.80 6.44 12.79
CA TYR D 166 12.72 6.45 11.34
C TYR D 166 12.09 7.79 10.93
N ASN D 167 12.37 8.26 9.70
CA ASN D 167 11.76 9.43 9.12
C ASN D 167 10.74 8.96 8.13
N ILE D 168 9.61 9.67 8.00
CA ILE D 168 8.57 9.27 7.04
C ILE D 168 8.19 10.49 6.16
N ALA D 169 7.93 10.21 4.85
CA ALA D 169 7.51 11.18 3.86
C ALA D 169 6.38 10.55 3.05
N THR D 170 5.24 11.24 3.01
CA THR D 170 4.06 10.72 2.36
C THR D 170 3.62 11.66 1.23
N ARG D 171 3.35 11.08 0.03
CA ARG D 171 2.94 11.74 -1.22
C ARG D 171 1.68 11.15 -1.76
N SER D 172 0.75 12.03 -2.14
CA SER D 172 -0.58 11.74 -2.70
C SER D 172 -0.70 12.40 -4.07
N PRO D 173 -1.27 11.68 -5.06
CA PRO D 173 -1.39 12.23 -6.43
C PRO D 173 -2.26 13.50 -6.56
N LYS D 174 -3.12 13.79 -5.54
CA LYS D 174 -4.08 14.89 -5.51
C LYS D 174 -3.49 16.21 -5.00
N SER D 175 -2.30 16.20 -4.39
CA SER D 175 -1.65 17.37 -3.81
C SER D 175 -0.17 17.44 -4.18
N LYS D 176 0.34 18.67 -4.39
CA LYS D 176 1.77 18.86 -4.73
C LYS D 176 2.64 18.76 -3.45
N GLU D 177 2.02 18.87 -2.25
CA GLU D 177 2.67 18.82 -0.93
C GLU D 177 3.05 17.40 -0.48
N THR D 178 4.11 17.31 0.33
CA THR D 178 4.64 16.08 0.93
C THR D 178 4.44 16.19 2.45
N ILE D 179 3.85 15.18 3.09
CA ILE D 179 3.66 15.20 4.53
C ILE D 179 4.86 14.44 5.13
N THR D 180 5.66 15.12 5.93
CA THR D 180 6.81 14.51 6.56
C THR D 180 6.57 14.47 8.05
N GLY D 181 7.16 13.47 8.67
CA GLY D 181 7.11 13.19 10.10
C GLY D 181 8.22 12.25 10.50
N TYR D 182 8.11 11.68 11.68
CA TYR D 182 9.06 10.69 12.17
C TYR D 182 8.34 9.81 13.17
N GLY D 183 9.03 8.79 13.63
CA GLY D 183 8.44 7.86 14.58
C GLY D 183 9.48 6.99 15.22
N TYR D 184 9.05 6.27 16.27
CA TYR D 184 9.88 5.36 17.04
C TYR D 184 9.24 4.00 17.09
N GLU D 185 10.07 2.98 17.28
CA GLU D 185 9.62 1.59 17.44
C GLU D 185 10.41 0.92 18.52
N TRP D 186 9.73 0.11 19.36
CA TRP D 186 10.37 -0.71 20.39
C TRP D 186 10.08 -2.15 20.08
N TYR D 187 11.10 -2.93 19.72
CA TYR D 187 10.85 -4.32 19.38
C TYR D 187 11.67 -5.23 20.31
N SER D 188 11.08 -6.39 20.68
CA SER D 188 11.69 -7.32 21.61
C SER D 188 11.81 -8.73 21.00
N PRO D 189 12.82 -9.55 21.42
CA PRO D 189 12.93 -10.92 20.89
C PRO D 189 11.69 -11.77 21.20
N ASN D 190 11.27 -12.56 20.18
CA ASN D 190 10.16 -13.52 20.16
C ASN D 190 8.81 -12.85 20.47
N VAL D 191 8.74 -11.51 20.28
CA VAL D 191 7.55 -10.70 20.52
C VAL D 191 7.30 -9.77 19.32
N GLY D 192 8.36 -9.13 18.84
CA GLY D 192 8.29 -8.14 17.76
C GLY D 192 8.01 -6.79 18.36
N LEU D 193 7.12 -6.01 17.74
CA LEU D 193 6.78 -4.66 18.25
C LEU D 193 6.02 -4.72 19.58
N VAL D 194 6.53 -3.98 20.58
CA VAL D 194 6.01 -3.83 21.95
C VAL D 194 5.32 -2.44 22.06
N ARG D 195 5.98 -1.39 21.53
CA ARG D 195 5.48 -0.01 21.51
C ARG D 195 5.92 0.72 20.26
N THR D 196 5.08 1.61 19.76
CA THR D 196 5.41 2.48 18.62
C THR D 196 4.86 3.88 18.90
N GLU D 197 5.54 4.93 18.43
CA GLU D 197 5.10 6.33 18.55
C GLU D 197 5.23 7.04 17.20
N GLN D 198 4.25 7.88 16.85
CA GLN D 198 4.29 8.60 15.56
C GLN D 198 4.14 10.09 15.79
N TYR D 199 5.07 10.89 15.23
CA TYR D 199 5.13 12.36 15.36
C TYR D 199 5.05 13.07 14.02
N ASP D 200 4.52 14.30 14.01
CA ASP D 200 4.46 15.13 12.81
C ASP D 200 5.76 15.94 12.68
N LYS D 201 5.89 16.78 11.62
CA LYS D 201 7.14 17.55 11.42
C LYS D 201 7.40 18.55 12.57
N ASN D 202 6.35 18.90 13.34
CA ASN D 202 6.44 19.87 14.45
C ASN D 202 6.59 19.19 15.81
N ASN D 203 7.00 17.90 15.83
CA ASN D 203 7.30 17.07 17.00
C ASN D 203 6.07 16.90 17.92
N VAL D 204 4.89 16.85 17.31
CA VAL D 204 3.61 16.63 17.99
C VAL D 204 3.24 15.16 17.86
N LEU D 205 3.07 14.44 18.99
CA LEU D 205 2.68 13.03 18.99
C LEU D 205 1.31 12.91 18.39
N GLN D 206 1.18 12.14 17.32
CA GLN D 206 -0.08 12.00 16.61
C GLN D 206 -0.82 10.78 17.08
N SER D 207 -0.08 9.70 17.36
CA SER D 207 -0.57 8.40 17.78
C SER D 207 0.53 7.56 18.39
N TYR D 208 0.15 6.42 18.96
CA TYR D 208 1.05 5.44 19.55
C TYR D 208 0.33 4.09 19.61
N THR D 209 1.11 3.00 19.70
CA THR D 209 0.56 1.65 19.82
C THR D 209 1.26 0.92 20.94
N VAL D 210 0.55 0.00 21.61
CA VAL D 210 1.09 -0.80 22.70
C VAL D 210 0.62 -2.21 22.55
N LEU D 211 1.51 -3.16 22.95
CA LEU D 211 1.21 -4.59 23.03
C LEU D 211 0.42 -4.81 24.32
N GLU D 212 -0.84 -5.23 24.20
CA GLU D 212 -1.69 -5.39 25.37
C GLU D 212 -1.85 -6.86 25.81
N GLU D 213 -1.84 -7.79 24.88
CA GLU D 213 -2.00 -9.22 25.16
C GLU D 213 -1.02 -10.06 24.36
N LEU D 214 -0.56 -11.17 24.96
CA LEU D 214 0.33 -12.14 24.31
C LEU D 214 0.23 -13.48 25.06
N LYS D 215 -0.36 -14.49 24.39
CA LYS D 215 -0.56 -15.85 24.91
C LYS D 215 -0.17 -16.88 23.85
N ASP E 3 -11.51 4.01 -22.99
CA ASP E 3 -10.25 4.23 -23.70
C ASP E 3 -9.26 5.01 -22.79
N CYS E 4 -8.03 5.34 -23.29
CA CYS E 4 -6.92 5.97 -22.52
C CYS E 4 -5.58 5.81 -23.35
N THR E 5 -4.60 6.75 -23.21
CA THR E 5 -3.32 6.65 -23.92
C THR E 5 -2.42 5.69 -23.16
N PHE E 6 -2.07 4.61 -23.83
CA PHE E 6 -1.32 3.51 -23.29
C PHE E 6 0.15 3.63 -23.72
N PHE E 7 1.06 3.93 -22.77
CA PHE E 7 2.50 4.05 -23.07
C PHE E 7 3.19 2.68 -22.98
N PHE E 8 2.70 1.69 -23.76
CA PHE E 8 3.23 0.31 -23.81
C PHE E 8 2.54 -0.45 -24.95
N PRO E 9 3.16 -1.44 -25.61
CA PRO E 9 2.43 -2.19 -26.66
C PRO E 9 1.16 -2.84 -26.09
N GLN E 10 0.07 -2.82 -26.85
CA GLN E 10 -1.21 -3.34 -26.34
C GLN E 10 -1.88 -4.33 -27.31
N THR E 11 -1.12 -4.89 -28.27
CA THR E 11 -1.66 -5.86 -29.23
C THR E 11 -1.02 -7.20 -28.93
N GLU E 12 -1.87 -8.24 -28.76
CA GLU E 12 -1.45 -9.59 -28.45
C GLU E 12 -0.50 -10.13 -29.52
N GLY E 13 0.63 -10.64 -29.08
CA GLY E 13 1.66 -11.22 -29.94
C GLY E 13 2.71 -10.26 -30.45
N THR E 14 2.57 -8.96 -30.13
CA THR E 14 3.51 -7.94 -30.54
C THR E 14 4.83 -8.24 -29.85
N VAL E 15 5.92 -8.21 -30.61
CA VAL E 15 7.27 -8.46 -30.12
C VAL E 15 8.11 -7.20 -30.32
N TRP E 16 9.08 -6.97 -29.41
CA TRP E 16 9.99 -5.85 -29.54
C TRP E 16 11.31 -6.18 -28.85
N VAL E 17 12.36 -5.48 -29.29
CA VAL E 17 13.72 -5.64 -28.80
C VAL E 17 14.31 -4.28 -28.49
N ARG E 18 14.83 -4.15 -27.28
CA ARG E 18 15.60 -3.01 -26.81
C ARG E 18 16.97 -3.54 -26.52
N LYS E 19 18.01 -2.79 -26.90
CA LYS E 19 19.38 -3.23 -26.64
C LYS E 19 20.08 -2.22 -25.72
N GLY E 20 20.83 -2.75 -24.76
CA GLY E 20 21.56 -1.98 -23.76
C GLY E 20 23.03 -1.88 -24.12
N TYR E 21 23.54 -0.64 -24.16
CA TYR E 21 24.91 -0.30 -24.54
C TYR E 21 25.62 0.44 -23.44
N ASP E 22 26.96 0.40 -23.44
CA ASP E 22 27.79 1.16 -22.51
C ASP E 22 28.03 2.53 -23.13
N ALA E 23 28.76 3.42 -22.42
CA ALA E 23 29.04 4.78 -22.88
C ALA E 23 29.75 4.81 -24.27
N LYS E 24 30.68 3.86 -24.50
CA LYS E 24 31.46 3.74 -25.73
C LYS E 24 30.62 3.21 -26.92
N GLY E 25 29.45 2.63 -26.64
CA GLY E 25 28.55 2.10 -27.66
C GLY E 25 28.63 0.60 -27.88
N ASN E 26 29.23 -0.15 -26.93
CA ASN E 26 29.33 -1.61 -27.01
C ASN E 26 28.12 -2.26 -26.43
N LEU E 27 27.59 -3.28 -27.13
CA LEU E 27 26.42 -4.03 -26.68
C LEU E 27 26.72 -4.75 -25.36
N GLN E 28 25.84 -4.55 -24.39
CA GLN E 28 25.93 -5.12 -23.05
C GLN E 28 24.81 -6.13 -22.79
N SER E 29 23.57 -5.79 -23.24
CA SER E 29 22.39 -6.62 -23.00
C SER E 29 21.36 -6.49 -24.10
N VAL E 30 20.61 -7.61 -24.32
CA VAL E 30 19.51 -7.70 -25.28
C VAL E 30 18.24 -7.92 -24.46
N MSE E 31 17.20 -7.07 -24.69
CA MSE E 31 15.95 -7.16 -23.93
C MSE E 31 14.81 -7.45 -24.89
O MSE E 31 14.43 -6.59 -25.67
CB MSE E 31 15.74 -5.88 -23.12
CG MSE E 31 16.89 -5.66 -22.13
SE MSE E 31 16.98 -3.91 -21.39
CE MSE E 31 17.57 -2.91 -22.95
N SER E 32 14.32 -8.69 -24.85
CA SER E 32 13.26 -9.16 -25.75
C SER E 32 11.95 -9.29 -25.02
N TYR E 33 10.89 -8.70 -25.60
CA TYR E 33 9.57 -8.68 -25.01
C TYR E 33 8.52 -9.21 -25.94
N GLN E 34 7.36 -9.55 -25.36
CA GLN E 34 6.19 -9.99 -26.10
C GLN E 34 4.90 -9.83 -25.31
N VAL E 35 3.87 -9.21 -25.92
CA VAL E 35 2.54 -9.07 -25.32
C VAL E 35 1.89 -10.46 -25.29
N ASP E 36 1.71 -11.01 -24.10
CA ASP E 36 1.14 -12.35 -23.95
C ASP E 36 -0.39 -12.27 -23.90
N GLU E 37 -0.96 -11.38 -23.05
CA GLU E 37 -2.41 -11.22 -22.90
C GLU E 37 -2.82 -9.74 -22.78
N VAL E 38 -3.94 -9.39 -23.42
CA VAL E 38 -4.58 -8.06 -23.41
C VAL E 38 -6.03 -8.25 -22.95
N GLU E 39 -6.44 -7.49 -21.94
CA GLU E 39 -7.81 -7.55 -21.41
C GLU E 39 -8.39 -6.14 -21.27
N THR E 40 -9.58 -5.96 -21.86
CA THR E 40 -10.31 -4.70 -21.80
C THR E 40 -11.31 -4.84 -20.64
N LEU E 41 -11.08 -4.07 -19.58
CA LEU E 41 -11.93 -4.02 -18.39
C LEU E 41 -12.76 -2.76 -18.46
N PRO E 42 -13.88 -2.60 -17.70
CA PRO E 42 -14.67 -1.36 -17.85
C PRO E 42 -13.92 -0.10 -17.40
N SER E 43 -13.05 -0.19 -16.37
CA SER E 43 -12.27 0.94 -15.85
C SER E 43 -11.07 1.32 -16.76
N GLY E 44 -10.56 0.33 -17.51
CA GLY E 44 -9.43 0.49 -18.43
C GLY E 44 -8.77 -0.81 -18.86
N GLN E 45 -7.79 -0.71 -19.77
CA GLN E 45 -7.10 -1.87 -20.33
C GLN E 45 -6.01 -2.40 -19.43
N GLU E 46 -5.78 -3.71 -19.46
CA GLU E 46 -4.69 -4.37 -18.73
C GLU E 46 -3.88 -5.21 -19.73
N VAL E 47 -2.56 -5.09 -19.71
CA VAL E 47 -1.67 -5.83 -20.62
C VAL E 47 -0.62 -6.59 -19.79
N GLU E 48 -0.38 -7.85 -20.13
CA GLU E 48 0.66 -8.66 -19.49
C GLU E 48 1.66 -9.11 -20.57
N ALA E 49 2.92 -8.73 -20.41
CA ALA E 49 3.98 -9.06 -21.36
C ALA E 49 5.09 -9.87 -20.71
N ASP E 50 5.70 -10.79 -21.47
CA ASP E 50 6.86 -11.57 -21.04
C ASP E 50 8.15 -10.89 -21.49
N TYR E 51 9.20 -11.01 -20.71
CA TYR E 51 10.49 -10.44 -21.10
C TYR E 51 11.60 -11.47 -20.85
N VAL E 52 12.66 -11.39 -21.65
CA VAL E 52 13.86 -12.20 -21.54
C VAL E 52 15.04 -11.28 -21.77
N TYR E 53 15.86 -11.12 -20.72
CA TYR E 53 17.09 -10.32 -20.82
C TYR E 53 18.23 -11.31 -21.00
N THR E 54 18.96 -11.16 -22.12
CA THR E 54 20.07 -12.04 -22.48
C THR E 54 21.30 -11.20 -22.65
N ASN E 55 22.48 -11.81 -22.53
CA ASN E 55 23.68 -11.03 -22.79
C ASN E 55 24.03 -11.22 -24.29
N PRO E 56 25.02 -10.49 -24.87
CA PRO E 56 25.23 -10.56 -26.32
C PRO E 56 25.41 -11.96 -26.91
N SER E 57 25.95 -12.94 -26.13
CA SER E 57 26.15 -14.32 -26.59
C SER E 57 24.79 -15.03 -26.76
N GLY E 58 23.82 -14.66 -25.93
CA GLY E 58 22.48 -15.20 -25.95
C GLY E 58 22.05 -15.88 -24.66
N THR E 59 22.95 -16.04 -23.68
CA THR E 59 22.64 -16.68 -22.40
C THR E 59 21.68 -15.80 -21.60
N ILE E 60 20.66 -16.42 -20.96
CA ILE E 60 19.65 -15.72 -20.18
C ILE E 60 20.25 -15.17 -18.88
N VAL E 61 19.97 -13.88 -18.55
CA VAL E 61 20.45 -13.23 -17.32
C VAL E 61 19.23 -12.93 -16.44
N ASN E 62 18.06 -12.75 -17.04
CA ASN E 62 16.83 -12.56 -16.29
C ASN E 62 15.65 -12.78 -17.21
N LYS E 63 14.58 -13.31 -16.64
CA LYS E 63 13.34 -13.55 -17.32
C LYS E 63 12.23 -13.31 -16.32
N GLY E 64 11.11 -12.80 -16.83
CA GLY E 64 9.94 -12.52 -16.03
C GLY E 64 8.81 -11.97 -16.86
N ASP E 65 7.81 -11.42 -16.18
CA ASP E 65 6.66 -10.81 -16.82
C ASP E 65 6.43 -9.42 -16.23
N ILE E 66 5.85 -8.54 -17.05
CA ILE E 66 5.59 -7.17 -16.67
C ILE E 66 4.13 -6.83 -16.98
N LYS E 67 3.47 -6.16 -16.05
CA LYS E 67 2.09 -5.76 -16.22
C LYS E 67 2.00 -4.25 -16.45
N ALA E 68 1.07 -3.85 -17.33
CA ALA E 68 0.78 -2.44 -17.66
C ALA E 68 -0.70 -2.26 -17.69
N TYR E 69 -1.20 -1.16 -17.16
CA TYR E 69 -2.65 -0.95 -17.18
C TYR E 69 -3.05 0.53 -17.17
N CYS E 70 -4.25 0.83 -17.69
CA CYS E 70 -4.99 2.10 -17.64
C CYS E 70 -6.03 1.95 -16.56
N GLN E 71 -6.13 2.90 -15.65
CA GLN E 71 -7.17 2.89 -14.63
C GLN E 71 -7.73 4.30 -14.51
N ASN E 72 -8.99 4.51 -14.96
CA ASN E 72 -9.73 5.79 -14.96
C ASN E 72 -8.90 6.93 -15.59
N GLY E 73 -8.36 6.69 -16.78
CA GLY E 73 -7.62 7.66 -17.58
C GLY E 73 -6.15 7.82 -17.30
N GLU E 74 -5.60 7.07 -16.28
CA GLU E 74 -4.21 7.14 -15.89
C GLU E 74 -3.52 5.84 -16.22
N PHE E 75 -2.29 5.94 -16.79
CA PHE E 75 -1.50 4.81 -17.24
C PHE E 75 -0.40 4.46 -16.23
N PHE E 76 -0.29 3.17 -15.88
CA PHE E 76 0.70 2.64 -14.94
C PHE E 76 1.49 1.47 -15.52
N LEU E 77 2.73 1.35 -15.10
CA LEU E 77 3.64 0.28 -15.53
C LEU E 77 4.51 -0.14 -14.35
N ASP E 78 4.84 -1.44 -14.23
CA ASP E 78 5.74 -1.91 -13.15
C ASP E 78 7.10 -1.17 -13.24
N SER E 79 7.50 -0.53 -12.13
CA SER E 79 8.71 0.29 -12.00
C SER E 79 10.03 -0.44 -12.35
N LYS E 80 10.04 -1.78 -12.51
CA LYS E 80 11.25 -2.55 -12.85
C LYS E 80 11.69 -2.23 -14.29
N GLU E 81 10.74 -1.73 -15.12
CA GLU E 81 10.98 -1.32 -16.50
C GLU E 81 12.00 -0.11 -16.56
N THR E 82 12.03 0.71 -15.48
CA THR E 82 12.92 1.87 -15.31
C THR E 82 14.39 1.35 -15.13
N LEU E 83 14.57 0.07 -14.64
CA LEU E 83 15.88 -0.55 -14.36
C LEU E 83 16.33 -1.46 -15.51
N SER E 84 15.70 -1.31 -16.71
CA SER E 84 16.00 -2.03 -17.96
C SER E 84 17.29 -1.49 -18.57
N TYR E 85 18.40 -1.52 -17.83
CA TYR E 85 19.62 -0.96 -18.38
C TYR E 85 20.83 -1.74 -17.90
N PRO E 86 21.97 -1.73 -18.69
CA PRO E 86 23.17 -2.50 -18.33
C PRO E 86 23.59 -2.43 -16.84
N GLY E 87 23.63 -1.25 -16.22
CA GLY E 87 24.00 -1.09 -14.80
C GLY E 87 23.38 -2.08 -13.83
N VAL E 88 22.05 -2.27 -13.96
CA VAL E 88 21.21 -3.17 -13.16
C VAL E 88 21.31 -4.59 -13.73
N VAL E 89 20.96 -4.75 -15.04
CA VAL E 89 20.87 -5.98 -15.83
C VAL E 89 22.23 -6.78 -15.84
N SER E 90 23.42 -6.10 -15.88
CA SER E 90 24.77 -6.73 -15.87
C SER E 90 25.05 -7.51 -14.57
N GLU E 91 24.50 -6.99 -13.47
CA GLU E 91 24.63 -7.55 -12.12
C GLU E 91 23.74 -8.82 -11.91
N MSE E 92 22.60 -8.92 -12.64
CA MSE E 92 21.60 -9.98 -12.53
C MSE E 92 22.01 -11.37 -12.99
O MSE E 92 22.92 -11.58 -13.80
CB MSE E 92 20.34 -9.61 -13.32
CG MSE E 92 19.49 -8.62 -12.61
SE MSE E 92 18.23 -7.95 -13.87
CE MSE E 92 16.99 -6.99 -12.75
N ASN E 93 21.29 -12.33 -12.41
CA ASN E 93 21.16 -13.75 -12.65
C ASN E 93 19.64 -14.01 -12.54
N THR E 94 19.16 -15.21 -12.84
CA THR E 94 17.72 -15.45 -12.88
C THR E 94 17.09 -15.55 -11.46
N ASN E 95 17.92 -15.68 -10.40
CA ASN E 95 17.41 -15.69 -9.01
C ASN E 95 17.13 -14.28 -8.53
N VAL E 96 17.64 -13.28 -9.25
CA VAL E 96 17.45 -11.88 -8.93
C VAL E 96 16.00 -11.46 -9.26
N ASP E 97 15.29 -10.91 -8.25
CA ASP E 97 13.94 -10.42 -8.40
C ASP E 97 13.87 -8.99 -7.88
N ILE E 98 12.82 -8.28 -8.29
CA ILE E 98 12.56 -6.91 -7.87
C ILE E 98 11.13 -6.88 -7.30
N THR E 99 10.94 -6.12 -6.21
CA THR E 99 9.66 -5.91 -5.58
C THR E 99 8.74 -5.16 -6.56
N GLU E 100 7.45 -5.50 -6.54
CA GLU E 100 6.46 -4.89 -7.41
C GLU E 100 6.13 -3.50 -6.91
N ASN E 101 6.16 -2.52 -7.80
CA ASN E 101 5.78 -1.13 -7.53
C ASN E 101 5.32 -0.54 -8.86
N PHE E 102 4.02 -0.26 -8.98
CA PHE E 102 3.46 0.30 -10.21
C PHE E 102 3.51 1.78 -10.13
N ILE E 103 4.10 2.42 -11.15
CA ILE E 103 4.23 3.87 -11.21
C ILE E 103 3.51 4.42 -12.44
N ASN E 104 2.96 5.61 -12.32
CA ASN E 104 2.27 6.26 -13.44
C ASN E 104 3.27 6.85 -14.45
N TYR E 105 2.80 6.99 -15.69
CA TYR E 105 3.48 7.64 -16.79
C TYR E 105 2.51 8.70 -17.34
N PRO E 106 2.75 9.97 -17.01
CA PRO E 106 1.87 11.05 -17.45
C PRO E 106 1.76 11.17 -18.95
N ASN E 107 0.65 11.78 -19.39
CA ASN E 107 0.39 11.98 -20.80
C ASN E 107 0.60 13.47 -21.13
N PRO E 108 1.73 13.85 -21.76
CA PRO E 108 1.93 15.27 -22.11
C PRO E 108 1.13 15.69 -23.33
N TYR E 109 0.35 14.75 -23.93
CA TYR E 109 -0.44 15.04 -25.12
C TYR E 109 -1.93 15.32 -24.85
N ALA E 110 -2.40 15.10 -23.61
CA ALA E 110 -3.81 15.35 -23.29
C ALA E 110 -4.02 16.82 -23.01
N ALA E 111 -5.26 17.29 -23.26
CA ALA E 111 -5.73 18.66 -23.10
C ALA E 111 -5.57 19.21 -21.68
N ASN E 112 -5.74 18.34 -20.67
CA ASN E 112 -5.65 18.72 -19.25
C ASN E 112 -4.20 18.68 -18.72
N PHE E 113 -3.19 18.57 -19.61
CA PHE E 113 -1.81 18.45 -19.16
C PHE E 113 -1.30 19.78 -18.68
N ASP E 114 -0.85 19.83 -17.41
CA ASP E 114 -0.26 21.01 -16.77
C ASP E 114 1.26 20.82 -16.73
N LYS E 115 1.98 21.43 -17.68
CA LYS E 115 3.43 21.31 -17.85
C LYS E 115 4.18 21.75 -16.59
N ASN E 116 3.55 22.63 -15.78
CA ASN E 116 4.12 23.21 -14.54
C ASN E 116 3.72 22.41 -13.28
N ASN E 117 2.79 21.47 -13.41
CA ASN E 117 2.34 20.67 -12.28
C ASN E 117 2.02 19.26 -12.79
N VAL E 118 3.07 18.40 -12.80
CA VAL E 118 2.98 17.02 -13.27
C VAL E 118 3.30 16.09 -12.10
N TYR E 119 2.31 15.35 -11.56
CA TYR E 119 2.55 14.41 -10.46
C TYR E 119 3.11 13.10 -10.98
N PHE E 120 4.17 12.62 -10.31
CA PHE E 120 4.83 11.36 -10.62
C PHE E 120 4.95 10.50 -9.39
N ASP E 121 4.59 9.24 -9.49
CA ASP E 121 4.76 8.30 -8.38
C ASP E 121 6.22 8.03 -8.19
N GLU E 122 6.66 7.70 -6.98
CA GLU E 122 8.07 7.34 -6.77
C GLU E 122 8.19 5.86 -6.79
N ALA E 123 9.31 5.36 -7.27
CA ALA E 123 9.55 3.93 -7.38
C ALA E 123 10.73 3.54 -6.59
N SER E 124 10.50 3.22 -5.34
CA SER E 124 11.60 2.77 -4.52
C SER E 124 11.39 1.27 -4.36
N VAL E 125 12.28 0.52 -4.98
CA VAL E 125 12.19 -0.93 -4.99
C VAL E 125 13.41 -1.58 -4.31
N LYS E 126 13.27 -2.85 -3.98
CA LYS E 126 14.32 -3.70 -3.47
C LYS E 126 14.62 -4.75 -4.51
N ILE E 127 15.90 -4.90 -4.88
CA ILE E 127 16.37 -5.92 -5.81
C ILE E 127 17.10 -6.94 -4.93
N TYR E 128 16.75 -8.22 -5.03
CA TYR E 128 17.24 -9.26 -4.12
C TYR E 128 17.34 -10.61 -4.81
N ASP E 129 18.03 -11.55 -4.15
CA ASP E 129 18.20 -12.94 -4.57
C ASP E 129 17.05 -13.76 -3.94
N LYS E 130 16.18 -14.32 -4.79
CA LYS E 130 15.02 -15.15 -4.41
C LYS E 130 15.42 -16.28 -3.46
N LYS E 131 16.63 -16.84 -3.68
CA LYS E 131 17.18 -17.98 -2.94
C LYS E 131 17.92 -17.54 -1.66
N ASN E 132 18.37 -16.27 -1.58
CA ASN E 132 19.07 -15.69 -0.43
C ASN E 132 18.68 -14.21 -0.29
N ARG E 133 17.57 -13.96 0.42
CA ARG E 133 16.99 -12.62 0.62
C ARG E 133 17.89 -11.73 1.52
N LYS E 134 18.98 -12.26 2.11
CA LYS E 134 19.96 -11.45 2.85
C LYS E 134 20.78 -10.64 1.84
N ASN E 135 20.83 -11.12 0.58
CA ASN E 135 21.51 -10.46 -0.51
C ASN E 135 20.49 -9.55 -1.20
N ARG E 136 20.50 -8.25 -0.84
CA ARG E 136 19.57 -7.27 -1.40
C ARG E 136 20.20 -5.88 -1.51
N LYS E 137 19.55 -5.04 -2.31
CA LYS E 137 19.89 -3.67 -2.59
C LYS E 137 18.62 -2.85 -2.62
N ASP E 138 18.69 -1.65 -2.05
CA ASP E 138 17.62 -0.66 -2.15
C ASP E 138 17.89 0.22 -3.33
N MSE E 139 16.87 0.50 -4.14
CA MSE E 139 17.02 1.43 -5.24
C MSE E 139 15.87 2.36 -5.22
O MSE E 139 14.72 1.93 -5.31
CB MSE E 139 17.15 0.72 -6.56
CG MSE E 139 18.26 -0.30 -6.55
SE MSE E 139 18.50 -0.95 -8.30
CE MSE E 139 19.47 0.47 -8.97
N ALA E 140 16.17 3.65 -4.99
CA ALA E 140 15.13 4.69 -4.91
C ALA E 140 15.13 5.51 -6.19
N ILE E 141 14.05 5.43 -6.95
CA ILE E 141 13.82 6.22 -8.16
C ILE E 141 12.85 7.31 -7.72
N LYS E 142 13.36 8.53 -7.61
CA LYS E 142 12.62 9.66 -7.07
C LYS E 142 12.84 10.92 -7.92
N ASP E 143 12.16 12.02 -7.54
CA ASP E 143 12.25 13.32 -8.18
C ASP E 143 12.06 13.20 -9.69
N ARG E 144 11.06 12.40 -10.12
CA ARG E 144 10.76 12.23 -11.55
C ARG E 144 10.19 13.53 -12.06
N GLU E 145 10.70 14.03 -13.19
CA GLU E 145 10.19 15.28 -13.72
C GLU E 145 10.04 15.23 -15.22
N PHE E 146 9.03 15.97 -15.72
CA PHE E 146 8.78 16.13 -17.13
C PHE E 146 9.72 17.20 -17.70
N ILE E 147 10.45 16.86 -18.79
CA ILE E 147 11.35 17.77 -19.52
C ILE E 147 10.69 18.34 -20.79
N LYS E 148 10.22 17.50 -21.71
CA LYS E 148 9.65 17.90 -23.00
C LYS E 148 9.21 16.71 -23.83
N THR E 149 8.56 17.00 -24.95
CA THR E 149 8.22 15.99 -25.96
C THR E 149 9.13 16.25 -27.11
N GLU E 150 9.80 15.23 -27.63
CA GLU E 150 10.67 15.40 -28.79
C GLU E 150 10.56 14.17 -29.67
N SER E 151 10.97 14.30 -30.94
CA SER E 151 10.90 13.21 -31.88
C SER E 151 12.21 12.42 -31.85
N ILE E 152 12.12 11.11 -31.57
CA ILE E 152 13.29 10.24 -31.45
C ILE E 152 13.29 9.23 -32.60
N THR E 153 14.45 9.08 -33.26
CA THR E 153 14.63 8.12 -34.34
C THR E 153 15.61 7.04 -33.86
N THR E 154 15.15 5.78 -33.96
CA THR E 154 15.93 4.59 -33.61
C THR E 154 15.87 3.62 -34.81
N PRO E 155 16.59 2.46 -34.80
CA PRO E 155 16.45 1.52 -35.92
C PRO E 155 15.00 0.97 -36.08
N ALA E 156 14.13 1.12 -35.06
CA ALA E 156 12.73 0.66 -35.09
C ALA E 156 11.79 1.66 -35.79
N GLY E 157 12.24 2.92 -35.95
CA GLY E 157 11.50 4.00 -36.59
C GLY E 157 11.63 5.32 -35.88
N THR E 158 10.70 6.25 -36.16
CA THR E 158 10.66 7.59 -35.54
C THR E 158 9.39 7.69 -34.69
N PHE E 159 9.54 8.12 -33.42
CA PHE E 159 8.45 8.17 -32.44
C PHE E 159 8.37 9.49 -31.69
N ASP E 160 7.12 9.94 -31.40
CA ASP E 160 6.86 11.17 -30.62
C ASP E 160 6.88 10.73 -29.16
N CYS E 161 7.90 11.20 -28.41
CA CYS E 161 8.11 10.73 -27.04
C CYS E 161 8.01 11.85 -26.06
N ALA E 162 7.72 11.47 -24.81
CA ALA E 162 7.80 12.31 -23.65
C ALA E 162 9.16 12.04 -23.03
N LYS E 163 9.94 13.09 -22.79
CA LYS E 163 11.26 12.99 -22.16
C LYS E 163 11.09 13.34 -20.68
N VAL E 164 11.44 12.40 -19.83
CA VAL E 164 11.29 12.46 -18.38
C VAL E 164 12.65 12.11 -17.70
N LYS E 165 13.03 12.90 -16.70
CA LYS E 165 14.22 12.70 -15.90
C LYS E 165 13.82 12.07 -14.56
N TYR E 166 14.72 11.30 -13.93
CA TYR E 166 14.54 10.72 -12.59
C TYR E 166 15.90 10.72 -11.88
N ASN E 167 15.88 10.77 -10.54
CA ASN E 167 17.08 10.62 -9.72
C ASN E 167 17.12 9.21 -9.16
N ILE E 168 18.30 8.65 -8.98
CA ILE E 168 18.41 7.32 -8.44
C ILE E 168 19.45 7.30 -7.31
N ALA E 169 19.14 6.52 -6.26
CA ALA E 169 20.00 6.34 -5.10
C ALA E 169 20.00 4.87 -4.75
N THR E 170 21.19 4.27 -4.71
CA THR E 170 21.33 2.83 -4.45
C THR E 170 22.07 2.61 -3.13
N ARG E 171 21.47 1.79 -2.25
CA ARG E 171 21.99 1.38 -0.94
C ARG E 171 22.16 -0.12 -0.91
N SER E 172 23.19 -0.58 -0.21
CA SER E 172 23.49 -2.01 -0.06
C SER E 172 24.07 -2.26 1.31
N PRO E 173 23.69 -3.37 1.99
CA PRO E 173 24.30 -3.67 3.29
C PRO E 173 25.82 -3.86 3.21
N LYS E 174 26.32 -4.27 2.03
CA LYS E 174 27.73 -4.50 1.70
C LYS E 174 28.50 -3.16 1.52
N SER E 175 27.86 -2.15 0.87
CA SER E 175 28.38 -0.81 0.57
C SER E 175 28.17 0.19 1.75
N LYS E 176 29.26 0.90 2.16
CA LYS E 176 29.21 1.88 3.25
C LYS E 176 28.48 3.17 2.81
N GLU E 177 28.68 3.59 1.54
CA GLU E 177 28.08 4.81 0.99
C GLU E 177 26.91 4.52 0.00
N THR E 178 26.04 5.53 -0.15
CA THR E 178 24.91 5.55 -1.07
C THR E 178 25.41 6.01 -2.45
N ILE E 179 25.14 5.20 -3.50
CA ILE E 179 25.53 5.53 -4.86
C ILE E 179 24.37 6.30 -5.53
N THR E 180 24.66 7.52 -5.94
CA THR E 180 23.66 8.35 -6.60
C THR E 180 23.97 8.56 -8.07
N GLY E 181 22.95 8.85 -8.83
CA GLY E 181 22.99 9.15 -10.24
C GLY E 181 21.64 9.67 -10.68
N TYR E 182 21.44 9.69 -11.99
CA TYR E 182 20.17 10.12 -12.59
C TYR E 182 20.07 9.49 -13.94
N GLY E 183 18.94 9.68 -14.58
CA GLY E 183 18.68 9.13 -15.89
C GLY E 183 17.50 9.78 -16.58
N TYR E 184 17.37 9.47 -17.87
CA TYR E 184 16.30 9.97 -18.73
C TYR E 184 15.58 8.80 -19.37
N GLU E 185 14.33 9.02 -19.74
CA GLU E 185 13.52 8.05 -20.45
C GLU E 185 12.71 8.75 -21.52
N TRP E 186 12.62 8.14 -22.70
CA TRP E 186 11.79 8.58 -23.80
C TRP E 186 10.77 7.52 -24.03
N TYR E 187 9.49 7.80 -23.71
CA TYR E 187 8.43 6.81 -23.91
C TYR E 187 7.38 7.35 -24.89
N SER E 188 6.82 6.44 -25.70
CA SER E 188 5.91 6.83 -26.76
C SER E 188 4.64 6.01 -26.73
N PRO E 189 3.48 6.61 -27.09
CA PRO E 189 2.21 5.84 -27.07
C PRO E 189 2.28 4.55 -27.87
N ASN E 190 1.72 3.48 -27.27
CA ASN E 190 1.58 2.10 -27.80
C ASN E 190 2.95 1.47 -28.11
N VAL E 191 4.03 2.01 -27.49
CA VAL E 191 5.39 1.54 -27.69
C VAL E 191 6.09 1.39 -26.34
N GLY E 192 5.91 2.37 -25.47
CA GLY E 192 6.58 2.42 -24.17
C GLY E 192 7.96 3.03 -24.36
N LEU E 193 8.99 2.45 -23.72
CA LEU E 193 10.36 2.97 -23.82
C LEU E 193 10.96 2.82 -25.22
N VAL E 194 11.44 3.96 -25.78
CA VAL E 194 12.08 4.12 -27.10
C VAL E 194 13.59 4.29 -26.88
N ARG E 195 13.97 5.14 -25.91
CA ARG E 195 15.34 5.42 -25.53
C ARG E 195 15.44 5.71 -24.03
N THR E 196 16.54 5.27 -23.40
CA THR E 196 16.85 5.56 -22.00
C THR E 196 18.33 5.91 -21.91
N GLU E 197 18.71 6.80 -20.97
CA GLU E 197 20.09 7.18 -20.69
C GLU E 197 20.33 7.17 -19.20
N GLN E 198 21.52 6.69 -18.75
CA GLN E 198 21.83 6.61 -17.33
C GLN E 198 23.17 7.28 -17.06
N TYR E 199 23.19 8.22 -16.11
CA TYR E 199 24.34 9.03 -15.71
C TYR E 199 24.73 8.83 -14.25
N ASP E 200 26.01 8.99 -13.96
CA ASP E 200 26.54 8.93 -12.60
C ASP E 200 26.43 10.33 -11.95
N LYS E 201 26.88 10.48 -10.67
CA LYS E 201 26.81 11.76 -9.94
C LYS E 201 27.65 12.84 -10.61
N ASN E 202 28.65 12.46 -11.44
CA ASN E 202 29.54 13.40 -12.14
C ASN E 202 29.06 13.70 -13.57
N ASN E 203 27.78 13.42 -13.90
CA ASN E 203 27.11 13.66 -15.18
C ASN E 203 27.82 12.94 -16.35
N VAL E 204 28.39 11.76 -16.06
CA VAL E 204 29.05 10.91 -17.05
C VAL E 204 28.06 9.83 -17.46
N LEU E 205 27.76 9.73 -18.78
CA LEU E 205 26.87 8.71 -19.30
C LEU E 205 27.49 7.36 -19.07
N GLN E 206 26.78 6.49 -18.38
CA GLN E 206 27.27 5.16 -18.02
C GLN E 206 26.78 4.12 -19.01
N SER E 207 25.53 4.29 -19.48
CA SER E 207 24.85 3.40 -20.40
C SER E 207 23.64 4.07 -21.01
N TYR E 208 23.06 3.42 -22.01
CA TYR E 208 21.86 3.84 -22.71
C TYR E 208 21.20 2.63 -23.36
N THR E 209 19.89 2.75 -23.66
CA THR E 209 19.15 1.69 -24.33
C THR E 209 18.38 2.29 -25.50
N VAL E 210 18.18 1.51 -26.56
CA VAL E 210 17.42 1.92 -27.72
C VAL E 210 16.50 0.80 -28.15
N LEU E 211 15.32 1.18 -28.67
CA LEU E 211 14.36 0.28 -29.28
C LEU E 211 14.85 -0.01 -30.68
N GLU E 212 15.18 -1.27 -30.96
CA GLU E 212 15.75 -1.64 -32.26
C GLU E 212 14.73 -2.33 -33.19
N GLU E 213 13.80 -3.10 -32.62
CA GLU E 213 12.79 -3.84 -33.38
C GLU E 213 11.44 -3.73 -32.73
N LEU E 214 10.38 -3.71 -33.55
CA LEU E 214 8.99 -3.71 -33.11
C LEU E 214 8.13 -4.20 -34.27
N LYS E 215 7.53 -5.41 -34.10
CA LYS E 215 6.63 -6.07 -35.04
C LYS E 215 5.37 -6.58 -34.32
N GLN F 2 -8.09 29.89 16.34
CA GLN F 2 -7.01 30.84 16.06
C GLN F 2 -5.61 30.16 16.16
N ASP F 3 -4.91 30.10 15.00
CA ASP F 3 -3.59 29.49 14.83
C ASP F 3 -2.57 30.21 15.68
N CYS F 4 -1.79 29.43 16.42
CA CYS F 4 -0.70 29.89 17.29
C CYS F 4 0.23 28.73 17.56
N THR F 5 1.47 28.81 17.03
CA THR F 5 2.52 27.81 17.23
C THR F 5 3.06 27.99 18.67
N PHE F 6 3.08 26.90 19.44
CA PHE F 6 3.51 26.87 20.82
C PHE F 6 4.99 26.44 20.91
N PHE F 7 5.89 27.38 21.27
CA PHE F 7 7.32 27.09 21.35
C PHE F 7 7.69 26.64 22.76
N PHE F 8 7.06 25.54 23.22
CA PHE F 8 7.26 24.94 24.55
C PHE F 8 6.46 23.65 24.64
N PRO F 9 6.86 22.62 25.44
CA PRO F 9 6.04 21.39 25.52
C PRO F 9 4.63 21.71 26.01
N GLN F 10 3.64 21.05 25.44
CA GLN F 10 2.24 21.37 25.77
C GLN F 10 1.41 20.11 26.13
N THR F 11 2.07 19.00 26.45
CA THR F 11 1.39 17.76 26.82
C THR F 11 1.66 17.48 28.28
N GLU F 12 0.59 17.27 29.07
CA GLU F 12 0.64 17.01 30.51
C GLU F 12 1.48 15.77 30.79
N GLY F 13 2.44 15.92 31.70
CA GLY F 13 3.34 14.84 32.11
C GLY F 13 4.62 14.72 31.32
N THR F 14 4.78 15.52 30.26
CA THR F 14 5.98 15.51 29.42
C THR F 14 7.13 15.99 30.27
N VAL F 15 8.25 15.25 30.21
CA VAL F 15 9.46 15.58 30.93
C VAL F 15 10.58 15.85 29.91
N TRP F 16 11.50 16.72 30.28
CA TRP F 16 12.66 17.02 29.44
C TRP F 16 13.83 17.47 30.33
N VAL F 17 15.04 17.28 29.78
CA VAL F 17 16.28 17.60 30.46
C VAL F 17 17.15 18.38 29.52
N ARG F 18 17.65 19.47 30.04
CA ARG F 18 18.62 20.33 29.38
C ARG F 18 19.86 20.36 30.25
N LYS F 19 21.02 20.26 29.66
CA LYS F 19 22.22 20.28 30.48
C LYS F 19 23.08 21.48 30.11
N GLY F 20 23.61 22.13 31.14
CA GLY F 20 24.45 23.32 31.03
C GLY F 20 25.93 22.99 31.14
N TYR F 21 26.70 23.44 30.14
CA TYR F 21 28.13 23.19 30.01
C TYR F 21 28.94 24.48 29.93
N ASP F 22 30.23 24.42 30.30
CA ASP F 22 31.15 25.55 30.16
C ASP F 22 31.72 25.53 28.73
N ALA F 23 32.59 26.49 28.37
CA ALA F 23 33.21 26.60 27.04
C ALA F 23 33.97 25.32 26.65
N LYS F 24 34.67 24.69 27.63
CA LYS F 24 35.46 23.48 27.40
C LYS F 24 34.59 22.20 27.23
N GLY F 25 33.32 22.27 27.62
CA GLY F 25 32.40 21.14 27.49
C GLY F 25 32.14 20.34 28.76
N ASN F 26 32.53 20.91 29.92
CA ASN F 26 32.31 20.26 31.22
C ASN F 26 30.93 20.58 31.76
N LEU F 27 30.21 19.55 32.26
CA LEU F 27 28.88 19.69 32.83
C LEU F 27 28.94 20.59 34.05
N GLN F 28 28.05 21.59 34.06
CA GLN F 28 27.92 22.60 35.12
C GLN F 28 26.60 22.46 35.86
N SER F 29 25.50 22.23 35.11
CA SER F 29 24.14 22.15 35.65
C SER F 29 23.23 21.22 34.86
N VAL F 30 22.28 20.61 35.58
CA VAL F 30 21.22 19.76 35.02
C VAL F 30 19.90 20.50 35.24
N MSE F 31 19.12 20.67 34.16
CA MSE F 31 17.84 21.39 34.23
C MSE F 31 16.72 20.46 33.81
O MSE F 31 16.58 20.13 32.63
CB MSE F 31 17.90 22.66 33.38
CG MSE F 31 19.00 23.61 33.84
SE MSE F 31 19.42 24.94 32.53
CE MSE F 31 20.31 23.89 31.22
N SER F 32 15.95 20.00 34.81
CA SER F 32 14.86 19.07 34.62
C SER F 32 13.53 19.77 34.69
N TYR F 33 12.66 19.50 33.72
CA TYR F 33 11.36 20.11 33.63
C TYR F 33 10.25 19.09 33.48
N GLN F 34 9.01 19.52 33.74
CA GLN F 34 7.83 18.69 33.57
C GLN F 34 6.57 19.54 33.44
N VAL F 35 5.75 19.24 32.42
CA VAL F 35 4.46 19.91 32.22
C VAL F 35 3.51 19.43 33.31
N ASP F 36 3.13 20.32 34.23
CA ASP F 36 2.26 19.98 35.34
C ASP F 36 0.79 20.13 34.92
N GLU F 37 0.41 21.29 34.30
CA GLU F 37 -0.96 21.54 33.86
C GLU F 37 -1.03 22.22 32.49
N VAL F 38 -1.98 21.80 31.66
CA VAL F 38 -2.29 22.34 30.33
C VAL F 38 -3.77 22.74 30.31
N GLU F 39 -4.05 23.99 29.90
CA GLU F 39 -5.40 24.50 29.83
C GLU F 39 -5.65 25.20 28.51
N THR F 40 -6.73 24.80 27.83
CA THR F 40 -7.15 25.40 26.58
C THR F 40 -8.20 26.46 26.92
N LEU F 41 -7.84 27.72 26.70
CA LEU F 41 -8.72 28.87 26.93
C LEU F 41 -9.22 29.38 25.57
N PRO F 42 -10.30 30.21 25.50
CA PRO F 42 -10.75 30.68 24.17
C PRO F 42 -9.71 31.57 23.46
N SER F 43 -8.91 32.35 24.22
CA SER F 43 -7.89 33.26 23.70
C SER F 43 -6.59 32.53 23.22
N GLY F 44 -6.38 31.33 23.75
CA GLY F 44 -5.22 30.50 23.44
C GLY F 44 -4.94 29.46 24.51
N GLN F 45 -3.83 28.76 24.42
CA GLN F 45 -3.44 27.74 25.39
C GLN F 45 -2.55 28.29 26.46
N GLU F 46 -2.63 27.73 27.68
CA GLU F 46 -1.76 28.09 28.80
C GLU F 46 -1.13 26.81 29.35
N VAL F 47 0.17 26.83 29.60
CA VAL F 47 0.90 25.67 30.11
C VAL F 47 1.68 26.10 31.35
N GLU F 48 1.63 25.29 32.40
CA GLU F 48 2.41 25.52 33.62
C GLU F 48 3.35 24.31 33.84
N ALA F 49 4.63 24.55 33.89
CA ALA F 49 5.62 23.50 34.07
C ALA F 49 6.48 23.74 35.31
N ASP F 50 6.91 22.65 35.96
CA ASP F 50 7.83 22.68 37.10
C ASP F 50 9.25 22.48 36.63
N TYR F 51 10.22 23.11 37.32
CA TYR F 51 11.62 22.93 36.96
C TYR F 51 12.42 22.70 38.21
N VAL F 52 13.53 21.97 38.07
CA VAL F 52 14.49 21.67 39.13
C VAL F 52 15.85 21.76 38.52
N TYR F 53 16.64 22.72 38.99
CA TYR F 53 18.00 22.92 38.55
C TYR F 53 18.90 22.30 39.62
N THR F 54 19.70 21.31 39.22
CA THR F 54 20.60 20.59 40.12
C THR F 54 22.01 20.70 39.60
N ASN F 55 23.01 20.53 40.47
CA ASN F 55 24.38 20.55 39.96
C ASN F 55 24.75 19.09 39.62
N PRO F 56 25.92 18.81 38.98
CA PRO F 56 26.21 17.45 38.51
C PRO F 56 26.08 16.34 39.58
N SER F 57 26.33 16.62 40.88
CA SER F 57 26.20 15.63 41.96
C SER F 57 24.73 15.26 42.21
N GLY F 58 23.83 16.21 41.94
CA GLY F 58 22.40 16.06 42.11
C GLY F 58 21.75 16.96 43.13
N THR F 59 22.54 17.76 43.88
CA THR F 59 22.02 18.69 44.89
C THR F 59 21.26 19.82 44.19
N ILE F 60 20.10 20.21 44.76
CA ILE F 60 19.22 21.23 44.20
C ILE F 60 19.86 22.60 44.36
N VAL F 61 19.85 23.41 43.29
CA VAL F 61 20.39 24.78 43.33
C VAL F 61 19.20 25.74 43.17
N ASN F 62 18.13 25.32 42.48
CA ASN F 62 16.93 26.11 42.32
C ASN F 62 15.79 25.25 41.84
N LYS F 63 14.59 25.61 42.26
CA LYS F 63 13.35 24.96 41.88
C LYS F 63 12.28 26.03 41.82
N GLY F 64 11.36 25.84 40.91
CA GLY F 64 10.24 26.74 40.71
C GLY F 64 9.35 26.27 39.58
N ASP F 65 8.51 27.18 39.08
CA ASP F 65 7.58 26.88 38.00
C ASP F 65 7.66 27.96 36.95
N ILE F 66 7.35 27.57 35.70
CA ILE F 66 7.41 28.45 34.56
C ILE F 66 6.08 28.36 33.78
N LYS F 67 5.54 29.51 33.38
CA LYS F 67 4.31 29.56 32.63
C LYS F 67 4.60 29.93 31.17
N ALA F 68 3.84 29.34 30.25
CA ALA F 68 3.91 29.60 28.80
C ALA F 68 2.50 29.72 28.28
N TYR F 69 2.24 30.67 27.38
CA TYR F 69 0.89 30.77 26.84
C TYR F 69 0.84 31.38 25.43
N CYS F 70 -0.29 31.12 24.77
CA CYS F 70 -0.74 31.69 23.50
C CYS F 70 -1.85 32.64 23.82
N GLN F 71 -1.70 33.82 23.33
CA GLN F 71 -2.69 34.87 23.51
C GLN F 71 -2.87 35.47 22.17
N ASN F 72 -4.08 35.31 21.62
CA ASN F 72 -4.58 35.84 20.35
C ASN F 72 -3.51 35.81 19.23
N GLY F 73 -2.98 34.59 18.97
CA GLY F 73 -2.03 34.32 17.90
C GLY F 73 -0.57 34.55 18.18
N GLU F 74 -0.22 35.05 19.38
CA GLU F 74 1.17 35.29 19.75
C GLU F 74 1.57 34.41 20.94
N PHE F 75 2.82 33.88 20.91
CA PHE F 75 3.34 32.98 21.95
C PHE F 75 4.25 33.72 22.93
N PHE F 76 4.02 33.52 24.25
CA PHE F 76 4.81 34.14 25.33
C PHE F 76 5.35 33.09 26.32
N LEU F 77 6.50 33.39 26.89
CA LEU F 77 7.16 32.56 27.88
C LEU F 77 7.82 33.44 28.94
N ASP F 78 7.84 33.00 30.22
CA ASP F 78 8.52 33.76 31.28
C ASP F 78 10.00 33.94 30.93
N SER F 79 10.46 35.21 30.92
CA SER F 79 11.83 35.64 30.55
C SER F 79 12.96 34.99 31.38
N LYS F 80 12.64 34.30 32.52
CA LYS F 80 13.65 33.63 33.35
C LYS F 80 14.25 32.41 32.61
N GLU F 81 13.52 31.91 31.59
CA GLU F 81 13.94 30.78 30.73
C GLU F 81 15.21 31.19 29.91
N THR F 82 15.37 32.50 29.66
CA THR F 82 16.50 33.08 28.92
C THR F 82 17.79 32.96 29.80
N LEU F 83 17.64 32.87 31.16
CA LEU F 83 18.75 32.79 32.14
C LEU F 83 19.02 31.35 32.61
N SER F 84 18.50 30.35 31.84
CA SER F 84 18.69 28.91 32.04
C SER F 84 20.10 28.50 31.61
N TYR F 85 21.13 29.09 32.21
CA TYR F 85 22.49 28.76 31.77
C TYR F 85 23.45 28.82 32.95
N PRO F 86 24.56 28.00 32.90
CA PRO F 86 25.52 27.95 34.02
C PRO F 86 25.96 29.30 34.63
N GLY F 87 26.16 30.34 33.83
CA GLY F 87 26.57 31.68 34.29
C GLY F 87 25.74 32.27 35.42
N VAL F 88 24.40 32.12 35.35
CA VAL F 88 23.44 32.64 36.33
C VAL F 88 23.22 31.62 37.46
N VAL F 89 22.82 30.40 37.08
CA VAL F 89 22.48 29.24 37.90
C VAL F 89 23.68 28.83 38.84
N SER F 90 24.97 29.11 38.45
CA SER F 90 26.17 28.82 39.27
C SER F 90 26.20 29.70 40.55
N GLU F 91 25.63 30.91 40.48
CA GLU F 91 25.54 31.82 41.62
C GLU F 91 24.07 31.77 42.11
N MSE F 92 23.63 30.56 42.57
CA MSE F 92 22.25 30.35 43.06
C MSE F 92 22.09 29.33 44.18
O MSE F 92 22.87 28.39 44.32
CB MSE F 92 21.31 29.88 41.93
CG MSE F 92 20.68 30.97 41.13
SE MSE F 92 19.12 30.17 40.31
CE MSE F 92 19.00 31.11 38.52
N ASN F 93 21.01 29.53 44.93
CA ASN F 93 20.49 28.69 46.00
C ASN F 93 18.96 28.70 45.88
N THR F 94 18.23 27.92 46.68
CA THR F 94 16.78 27.82 46.49
C THR F 94 15.99 29.06 47.01
N ASN F 95 16.65 29.96 47.75
CA ASN F 95 16.03 31.22 48.20
C ASN F 95 16.06 32.26 47.08
N VAL F 96 16.85 31.99 46.03
CA VAL F 96 16.98 32.89 44.91
C VAL F 96 15.70 32.82 44.04
N ASP F 97 15.08 33.98 43.79
CA ASP F 97 13.90 34.09 42.95
C ASP F 97 14.13 35.15 41.86
N ILE F 98 13.28 35.10 40.82
CA ILE F 98 13.35 36.05 39.70
C ILE F 98 11.98 36.66 39.49
N THR F 99 11.96 37.97 39.21
CA THR F 99 10.76 38.71 38.89
C THR F 99 10.13 38.17 37.61
N GLU F 100 8.81 38.14 37.58
CA GLU F 100 8.05 37.68 36.43
C GLU F 100 8.04 38.75 35.35
N ASN F 101 8.35 38.36 34.12
CA ASN F 101 8.30 39.19 32.92
C ASN F 101 8.11 38.25 31.73
N PHE F 102 6.93 38.29 31.10
CA PHE F 102 6.62 37.44 29.97
C PHE F 102 7.01 38.12 28.69
N ILE F 103 7.78 37.42 27.85
CA ILE F 103 8.26 37.94 26.58
C ILE F 103 7.80 37.04 25.42
N ASN F 104 7.53 37.65 24.27
CA ASN F 104 7.09 36.91 23.09
C ASN F 104 8.25 36.21 22.42
N TYR F 105 7.92 35.14 21.68
CA TYR F 105 8.81 34.36 20.84
C TYR F 105 8.17 34.30 19.48
N PRO F 106 8.67 35.11 18.53
CA PRO F 106 8.06 35.17 17.20
C PRO F 106 8.10 33.85 16.45
N ASN F 107 7.14 33.68 15.53
CA ASN F 107 7.04 32.47 14.69
C ASN F 107 7.48 32.81 13.25
N PRO F 108 8.70 32.40 12.81
CA PRO F 108 9.17 32.75 11.44
C PRO F 108 8.38 32.11 10.29
N TYR F 109 7.54 31.08 10.57
CA TYR F 109 6.79 30.31 9.58
CA TYR F 109 6.79 30.41 9.50
C TYR F 109 5.32 30.89 9.48
N ALA F 110 5.02 31.96 10.24
CA ALA F 110 3.69 32.57 10.23
C ALA F 110 3.50 33.38 8.93
N ALA F 111 2.24 33.50 8.47
CA ALA F 111 1.89 34.24 7.25
C ALA F 111 2.13 35.75 7.42
N ASN F 112 1.86 36.27 8.62
CA ASN F 112 2.05 37.70 8.93
C ASN F 112 3.49 37.93 9.42
N PHE F 113 4.49 37.27 8.76
CA PHE F 113 5.89 37.41 9.19
C PHE F 113 6.75 38.14 8.18
N ASP F 114 7.45 39.18 8.69
CA ASP F 114 8.44 40.01 8.03
C ASP F 114 9.76 39.80 8.74
N LYS F 115 10.80 39.35 8.01
CA LYS F 115 12.13 39.08 8.56
C LYS F 115 12.85 40.40 8.92
N ASN F 116 12.40 41.51 8.32
CA ASN F 116 12.99 42.86 8.48
C ASN F 116 12.19 43.72 9.48
N ASN F 117 11.00 43.25 9.87
CA ASN F 117 10.14 43.95 10.82
C ASN F 117 9.53 42.92 11.80
N VAL F 118 10.33 42.51 12.79
CA VAL F 118 9.89 41.59 13.81
C VAL F 118 10.09 42.28 15.20
N TYR F 119 8.96 42.51 15.90
CA TYR F 119 8.95 43.10 17.22
C TYR F 119 9.26 42.04 18.29
N PHE F 120 10.14 42.41 19.22
CA PHE F 120 10.51 41.58 20.36
C PHE F 120 10.34 42.33 21.65
N ASP F 121 9.69 41.73 22.63
CA ASP F 121 9.55 42.32 23.96
C ASP F 121 10.90 42.34 24.64
N GLU F 122 11.14 43.28 25.54
CA GLU F 122 12.40 43.29 26.31
C GLU F 122 12.15 42.63 27.63
N ALA F 123 13.18 41.99 28.17
CA ALA F 123 13.10 41.28 29.43
C ALA F 123 14.12 41.78 30.38
N SER F 124 13.77 42.75 31.19
CA SER F 124 14.72 43.10 32.21
C SER F 124 14.18 42.51 33.49
N VAL F 125 14.88 41.51 34.02
CA VAL F 125 14.46 40.83 35.25
C VAL F 125 15.49 40.95 36.38
N LYS F 126 14.96 41.11 37.61
CA LYS F 126 15.73 41.19 38.84
C LYS F 126 15.78 39.80 39.51
N ILE F 127 16.99 39.37 39.87
CA ILE F 127 17.21 38.09 40.55
C ILE F 127 17.65 38.44 42.01
N TYR F 128 16.96 37.89 43.00
CA TYR F 128 17.15 38.26 44.41
C TYR F 128 16.97 37.11 45.37
N ASP F 129 17.36 37.31 46.65
CA ASP F 129 17.19 36.35 47.75
C ASP F 129 15.85 36.64 48.44
N LYS F 130 14.90 35.69 48.36
CA LYS F 130 13.56 35.76 48.97
C LYS F 130 13.61 36.14 50.46
N LYS F 131 14.64 35.66 51.17
CA LYS F 131 14.87 35.84 52.61
C LYS F 131 15.64 37.16 52.91
N ASN F 132 16.38 37.70 51.93
CA ASN F 132 17.16 38.94 52.05
C ASN F 132 17.14 39.69 50.72
N ARG F 133 16.08 40.49 50.50
CA ARG F 133 15.84 41.23 49.24
C ARG F 133 16.90 42.33 48.99
N LYS F 134 17.80 42.59 49.97
CA LYS F 134 18.91 43.53 49.82
C LYS F 134 19.98 42.88 48.90
N ASN F 135 19.96 41.56 48.84
CA ASN F 135 20.86 40.79 48.01
C ASN F 135 20.15 40.55 46.65
N ARG F 136 20.49 41.39 45.65
CA ARG F 136 19.87 41.31 44.33
C ARG F 136 20.83 41.70 43.20
N LYS F 137 20.43 41.35 41.96
CA LYS F 137 21.06 41.65 40.68
C LYS F 137 20.02 42.05 39.63
N ASP F 138 20.31 43.08 38.86
CA ASP F 138 19.50 43.52 37.72
C ASP F 138 20.05 42.89 36.46
N MSE F 139 19.19 42.35 35.61
CA MSE F 139 19.68 41.77 34.35
C MSE F 139 18.79 42.22 33.24
O MSE F 139 17.60 41.95 33.27
CB MSE F 139 19.76 40.26 34.43
CG MSE F 139 20.49 39.80 35.67
SE MSE F 139 20.80 38.01 35.73
CE MSE F 139 22.20 37.95 34.32
N ALA F 140 19.34 42.96 32.29
CA ALA F 140 18.58 43.50 31.17
C ALA F 140 18.84 42.70 29.89
N ILE F 141 17.80 42.06 29.37
CA ILE F 141 17.82 41.30 28.11
C ILE F 141 17.12 42.20 27.12
N LYS F 142 17.89 42.75 26.18
CA LYS F 142 17.41 43.74 25.22
C LYS F 142 17.97 43.48 23.82
N ASP F 143 17.54 44.32 22.85
CA ASP F 143 17.99 44.27 21.45
C ASP F 143 17.87 42.85 20.86
N ARG F 144 16.75 42.19 21.13
CA ARG F 144 16.50 40.84 20.63
C ARG F 144 16.30 40.89 19.12
N GLU F 145 16.97 40.03 18.37
CA GLU F 145 16.81 40.04 16.92
C GLU F 145 16.73 38.62 16.36
N PHE F 146 15.94 38.47 15.29
CA PHE F 146 15.80 37.20 14.60
C PHE F 146 16.97 37.05 13.63
N ILE F 147 17.64 35.88 13.64
CA ILE F 147 18.82 35.63 12.81
C ILE F 147 18.42 34.81 11.57
N LYS F 148 18.00 33.55 11.78
CA LYS F 148 17.62 32.61 10.75
C LYS F 148 16.85 31.45 11.36
N THR F 149 16.44 30.50 10.49
CA THR F 149 15.84 29.22 10.87
C THR F 149 16.80 28.14 10.45
N GLU F 150 17.18 27.24 11.37
CA GLU F 150 18.09 26.17 11.01
C GLU F 150 17.80 24.90 11.79
N SER F 151 18.26 23.76 11.25
CA SER F 151 18.12 22.46 11.85
C SER F 151 19.24 22.23 12.86
N ILE F 152 18.87 21.80 14.07
CA ILE F 152 19.81 21.53 15.16
C ILE F 152 19.66 20.10 15.64
N THR F 153 20.78 19.40 15.82
CA THR F 153 20.81 18.03 16.28
C THR F 153 21.45 17.99 17.68
N THR F 154 20.74 17.38 18.63
CA THR F 154 21.17 17.17 20.02
C THR F 154 20.93 15.68 20.38
N PRO F 155 21.32 15.20 21.60
CA PRO F 155 21.01 13.79 21.95
C PRO F 155 19.49 13.50 22.02
N ALA F 156 18.63 14.55 22.05
CA ALA F 156 17.16 14.38 22.10
C ALA F 156 16.58 14.15 20.67
N GLY F 157 17.35 14.49 19.63
CA GLY F 157 16.97 14.35 18.22
C GLY F 157 17.36 15.55 17.38
N THR F 158 16.70 15.69 16.21
CA THR F 158 16.95 16.81 15.28
C THR F 158 15.67 17.65 15.21
N PHE F 159 15.82 18.98 15.35
CA PHE F 159 14.70 19.93 15.41
C PHE F 159 14.90 21.12 14.49
N ASP F 160 13.82 21.56 13.79
CA ASP F 160 13.86 22.76 12.96
C ASP F 160 13.59 23.90 13.90
N CYS F 161 14.60 24.78 14.05
CA CYS F 161 14.63 25.85 15.03
C CYS F 161 14.55 27.22 14.44
N ALA F 162 14.37 28.18 15.33
CA ALA F 162 14.48 29.61 15.08
C ALA F 162 15.63 30.09 15.95
N LYS F 163 16.68 30.68 15.30
CA LYS F 163 17.87 31.24 15.95
C LYS F 163 17.60 32.71 16.17
N VAL F 164 17.69 33.14 17.46
CA VAL F 164 17.44 34.51 17.91
C VAL F 164 18.58 34.94 18.83
N LYS F 165 19.09 36.15 18.61
CA LYS F 165 20.15 36.78 19.40
C LYS F 165 19.52 37.78 20.39
N TYR F 166 20.19 38.02 21.53
CA TYR F 166 19.82 39.03 22.53
C TYR F 166 21.08 39.62 23.13
N ASN F 167 21.01 40.86 23.62
CA ASN F 167 22.09 41.50 24.36
C ASN F 167 21.76 41.45 25.84
N ILE F 168 22.78 41.28 26.69
CA ILE F 168 22.55 41.21 28.13
C ILE F 168 23.48 42.17 28.86
N ALA F 169 22.97 42.82 29.92
CA ALA F 169 23.70 43.73 30.81
C ALA F 169 23.33 43.40 32.26
N THR F 170 24.33 43.13 33.09
CA THR F 170 24.10 42.73 34.47
C THR F 170 24.70 43.78 35.40
N ARG F 171 23.88 44.23 36.38
CA ARG F 171 24.18 45.20 37.45
C ARG F 171 23.98 44.60 38.83
N SER F 172 24.74 45.07 39.80
CA SER F 172 24.71 44.59 41.16
C SER F 172 25.18 45.68 42.08
N PRO F 173 24.55 45.80 43.27
CA PRO F 173 25.05 46.79 44.27
C PRO F 173 26.49 46.52 44.69
N LYS F 174 26.92 45.24 44.63
CA LYS F 174 28.25 44.73 44.97
C LYS F 174 29.29 45.11 43.90
N SER F 175 28.95 44.94 42.60
CA SER F 175 29.82 45.26 41.45
C SER F 175 29.85 46.76 41.14
N LYS F 176 31.03 47.25 40.74
CA LYS F 176 31.22 48.66 40.38
C LYS F 176 30.86 48.90 38.90
N GLU F 177 31.17 47.92 38.03
CA GLU F 177 30.93 47.99 36.58
C GLU F 177 29.77 47.05 36.13
N THR F 178 29.14 47.42 35.00
CA THR F 178 28.07 46.67 34.36
C THR F 178 28.72 45.61 33.46
N ILE F 179 28.31 44.33 33.63
CA ILE F 179 28.86 43.27 32.80
C ILE F 179 27.94 43.07 31.60
N THR F 180 28.50 43.24 30.40
CA THR F 180 27.76 43.07 29.15
C THR F 180 28.21 41.84 28.39
N GLY F 181 27.29 41.33 27.61
CA GLY F 181 27.51 40.17 26.77
C GLY F 181 26.33 40.02 25.82
N TYR F 182 26.23 38.85 25.23
CA TYR F 182 25.14 38.53 24.33
C TYR F 182 24.97 37.01 24.33
N GLY F 183 23.96 36.55 23.64
CA GLY F 183 23.67 35.14 23.56
C GLY F 183 22.72 34.80 22.44
N TYR F 184 22.62 33.50 22.17
CA TYR F 184 21.73 32.96 21.15
C TYR F 184 20.82 31.91 21.77
N GLU F 185 19.68 31.70 21.13
CA GLU F 185 18.70 30.71 21.52
C GLU F 185 18.12 30.08 20.30
N TRP F 186 18.03 28.75 20.32
CA TRP F 186 17.45 27.94 19.27
C TRP F 186 16.18 27.34 19.77
N TYR F 187 15.04 27.78 19.26
CA TYR F 187 13.78 27.22 19.78
C TYR F 187 12.93 26.59 18.66
N SER F 188 12.36 25.40 18.98
CA SER F 188 11.56 24.55 18.11
C SER F 188 10.11 24.44 18.58
N PRO F 189 9.12 24.29 17.66
CA PRO F 189 7.72 24.12 18.10
C PRO F 189 7.53 22.89 18.98
N ASN F 190 6.70 23.05 20.02
CA ASN F 190 6.25 22.04 21.01
C ASN F 190 7.45 21.43 21.79
N VAL F 191 8.59 22.13 21.80
CA VAL F 191 9.84 21.72 22.45
C VAL F 191 10.42 22.89 23.26
N GLY F 192 10.51 24.07 22.66
CA GLY F 192 11.05 25.24 23.31
C GLY F 192 12.53 25.36 23.07
N LEU F 193 13.32 25.65 24.11
CA LEU F 193 14.76 25.75 23.90
C LEU F 193 15.37 24.38 23.63
N VAL F 194 16.09 24.28 22.49
CA VAL F 194 16.82 23.09 22.02
C VAL F 194 18.34 23.30 22.33
N ARG F 195 18.85 24.51 22.04
CA ARG F 195 20.22 24.91 22.26
C ARG F 195 20.32 26.37 22.59
N THR F 196 21.22 26.73 23.52
CA THR F 196 21.50 28.12 23.88
C THR F 196 23.02 28.31 23.94
N GLU F 197 23.51 29.50 23.61
CA GLU F 197 24.94 29.87 23.68
C GLU F 197 25.07 31.23 24.35
N GLN F 198 26.08 31.38 25.21
CA GLN F 198 26.28 32.66 25.93
C GLN F 198 27.72 33.12 25.71
N TYR F 199 27.87 34.39 25.26
CA TYR F 199 29.14 35.05 24.95
C TYR F 199 29.39 36.29 25.78
N ASP F 200 30.67 36.62 26.01
CA ASP F 200 31.08 37.84 26.71
C ASP F 200 31.19 38.99 25.70
N LYS F 201 31.54 40.22 26.16
CA LYS F 201 31.67 41.40 25.29
C LYS F 201 32.75 41.19 24.18
N ASN F 202 33.72 40.27 24.40
CA ASN F 202 34.81 39.98 23.46
C ASN F 202 34.51 38.78 22.55
N ASN F 203 33.22 38.39 22.43
CA ASN F 203 32.71 37.30 21.57
C ASN F 203 33.33 35.94 21.93
N VAL F 204 33.64 35.73 23.22
CA VAL F 204 34.18 34.48 23.75
C VAL F 204 33.04 33.67 24.34
N LEU F 205 32.83 32.44 23.85
CA LEU F 205 31.79 31.54 24.36
C LEU F 205 32.09 31.20 25.78
N GLN F 206 31.15 31.50 26.67
CA GLN F 206 31.32 31.29 28.11
C GLN F 206 30.67 29.98 28.55
N SER F 207 29.52 29.65 27.94
CA SER F 207 28.72 28.47 28.24
C SER F 207 27.73 28.20 27.14
N TYR F 208 27.08 27.04 27.21
CA TYR F 208 26.04 26.61 26.28
C TYR F 208 25.16 25.57 26.96
N THR F 209 23.93 25.37 26.44
CA THR F 209 23.01 24.36 26.95
C THR F 209 22.46 23.58 25.77
N VAL F 210 22.14 22.31 26.02
CA VAL F 210 21.57 21.43 25.01
C VAL F 210 20.45 20.62 25.63
N LEU F 211 19.42 20.34 24.80
CA LEU F 211 18.30 19.48 25.14
C LEU F 211 18.78 18.07 24.98
N GLU F 212 18.83 17.31 26.08
CA GLU F 212 19.37 15.94 26.02
C GLU F 212 18.26 14.87 26.01
N GLU F 213 17.14 15.11 26.69
CA GLU F 213 16.04 14.17 26.81
C GLU F 213 14.72 14.87 26.65
N LEU F 214 13.75 14.18 26.07
CA LEU F 214 12.39 14.64 25.91
C LEU F 214 11.49 13.42 25.71
N LYS F 215 10.63 13.13 26.71
CA LYS F 215 9.67 12.01 26.73
C LYS F 215 8.30 12.49 27.20
CL CL G . -4.63 -31.43 -29.84
CL CL H . 4.58 -28.21 -22.58
CL CL I . 0.43 -0.29 -6.98
CL CL J . 13.55 14.20 16.15
#